data_2MDW
#
_entry.id   2MDW
#
_entity_poly.entity_id   1
_entity_poly.type   'polypeptide(L)'
_entity_poly.pdbx_seq_one_letter_code
;KLPPGWEKRCFYFNRITGKRQFERPSD
;
_entity_poly.pdbx_strand_id   A,B
#
# COMPACT_ATOMS: atom_id res chain seq x y z
N LYS A 1 6.17 -17.05 5.13
CA LYS A 1 5.67 -16.06 4.13
C LYS A 1 4.16 -15.87 4.24
N LEU A 2 3.65 -14.87 3.50
CA LEU A 2 2.23 -14.55 3.50
C LEU A 2 1.31 -15.74 3.26
N PRO A 3 0.12 -15.65 3.83
CA PRO A 3 -0.96 -16.64 3.65
C PRO A 3 -1.50 -16.56 2.26
N PRO A 4 -2.18 -17.60 1.83
CA PRO A 4 -2.78 -17.70 0.52
C PRO A 4 -3.56 -16.49 0.12
N GLY A 5 -3.47 -16.21 -1.17
CA GLY A 5 -4.14 -15.08 -1.74
C GLY A 5 -3.62 -13.71 -1.27
N TRP A 6 -2.68 -13.67 -0.31
CA TRP A 6 -2.18 -12.40 0.18
C TRP A 6 -0.97 -11.91 -0.60
N GLU A 7 -0.90 -10.61 -0.75
CA GLU A 7 0.22 -9.97 -1.42
C GLU A 7 0.41 -8.58 -0.82
N LYS A 8 1.59 -8.32 -0.30
CA LYS A 8 1.87 -7.04 0.32
C LYS A 8 2.00 -5.95 -0.77
N ARG A 9 1.02 -5.08 -0.82
CA ARG A 9 1.00 -3.99 -1.80
C ARG A 9 1.18 -2.65 -1.10
N CYS A 10 1.61 -1.63 -1.84
CA CYS A 10 1.80 -0.30 -1.24
C CYS A 10 1.73 0.82 -2.26
N PHE A 11 0.80 1.75 -2.02
CA PHE A 11 0.64 2.90 -2.88
C PHE A 11 0.91 4.18 -2.09
N TYR A 12 1.62 5.12 -2.69
CA TYR A 12 1.89 6.39 -2.04
C TYR A 12 0.77 7.35 -2.35
N PHE A 13 0.38 8.16 -1.38
CA PHE A 13 -0.70 9.13 -1.61
C PHE A 13 -0.20 10.51 -1.33
N ASN A 14 -0.23 11.34 -2.36
CA ASN A 14 0.20 12.69 -2.20
C ASN A 14 -1.01 13.53 -1.91
N ARG A 15 -1.44 13.56 -0.67
CA ARG A 15 -2.63 14.33 -0.31
C ARG A 15 -2.58 15.77 -0.88
N ILE A 16 -1.40 16.22 -1.34
CA ILE A 16 -1.30 17.49 -1.96
C ILE A 16 -2.07 17.46 -3.26
N THR A 17 -1.72 16.45 -4.03
CA THR A 17 -2.36 16.18 -5.30
C THR A 17 -3.34 15.05 -5.10
N GLY A 18 -3.62 14.79 -3.82
CA GLY A 18 -4.47 13.71 -3.38
C GLY A 18 -4.50 12.57 -4.37
N LYS A 19 -3.36 12.32 -4.99
CA LYS A 19 -3.26 11.26 -5.98
C LYS A 19 -2.43 10.09 -5.48
N ARG A 20 -2.49 8.98 -6.19
CA ARG A 20 -1.78 7.78 -5.75
C ARG A 20 -0.80 7.19 -6.75
N GLN A 21 0.26 6.61 -6.17
CA GLN A 21 1.32 5.95 -6.90
C GLN A 21 1.60 4.59 -6.25
N PHE A 22 2.42 3.76 -6.88
CA PHE A 22 2.83 2.49 -6.28
C PHE A 22 4.32 2.59 -5.94
N GLU A 23 4.75 3.83 -5.68
CA GLU A 23 6.13 4.21 -5.42
C GLU A 23 6.25 5.32 -4.44
N ARG A 24 7.46 5.43 -3.89
CA ARG A 24 7.85 6.54 -3.06
C ARG A 24 8.46 7.52 -4.07
N PRO A 25 7.67 8.53 -4.42
CA PRO A 25 7.98 9.54 -5.43
C PRO A 25 9.38 10.11 -5.34
N SER A 26 9.90 10.35 -6.53
CA SER A 26 11.24 10.88 -6.76
C SER A 26 11.52 12.06 -5.90
N ASP A 27 10.50 12.85 -5.77
CA ASP A 27 10.54 14.03 -4.95
C ASP A 27 11.38 15.16 -5.58
N LYS B 1 13.88 10.75 0.18
CA LYS B 1 12.48 10.32 0.41
C LYS B 1 11.48 11.21 -0.33
N LEU B 2 10.24 10.75 -0.49
CA LEU B 2 9.24 11.52 -1.19
C LEU B 2 8.84 12.83 -0.48
N PRO B 3 8.25 13.70 -1.30
CA PRO B 3 7.75 15.06 -1.00
C PRO B 3 6.57 15.15 -0.06
N PRO B 4 6.28 16.39 0.36
CA PRO B 4 5.16 16.73 1.22
C PRO B 4 3.84 16.28 0.68
N GLY B 5 2.91 16.13 1.58
CA GLY B 5 1.60 15.67 1.22
C GLY B 5 1.56 14.17 0.99
N TRP B 6 2.70 13.59 0.55
CA TRP B 6 2.80 12.18 0.28
C TRP B 6 2.76 11.39 1.57
N GLU B 7 2.28 10.17 1.46
CA GLU B 7 2.25 9.27 2.59
C GLU B 7 2.14 7.83 2.12
N LYS B 8 3.25 7.13 2.22
CA LYS B 8 3.33 5.73 1.81
C LYS B 8 2.15 4.95 2.43
N ARG B 9 1.54 4.07 1.65
CA ARG B 9 0.40 3.27 2.14
C ARG B 9 0.54 1.81 1.72
N CYS B 10 1.14 0.99 2.59
CA CYS B 10 1.33 -0.43 2.30
C CYS B 10 0.26 -1.30 2.93
N PHE B 11 -0.71 -1.72 2.10
CA PHE B 11 -1.79 -2.58 2.56
C PHE B 11 -1.66 -3.98 1.97
N TYR B 12 -1.96 -5.00 2.78
CA TYR B 12 -1.91 -6.38 2.29
C TYR B 12 -3.20 -6.67 1.56
N PHE B 13 -3.12 -7.32 0.40
CA PHE B 13 -4.34 -7.65 -0.34
C PHE B 13 -4.49 -9.14 -0.36
N ASN B 14 -5.63 -9.59 0.14
CA ASN B 14 -5.89 -10.99 0.18
C ASN B 14 -6.80 -11.33 -0.97
N ARG B 15 -6.24 -11.35 -2.17
CA ARG B 15 -7.03 -11.61 -3.38
C ARG B 15 -8.03 -12.76 -3.21
N ILE B 16 -7.86 -13.64 -2.21
CA ILE B 16 -8.83 -14.65 -1.95
C ILE B 16 -10.11 -13.99 -1.52
N THR B 17 -9.91 -13.14 -0.52
CA THR B 17 -10.94 -12.35 0.06
C THR B 17 -10.98 -10.99 -0.61
N GLY B 18 -10.14 -10.88 -1.65
CA GLY B 18 -9.93 -9.65 -2.38
C GLY B 18 -10.12 -8.46 -1.47
N LYS B 19 -9.74 -8.67 -0.20
CA LYS B 19 -9.86 -7.66 0.80
C LYS B 19 -8.50 -7.11 1.18
N ARG B 20 -8.50 -5.95 1.80
CA ARG B 20 -7.25 -5.30 2.17
C ARG B 20 -7.07 -5.05 3.65
N GLN B 21 -5.81 -5.13 4.06
CA GLN B 21 -5.39 -4.90 5.42
C GLN B 21 -4.23 -3.91 5.42
N PHE B 22 -3.95 -3.34 6.58
CA PHE B 22 -2.78 -2.46 6.72
C PHE B 22 -1.75 -3.22 7.57
N GLU B 23 -1.79 -4.54 7.39
CA GLU B 23 -0.98 -5.49 8.13
C GLU B 23 -0.63 -6.70 7.34
N ARG B 24 0.44 -7.33 7.78
CA ARG B 24 0.86 -8.60 7.27
C ARG B 24 0.01 -9.59 8.05
N PRO B 25 -0.97 -10.16 7.36
CA PRO B 25 -1.96 -11.06 7.93
C PRO B 25 -1.40 -12.25 8.67
N SER B 26 -2.13 -12.58 9.72
CA SER B 26 -1.86 -13.68 10.60
C SER B 26 -2.02 -14.96 9.88
N ASP B 27 -2.93 -14.90 8.92
CA ASP B 27 -3.28 -16.00 8.06
C ASP B 27 -4.49 -16.78 8.58
N LYS A 1 4.66 -14.85 7.75
CA LYS A 1 4.41 -14.31 6.38
C LYS A 1 2.93 -14.40 6.01
N LEU A 2 2.55 -13.69 4.94
CA LEU A 2 1.19 -13.70 4.47
C LEU A 2 0.90 -15.03 3.75
N PRO A 3 -0.38 -15.27 3.54
CA PRO A 3 -1.02 -16.43 2.91
C PRO A 3 -1.45 -16.21 1.48
N PRO A 4 -1.97 -17.27 0.87
CA PRO A 4 -2.51 -17.26 -0.48
C PRO A 4 -3.52 -16.19 -0.71
N GLY A 5 -3.62 -15.78 -1.96
CA GLY A 5 -4.54 -14.74 -2.33
C GLY A 5 -4.13 -13.35 -1.82
N TRP A 6 -3.32 -13.31 -0.75
CA TRP A 6 -2.86 -12.08 -0.15
C TRP A 6 -1.67 -11.53 -0.91
N GLU A 7 -1.67 -10.22 -1.13
CA GLU A 7 -0.56 -9.56 -1.81
C GLU A 7 -0.30 -8.20 -1.18
N LYS A 8 0.88 -8.04 -0.60
CA LYS A 8 1.24 -6.76 0.03
C LYS A 8 1.24 -5.67 -1.06
N ARG A 9 0.51 -4.59 -0.82
CA ARG A 9 0.42 -3.50 -1.80
C ARG A 9 0.85 -2.17 -1.18
N CYS A 10 2.07 -1.74 -1.51
CA CYS A 10 2.59 -0.46 -0.98
C CYS A 10 2.59 0.64 -2.04
N PHE A 11 1.62 1.55 -1.91
CA PHE A 11 1.51 2.68 -2.81
C PHE A 11 1.66 4.00 -2.04
N TYR A 12 2.36 4.95 -2.64
CA TYR A 12 2.53 6.25 -2.03
C TYR A 12 1.33 7.11 -2.37
N PHE A 13 0.80 7.84 -1.39
CA PHE A 13 -0.33 8.71 -1.65
C PHE A 13 0.08 10.14 -1.47
N ASN A 14 -0.09 10.90 -2.53
CA ASN A 14 0.27 12.29 -2.50
C ASN A 14 -0.98 13.08 -2.22
N ARG A 15 -1.43 13.07 -0.97
CA ARG A 15 -2.67 13.75 -0.60
C ARG A 15 -2.78 15.15 -1.21
N ILE A 16 -1.67 15.77 -1.66
CA ILE A 16 -1.75 17.02 -2.32
C ILE A 16 -2.48 16.83 -3.61
N THR A 17 -1.98 15.85 -4.34
CA THR A 17 -2.51 15.43 -5.60
C THR A 17 -3.47 14.29 -5.39
N GLY A 18 -3.72 14.00 -4.10
CA GLY A 18 -4.52 12.88 -3.67
C GLY A 18 -4.42 11.75 -4.66
N LYS A 19 -3.23 11.63 -5.26
CA LYS A 19 -2.97 10.62 -6.24
C LYS A 19 -2.04 9.56 -5.66
N ARG A 20 -2.01 8.41 -6.33
CA ARG A 20 -1.21 7.30 -5.83
C ARG A 20 -0.14 6.80 -6.79
N GLN A 21 0.94 6.32 -6.17
CA GLN A 21 2.09 5.76 -6.86
C GLN A 21 2.48 4.45 -6.19
N PHE A 22 3.35 3.68 -6.82
CA PHE A 22 3.86 2.44 -6.19
C PHE A 22 5.35 2.67 -5.90
N GLU A 23 5.66 3.94 -5.63
CA GLU A 23 7.00 4.44 -5.40
C GLU A 23 7.03 5.60 -4.46
N ARG A 24 8.22 5.85 -3.95
CA ARG A 24 8.48 7.03 -3.16
C ARG A 24 8.97 8.06 -4.17
N PRO A 25 8.06 8.94 -4.57
CA PRO A 25 8.23 9.97 -5.59
C PRO A 25 9.60 10.63 -5.60
N SER A 26 10.01 10.90 -6.82
CA SER A 26 11.29 11.52 -7.14
C SER A 26 11.50 12.78 -6.40
N ASP A 27 10.41 13.47 -6.25
CA ASP A 27 10.39 14.72 -5.54
C ASP A 27 10.98 15.88 -6.36
N LYS B 1 12.53 11.83 3.18
CA LYS B 1 11.58 11.04 2.35
C LYS B 1 10.84 11.92 1.34
N LEU B 2 10.08 11.30 0.44
CA LEU B 2 9.34 12.00 -0.60
C LEU B 2 8.65 13.31 -0.14
N PRO B 3 8.28 14.09 -1.16
CA PRO B 3 7.62 15.42 -1.11
C PRO B 3 6.38 15.51 -0.24
N PRO B 4 5.98 16.77 0.02
CA PRO B 4 4.79 17.11 0.79
C PRO B 4 3.55 16.47 0.28
N GLY B 5 2.62 16.31 1.18
CA GLY B 5 1.38 15.68 0.85
C GLY B 5 1.49 14.18 0.70
N TRP B 6 2.70 13.69 0.38
CA TRP B 6 2.93 12.28 0.21
C TRP B 6 2.96 11.54 1.53
N GLU B 7 2.60 10.28 1.46
CA GLU B 7 2.64 9.41 2.62
C GLU B 7 2.51 7.99 2.19
N LYS B 8 3.64 7.30 2.19
CA LYS B 8 3.70 5.90 1.79
C LYS B 8 2.57 5.13 2.47
N ARG B 9 1.90 4.24 1.72
CA ARG B 9 0.79 3.45 2.28
C ARG B 9 0.80 2.03 1.73
N CYS B 10 0.90 1.02 2.61
CA CYS B 10 0.93 -0.37 2.17
C CYS B 10 -0.09 -1.24 2.88
N PHE B 11 -1.11 -1.68 2.12
CA PHE B 11 -2.14 -2.57 2.64
C PHE B 11 -2.12 -3.90 1.88
N TYR B 12 -2.20 -5.00 2.62
CA TYR B 12 -2.25 -6.32 2.01
C TYR B 12 -3.64 -6.52 1.45
N PHE B 13 -3.74 -7.25 0.37
CA PHE B 13 -5.05 -7.53 -0.21
C PHE B 13 -5.16 -9.00 -0.49
N ASN B 14 -6.06 -9.65 0.22
CA ASN B 14 -6.27 -11.06 0.01
C ASN B 14 -7.39 -11.21 -0.97
N ARG B 15 -7.07 -11.17 -2.25
CA ARG B 15 -8.09 -11.27 -3.28
C ARG B 15 -8.99 -12.50 -3.06
N ILE B 16 -8.63 -13.42 -2.13
CA ILE B 16 -9.47 -14.52 -1.83
C ILE B 16 -10.72 -14.01 -1.19
N THR B 17 -10.48 -13.21 -0.17
CA THR B 17 -11.51 -12.57 0.61
C THR B 17 -11.51 -11.10 0.31
N GLY B 18 -10.86 -10.78 -0.82
CA GLY B 18 -10.65 -9.41 -1.26
C GLY B 18 -10.53 -8.47 -0.10
N LYS B 19 -9.97 -8.97 1.01
CA LYS B 19 -9.82 -8.19 2.21
C LYS B 19 -8.58 -7.34 2.20
N ARG B 20 -8.56 -6.34 3.06
CA ARG B 20 -7.42 -5.46 3.16
C ARG B 20 -6.97 -5.20 4.58
N GLN B 21 -5.66 -5.16 4.74
CA GLN B 21 -5.03 -4.91 6.02
C GLN B 21 -3.65 -4.36 5.79
N PHE B 22 -3.18 -3.47 6.65
CA PHE B 22 -1.82 -2.95 6.50
C PHE B 22 -0.81 -3.96 7.07
N GLU B 23 -1.06 -5.24 6.80
CA GLU B 23 -0.26 -6.32 7.32
C GLU B 23 -0.13 -7.50 6.41
N ARG B 24 0.88 -8.31 6.74
CA ARG B 24 1.13 -9.60 6.14
C ARG B 24 0.47 -10.61 7.08
N PRO B 25 -0.76 -10.99 6.72
CA PRO B 25 -1.64 -11.87 7.51
C PRO B 25 -0.99 -13.11 8.04
N SER B 26 -1.48 -13.47 9.22
CA SER B 26 -1.04 -14.62 9.97
C SER B 26 -1.10 -15.86 9.16
N ASP B 27 -2.06 -15.85 8.29
CA ASP B 27 -2.28 -16.94 7.37
C ASP B 27 -2.99 -18.13 8.03
N LYS A 1 3.66 -16.00 8.85
CA LYS A 1 3.44 -15.26 7.57
C LYS A 1 2.01 -15.41 7.07
N LEU A 2 1.60 -14.51 6.18
CA LEU A 2 0.26 -14.53 5.64
C LEU A 2 0.04 -15.61 4.54
N PRO A 3 -1.23 -15.85 4.30
CA PRO A 3 -1.84 -16.84 3.37
C PRO A 3 -1.87 -16.48 1.90
N PRO A 4 -2.32 -17.46 1.11
CA PRO A 4 -2.52 -17.35 -0.33
C PRO A 4 -3.47 -16.25 -0.67
N GLY A 5 -3.35 -15.78 -1.88
CA GLY A 5 -4.16 -14.68 -2.32
C GLY A 5 -3.70 -13.36 -1.75
N TRP A 6 -3.12 -13.40 -0.54
CA TRP A 6 -2.62 -12.22 0.14
C TRP A 6 -1.29 -11.83 -0.46
N GLU A 7 -1.20 -10.62 -0.99
CA GLU A 7 0.05 -10.15 -1.51
C GLU A 7 0.29 -8.74 -1.05
N LYS A 8 1.25 -8.60 -0.16
CA LYS A 8 1.59 -7.29 0.38
C LYS A 8 1.70 -6.27 -0.77
N ARG A 9 1.02 -5.13 -0.65
CA ARG A 9 1.05 -4.12 -1.71
C ARG A 9 1.37 -2.74 -1.13
N CYS A 10 2.13 -1.93 -1.86
CA CYS A 10 2.49 -0.60 -1.37
C CYS A 10 2.33 0.48 -2.43
N PHE A 11 1.58 1.53 -2.06
CA PHE A 11 1.38 2.68 -2.93
C PHE A 11 1.59 3.97 -2.14
N TYR A 12 2.31 4.91 -2.73
CA TYR A 12 2.55 6.20 -2.09
C TYR A 12 1.30 7.03 -2.24
N PHE A 13 0.97 7.82 -1.22
CA PHE A 13 -0.22 8.68 -1.31
C PHE A 13 0.13 10.08 -0.90
N ASN A 14 0.02 11.00 -1.85
CA ASN A 14 0.30 12.38 -1.58
C ASN A 14 -1.00 13.06 -1.30
N ARG A 15 -1.45 13.00 -0.05
CA ARG A 15 -2.72 13.60 0.32
C ARG A 15 -2.88 15.05 -0.17
N ILE A 16 -1.80 15.71 -0.65
CA ILE A 16 -1.91 17.01 -1.19
C ILE A 16 -2.70 16.92 -2.47
N THR A 17 -2.20 16.05 -3.33
CA THR A 17 -2.81 15.77 -4.59
C THR A 17 -3.55 14.46 -4.48
N GLY A 18 -3.74 14.06 -3.21
CA GLY A 18 -4.34 12.79 -2.86
C GLY A 18 -4.08 11.74 -3.90
N LYS A 19 -2.92 11.84 -4.53
CA LYS A 19 -2.55 10.92 -5.57
C LYS A 19 -1.93 9.65 -5.05
N ARG A 20 -1.97 8.63 -5.88
CA ARG A 20 -1.40 7.36 -5.52
C ARG A 20 -0.52 6.80 -6.60
N GLN A 21 0.59 6.25 -6.16
CA GLN A 21 1.55 5.65 -7.05
C GLN A 21 2.34 4.61 -6.31
N PHE A 22 2.70 3.52 -6.96
CA PHE A 22 3.53 2.50 -6.29
C PHE A 22 5.00 2.96 -6.32
N GLU A 23 5.19 4.25 -6.08
CA GLU A 23 6.49 4.90 -6.14
C GLU A 23 6.66 6.01 -5.18
N ARG A 24 7.93 6.28 -4.91
CA ARG A 24 8.34 7.41 -4.15
C ARG A 24 8.68 8.45 -5.22
N PRO A 25 7.74 9.39 -5.41
CA PRO A 25 7.77 10.42 -6.43
C PRO A 25 9.06 11.19 -6.56
N SER A 26 9.36 11.49 -7.81
CA SER A 26 10.54 12.20 -8.24
C SER A 26 10.75 13.44 -7.45
N ASP A 27 9.64 14.05 -7.16
CA ASP A 27 9.61 15.26 -6.38
C ASP A 27 10.02 16.49 -7.19
N LYS B 1 12.48 12.29 2.56
CA LYS B 1 11.72 11.44 1.59
C LYS B 1 10.88 12.31 0.65
N LEU B 2 10.17 11.63 -0.25
CA LEU B 2 9.31 12.25 -1.25
C LEU B 2 8.54 13.50 -0.75
N PRO B 3 8.04 14.25 -1.74
CA PRO B 3 7.28 15.51 -1.61
C PRO B 3 6.18 15.52 -0.58
N PRO B 4 5.74 16.73 -0.24
CA PRO B 4 4.67 16.98 0.71
C PRO B 4 3.42 16.24 0.43
N GLY B 5 2.71 15.97 1.50
CA GLY B 5 1.49 15.25 1.41
C GLY B 5 1.70 13.76 1.13
N TRP B 6 2.86 13.38 0.56
CA TRP B 6 3.14 12.00 0.26
C TRP B 6 3.45 11.20 1.51
N GLU B 7 3.12 9.94 1.45
CA GLU B 7 3.41 9.02 2.54
C GLU B 7 3.27 7.61 2.05
N LYS B 8 4.41 6.97 1.86
CA LYS B 8 4.45 5.60 1.37
C LYS B 8 3.47 4.72 2.18
N ARG B 9 2.62 3.97 1.50
CA ARG B 9 1.66 3.09 2.19
C ARG B 9 1.84 1.64 1.75
N CYS B 10 1.51 0.69 2.63
CA CYS B 10 1.64 -0.74 2.29
C CYS B 10 0.48 -1.56 2.86
N PHE B 11 -0.54 -1.80 2.04
CA PHE B 11 -1.67 -2.61 2.45
C PHE B 11 -1.61 -3.99 1.79
N TYR B 12 -1.82 -5.03 2.58
CA TYR B 12 -1.85 -6.39 2.06
C TYR B 12 -3.16 -6.58 1.35
N PHE B 13 -3.17 -7.34 0.27
CA PHE B 13 -4.41 -7.58 -0.44
C PHE B 13 -4.63 -9.05 -0.57
N ASN B 14 -5.71 -9.51 0.05
CA ASN B 14 -6.04 -10.90 0.01
C ASN B 14 -6.93 -11.13 -1.20
N ARG B 15 -6.33 -11.05 -2.39
CA ARG B 15 -7.07 -11.19 -3.63
C ARG B 15 -8.10 -12.33 -3.59
N ILE B 16 -7.95 -13.31 -2.68
CA ILE B 16 -8.91 -14.34 -2.55
C ILE B 16 -10.21 -13.73 -2.12
N THR B 17 -10.07 -12.93 -1.08
CA THR B 17 -11.16 -12.23 -0.48
C THR B 17 -11.07 -10.76 -0.82
N GLY B 18 -10.27 -10.49 -1.86
CA GLY B 18 -9.95 -9.13 -2.29
C GLY B 18 -9.85 -8.19 -1.10
N LYS B 19 -9.49 -8.77 0.04
CA LYS B 19 -9.34 -8.06 1.28
C LYS B 19 -8.14 -7.15 1.31
N ARG B 20 -8.18 -6.19 2.22
CA ARG B 20 -7.07 -5.28 2.40
C ARG B 20 -6.84 -4.92 3.85
N GLN B 21 -5.58 -4.90 4.20
CA GLN B 21 -5.14 -4.57 5.53
C GLN B 21 -3.70 -4.12 5.48
N PHE B 22 -3.29 -3.21 6.34
CA PHE B 22 -1.90 -2.77 6.35
C PHE B 22 -1.05 -3.81 7.11
N GLU B 23 -1.37 -5.08 6.91
CA GLU B 23 -0.75 -6.19 7.60
C GLU B 23 -0.64 -7.43 6.79
N ARG B 24 0.33 -8.25 7.22
CA ARG B 24 0.51 -9.58 6.71
C ARG B 24 -0.26 -10.45 7.72
N PRO B 25 -1.47 -10.84 7.30
CA PRO B 25 -2.45 -11.58 8.11
C PRO B 25 -1.93 -12.83 8.77
N SER B 26 -2.50 -13.06 9.94
CA SER B 26 -2.19 -14.20 10.80
C SER B 26 -2.11 -15.46 10.02
N ASP B 27 -3.01 -15.54 9.08
CA ASP B 27 -3.09 -16.66 8.19
C ASP B 27 -3.64 -17.92 8.85
N LYS A 1 5.63 -16.45 3.73
CA LYS A 1 4.84 -15.21 4.00
C LYS A 1 3.36 -15.53 4.22
N LEU A 2 2.58 -14.48 4.51
CA LEU A 2 1.16 -14.59 4.77
C LEU A 2 0.41 -15.58 3.85
N PRO A 3 -0.80 -15.91 4.32
CA PRO A 3 -1.79 -16.83 3.71
C PRO A 3 -2.07 -16.63 2.25
N PRO A 4 -2.69 -17.65 1.65
CA PRO A 4 -3.09 -17.67 0.25
C PRO A 4 -3.90 -16.48 -0.15
N GLY A 5 -3.81 -16.18 -1.42
CA GLY A 5 -4.50 -15.06 -1.97
C GLY A 5 -3.94 -13.71 -1.52
N TRP A 6 -3.09 -13.69 -0.47
CA TRP A 6 -2.53 -12.46 0.03
C TRP A 6 -1.34 -12.02 -0.77
N GLU A 7 -1.24 -10.71 -0.95
CA GLU A 7 -0.12 -10.12 -1.62
C GLU A 7 0.10 -8.71 -1.14
N LYS A 8 1.13 -8.54 -0.33
CA LYS A 8 1.46 -7.22 0.22
C LYS A 8 1.47 -6.20 -0.94
N ARG A 9 0.93 -5.01 -0.70
CA ARG A 9 0.90 -3.95 -1.72
C ARG A 9 1.20 -2.59 -1.10
N CYS A 10 1.64 -1.62 -1.91
CA CYS A 10 1.95 -0.29 -1.38
C CYS A 10 1.93 0.81 -2.44
N PHE A 11 0.99 1.74 -2.26
CA PHE A 11 0.86 2.89 -3.15
C PHE A 11 1.12 4.16 -2.37
N TYR A 12 1.89 5.07 -2.95
CA TYR A 12 2.17 6.35 -2.32
C TYR A 12 0.99 7.27 -2.58
N PHE A 13 0.62 8.08 -1.60
CA PHE A 13 -0.49 9.01 -1.79
C PHE A 13 -0.05 10.41 -1.42
N ASN A 14 -0.03 11.28 -2.39
CA ASN A 14 0.35 12.65 -2.16
C ASN A 14 -0.91 13.45 -1.98
N ARG A 15 -1.47 13.42 -0.78
CA ARG A 15 -2.72 14.11 -0.50
C ARG A 15 -2.74 15.57 -1.01
N ILE A 16 -1.57 16.15 -1.39
CA ILE A 16 -1.56 17.45 -1.95
C ILE A 16 -2.23 17.40 -3.29
N THR A 17 -1.73 16.48 -4.08
CA THR A 17 -2.24 16.21 -5.39
C THR A 17 -3.09 14.97 -5.32
N GLY A 18 -3.43 14.62 -4.06
CA GLY A 18 -4.17 13.42 -3.73
C GLY A 18 -3.91 12.31 -4.72
N LYS A 19 -2.70 12.30 -5.26
CA LYS A 19 -2.33 11.33 -6.25
C LYS A 19 -1.87 10.03 -5.65
N ARG A 20 -1.92 9.00 -6.46
CA ARG A 20 -1.48 7.69 -6.04
C ARG A 20 -0.58 7.04 -7.06
N GLN A 21 0.44 6.40 -6.55
CA GLN A 21 1.39 5.70 -7.36
C GLN A 21 2.00 4.58 -6.56
N PHE A 22 2.32 3.47 -7.20
CA PHE A 22 2.97 2.37 -6.50
C PHE A 22 4.46 2.65 -6.42
N GLU A 23 4.79 3.92 -6.17
CA GLU A 23 6.15 4.40 -6.13
C GLU A 23 6.38 5.44 -5.10
N ARG A 24 7.63 5.47 -4.67
CA ARG A 24 8.12 6.50 -3.82
C ARG A 24 8.56 7.58 -4.77
N PRO A 25 7.76 8.65 -4.83
CA PRO A 25 7.95 9.76 -5.75
C PRO A 25 9.33 10.36 -5.74
N SER A 26 9.71 10.80 -6.94
CA SER A 26 10.98 11.42 -7.22
C SER A 26 11.34 12.43 -6.20
N ASP A 27 10.32 13.11 -5.77
CA ASP A 27 10.44 14.09 -4.74
C ASP A 27 11.14 15.37 -5.22
N LYS B 1 13.38 12.48 2.75
CA LYS B 1 12.03 11.90 2.99
C LYS B 1 11.05 12.29 1.88
N LEU B 2 9.86 11.68 1.91
CA LEU B 2 8.84 11.94 0.91
C LEU B 2 8.48 13.40 0.75
N PRO B 3 8.05 13.75 -0.46
CA PRO B 3 7.58 15.08 -0.82
C PRO B 3 6.28 15.38 -0.12
N PRO B 4 5.95 16.65 -0.01
CA PRO B 4 4.74 17.09 0.64
C PRO B 4 3.50 16.38 0.18
N GLY B 5 2.66 16.14 1.16
CA GLY B 5 1.43 15.45 0.92
C GLY B 5 1.59 13.95 0.68
N TRP B 6 2.81 13.49 0.30
CA TRP B 6 3.04 12.08 0.03
C TRP B 6 3.14 11.27 1.31
N GLU B 7 2.63 10.06 1.26
CA GLU B 7 2.71 9.13 2.37
C GLU B 7 2.68 7.71 1.81
N LYS B 8 3.68 6.92 2.19
CA LYS B 8 3.76 5.55 1.72
C LYS B 8 2.74 4.70 2.47
N ARG B 9 1.79 4.13 1.72
CA ARG B 9 0.75 3.29 2.31
C ARG B 9 0.80 1.88 1.77
N CYS B 10 1.26 0.94 2.60
CA CYS B 10 1.35 -0.46 2.18
C CYS B 10 0.28 -1.31 2.84
N PHE B 11 -0.64 -1.83 2.01
CA PHE B 11 -1.72 -2.67 2.49
C PHE B 11 -1.64 -4.07 1.86
N TYR B 12 -1.93 -5.09 2.65
CA TYR B 12 -1.94 -6.45 2.15
C TYR B 12 -3.28 -6.72 1.49
N PHE B 13 -3.29 -7.38 0.34
CA PHE B 13 -4.54 -7.69 -0.32
C PHE B 13 -4.75 -9.18 -0.34
N ASN B 14 -5.85 -9.60 0.26
CA ASN B 14 -6.16 -11.00 0.31
C ASN B 14 -7.09 -11.30 -0.83
N ARG B 15 -6.55 -11.33 -2.04
CA ARG B 15 -7.37 -11.57 -3.24
C ARG B 15 -8.41 -12.69 -3.05
N ILE B 16 -8.22 -13.58 -2.06
CA ILE B 16 -9.20 -14.57 -1.79
C ILE B 16 -10.45 -13.89 -1.29
N THR B 17 -10.21 -13.05 -0.31
CA THR B 17 -11.22 -12.25 0.31
C THR B 17 -11.23 -10.88 -0.32
N GLY B 18 -10.44 -10.76 -1.41
CA GLY B 18 -10.25 -9.52 -2.11
C GLY B 18 -10.36 -8.35 -1.18
N LYS B 19 -9.94 -8.58 0.07
CA LYS B 19 -10.00 -7.58 1.10
C LYS B 19 -8.60 -7.07 1.42
N ARG B 20 -8.54 -5.94 2.09
CA ARG B 20 -7.26 -5.31 2.39
C ARG B 20 -6.97 -5.09 3.87
N GLN B 21 -5.68 -5.19 4.17
CA GLN B 21 -5.15 -5.00 5.51
C GLN B 21 -3.95 -4.06 5.44
N PHE B 22 -3.51 -3.54 6.58
CA PHE B 22 -2.30 -2.73 6.63
C PHE B 22 -1.22 -3.55 7.36
N GLU B 23 -1.34 -4.86 7.18
CA GLU B 23 -0.52 -5.87 7.82
C GLU B 23 -0.33 -7.09 6.99
N ARG B 24 0.66 -7.87 7.40
CA ARG B 24 0.88 -9.18 6.84
C ARG B 24 0.14 -10.12 7.79
N PRO B 25 -1.05 -10.52 7.35
CA PRO B 25 -2.00 -11.35 8.09
C PRO B 25 -1.40 -12.46 8.91
N SER B 26 -2.13 -12.76 9.98
CA SER B 26 -1.78 -13.77 10.97
C SER B 26 -1.02 -14.91 10.39
N ASP B 27 -1.50 -15.33 9.26
CA ASP B 27 -0.89 -16.40 8.51
C ASP B 27 -1.06 -17.77 9.18
N LYS A 1 5.15 -16.43 5.07
CA LYS A 1 4.36 -15.16 5.13
C LYS A 1 2.86 -15.42 5.19
N LEU A 2 2.08 -14.35 5.32
CA LEU A 2 0.63 -14.41 5.41
C LEU A 2 -0.02 -15.44 4.45
N PRO A 3 -1.29 -15.73 4.78
CA PRO A 3 -2.21 -16.67 4.11
C PRO A 3 -2.31 -16.54 2.60
N PRO A 4 -2.88 -17.58 1.99
CA PRO A 4 -3.11 -17.69 0.56
C PRO A 4 -3.85 -16.51 0.00
N GLY A 5 -3.61 -16.28 -1.26
CA GLY A 5 -4.23 -15.18 -1.94
C GLY A 5 -3.68 -13.83 -1.52
N TRP A 6 -2.97 -13.76 -0.38
CA TRP A 6 -2.43 -12.51 0.11
C TRP A 6 -1.16 -12.13 -0.62
N GLU A 7 -0.93 -10.84 -0.69
CA GLU A 7 0.27 -10.32 -1.27
C GLU A 7 0.48 -8.88 -0.86
N LYS A 8 1.40 -8.69 0.06
CA LYS A 8 1.72 -7.36 0.56
C LYS A 8 1.90 -6.37 -0.60
N ARG A 9 1.51 -5.12 -0.40
CA ARG A 9 1.64 -4.10 -1.46
C ARG A 9 1.91 -2.72 -0.85
N CYS A 10 2.64 -1.86 -1.56
CA CYS A 10 2.94 -0.52 -1.05
C CYS A 10 2.71 0.57 -2.10
N PHE A 11 1.85 1.53 -1.74
CA PHE A 11 1.56 2.65 -2.61
C PHE A 11 1.79 3.97 -1.87
N TYR A 12 2.38 4.94 -2.55
CA TYR A 12 2.62 6.24 -1.95
C TYR A 12 1.36 7.07 -2.08
N PHE A 13 1.02 7.83 -1.04
CA PHE A 13 -0.17 8.68 -1.09
C PHE A 13 0.20 10.11 -0.87
N ASN A 14 -0.09 10.94 -1.85
CA ASN A 14 0.19 12.33 -1.73
C ASN A 14 -1.05 13.03 -1.29
N ARG A 15 -1.33 13.01 0.01
CA ARG A 15 -2.54 13.63 0.53
C ARG A 15 -2.74 15.06 -0.03
N ILE A 16 -1.70 15.67 -0.63
CA ILE A 16 -1.84 16.94 -1.25
C ILE A 16 -2.77 16.79 -2.43
N THR A 17 -2.38 15.84 -3.26
CA THR A 17 -3.14 15.48 -4.43
C THR A 17 -3.95 14.25 -4.12
N GLY A 18 -4.02 13.96 -2.81
CA GLY A 18 -4.67 12.79 -2.27
C GLY A 18 -4.71 11.66 -3.26
N LYS A 19 -3.64 11.53 -4.03
CA LYS A 19 -3.57 10.50 -5.04
C LYS A 19 -2.56 9.43 -4.66
N ARG A 20 -2.57 8.32 -5.38
CA ARG A 20 -1.69 7.21 -5.05
C ARG A 20 -0.79 6.75 -6.18
N GLN A 21 0.40 6.30 -5.76
CA GLN A 21 1.43 5.79 -6.64
C GLN A 21 1.95 4.48 -6.08
N PHE A 22 2.72 3.74 -6.87
CA PHE A 22 3.35 2.51 -6.39
C PHE A 22 4.87 2.76 -6.32
N GLU A 23 5.19 4.04 -6.08
CA GLU A 23 6.55 4.56 -6.04
C GLU A 23 6.70 5.68 -5.07
N ARG A 24 7.96 5.96 -4.77
CA ARG A 24 8.30 7.11 -3.99
C ARG A 24 8.63 8.19 -5.02
N PRO A 25 7.62 9.04 -5.26
CA PRO A 25 7.63 10.10 -6.26
C PRO A 25 8.96 10.79 -6.47
N SER A 26 9.16 11.13 -7.73
CA SER A 26 10.35 11.79 -8.23
C SER A 26 10.62 13.06 -7.52
N ASP A 27 9.54 13.70 -7.18
CA ASP A 27 9.58 14.95 -6.46
C ASP A 27 9.94 16.14 -7.36
N LYS B 1 13.20 11.90 1.78
CA LYS B 1 12.13 11.12 1.08
C LYS B 1 11.24 12.02 0.22
N LEU B 2 10.37 11.39 -0.58
CA LEU B 2 9.46 12.10 -1.46
C LEU B 2 8.81 13.38 -0.86
N PRO B 3 8.27 14.18 -1.79
CA PRO B 3 7.58 15.48 -1.59
C PRO B 3 6.50 15.52 -0.53
N PRO B 4 6.11 16.75 -0.18
CA PRO B 4 5.06 17.03 0.78
C PRO B 4 3.77 16.36 0.48
N GLY B 5 3.01 16.16 1.52
CA GLY B 5 1.75 15.50 1.38
C GLY B 5 1.88 14.00 1.14
N TRP B 6 3.03 13.56 0.61
CA TRP B 6 3.26 12.16 0.35
C TRP B 6 3.52 11.38 1.61
N GLU B 7 3.17 10.12 1.56
CA GLU B 7 3.43 9.22 2.66
C GLU B 7 3.30 7.79 2.19
N LYS B 8 4.45 7.16 2.05
CA LYS B 8 4.50 5.77 1.60
C LYS B 8 3.52 4.92 2.43
N ARG B 9 2.69 4.10 1.76
CA ARG B 9 1.73 3.25 2.47
C ARG B 9 1.88 1.80 2.00
N CYS B 10 1.46 0.85 2.84
CA CYS B 10 1.54 -0.57 2.48
C CYS B 10 0.31 -1.34 2.92
N PHE B 11 -0.45 -1.85 1.95
CA PHE B 11 -1.64 -2.64 2.23
C PHE B 11 -1.49 -4.05 1.67
N TYR B 12 -1.93 -5.03 2.44
CA TYR B 12 -1.90 -6.41 1.99
C TYR B 12 -3.16 -6.68 1.19
N PHE B 13 -3.04 -7.40 0.09
CA PHE B 13 -4.21 -7.72 -0.72
C PHE B 13 -4.45 -9.21 -0.69
N ASN B 14 -5.63 -9.58 -0.23
CA ASN B 14 -5.99 -10.95 -0.15
C ASN B 14 -6.79 -11.31 -1.37
N ARG B 15 -6.12 -11.45 -2.51
CA ARG B 15 -6.81 -11.74 -3.77
C ARG B 15 -7.89 -12.82 -3.62
N ILE B 16 -7.84 -13.64 -2.56
CA ILE B 16 -8.86 -14.60 -2.33
C ILE B 16 -10.15 -13.86 -2.05
N THR B 17 -10.00 -12.96 -1.10
CA THR B 17 -11.05 -12.09 -0.66
C THR B 17 -10.96 -10.77 -1.37
N GLY B 18 -10.04 -10.76 -2.36
CA GLY B 18 -9.73 -9.56 -3.12
C GLY B 18 -9.92 -8.32 -2.27
N LYS B 19 -9.65 -8.48 -0.98
CA LYS B 19 -9.80 -7.42 -0.02
C LYS B 19 -8.45 -6.93 0.44
N ARG B 20 -8.44 -5.75 1.05
CA ARG B 20 -7.19 -5.15 1.48
C ARG B 20 -7.10 -4.85 2.97
N GLN B 21 -5.86 -4.95 3.45
CA GLN B 21 -5.52 -4.69 4.83
C GLN B 21 -4.28 -3.79 4.86
N PHE B 22 -3.96 -3.23 6.02
CA PHE B 22 -2.73 -2.46 6.17
C PHE B 22 -1.80 -3.26 7.10
N GLU B 23 -1.94 -4.57 6.97
CA GLU B 23 -1.25 -5.57 7.78
C GLU B 23 -0.99 -6.83 7.04
N ARG B 24 -0.07 -7.60 7.62
CA ARG B 24 0.19 -8.93 7.15
C ARG B 24 -0.66 -9.83 8.04
N PRO B 25 -1.80 -10.23 7.47
CA PRO B 25 -2.86 -11.01 8.12
C PRO B 25 -2.37 -12.09 9.07
N SER B 26 -3.24 -12.34 10.04
CA SER B 26 -3.03 -13.31 11.11
C SER B 26 -2.20 -14.47 10.69
N ASP B 27 -2.54 -14.95 9.52
CA ASP B 27 -1.85 -16.05 8.91
C ASP B 27 -2.10 -17.40 9.62
N LYS A 1 5.58 -15.98 4.93
CA LYS A 1 4.71 -14.77 4.91
C LYS A 1 3.22 -15.16 4.93
N LEU A 2 2.36 -14.16 5.08
CA LEU A 2 0.92 -14.35 5.13
C LEU A 2 0.35 -15.40 4.13
N PRO A 3 -0.90 -15.78 4.43
CA PRO A 3 -1.74 -16.76 3.71
C PRO A 3 -1.90 -16.54 2.22
N PRO A 4 -2.43 -17.58 1.56
CA PRO A 4 -2.72 -17.59 0.14
C PRO A 4 -3.59 -16.46 -0.29
N GLY A 5 -3.46 -16.13 -1.55
CA GLY A 5 -4.20 -15.05 -2.10
C GLY A 5 -3.69 -13.68 -1.67
N TRP A 6 -3.01 -13.62 -0.52
CA TRP A 6 -2.49 -12.38 0.00
C TRP A 6 -1.29 -11.92 -0.78
N GLU A 7 -1.11 -10.62 -0.81
CA GLU A 7 0.06 -10.03 -1.45
C GLU A 7 0.26 -8.62 -0.96
N LYS A 8 1.25 -8.48 -0.10
CA LYS A 8 1.58 -7.18 0.48
C LYS A 8 1.70 -6.14 -0.66
N ARG A 9 0.97 -5.04 -0.55
CA ARG A 9 1.01 -3.99 -1.58
C ARG A 9 1.33 -2.63 -0.96
N CYS A 10 2.13 -1.82 -1.67
CA CYS A 10 2.48 -0.50 -1.16
C CYS A 10 2.36 0.60 -2.21
N PHE A 11 1.52 1.59 -1.92
CA PHE A 11 1.34 2.73 -2.81
C PHE A 11 1.56 4.03 -2.03
N TYR A 12 2.31 4.94 -2.63
CA TYR A 12 2.55 6.24 -2.02
C TYR A 12 1.31 7.09 -2.21
N PHE A 13 0.92 7.86 -1.20
CA PHE A 13 -0.25 8.72 -1.34
C PHE A 13 0.15 10.15 -1.13
N ASN A 14 -0.07 10.95 -2.15
CA ASN A 14 0.27 12.34 -2.09
C ASN A 14 -0.96 13.11 -1.64
N ARG A 15 -1.32 12.93 -0.38
CA ARG A 15 -2.53 13.55 0.19
C ARG A 15 -2.75 14.99 -0.28
N ILE A 16 -1.70 15.70 -0.74
CA ILE A 16 -1.88 17.01 -1.24
C ILE A 16 -2.72 16.93 -2.47
N THR A 17 -2.28 16.05 -3.34
CA THR A 17 -2.92 15.78 -4.59
C THR A 17 -3.69 14.48 -4.49
N GLY A 18 -3.89 14.06 -3.23
CA GLY A 18 -4.52 12.79 -2.90
C GLY A 18 -4.17 11.71 -3.91
N LYS A 19 -2.99 11.90 -4.51
CA LYS A 19 -2.48 11.01 -5.52
C LYS A 19 -1.96 9.70 -4.96
N ARG A 20 -1.88 8.73 -5.84
CA ARG A 20 -1.35 7.43 -5.47
C ARG A 20 -0.38 6.90 -6.49
N GLN A 21 0.69 6.34 -5.98
CA GLN A 21 1.75 5.77 -6.78
C GLN A 21 2.22 4.46 -6.16
N PHE A 22 2.98 3.69 -6.90
CA PHE A 22 3.56 2.46 -6.36
C PHE A 22 5.08 2.72 -6.22
N GLU A 23 5.37 4.00 -6.01
CA GLU A 23 6.72 4.55 -5.93
C GLU A 23 6.81 5.69 -4.97
N ARG A 24 8.05 6.00 -4.61
CA ARG A 24 8.35 7.17 -3.84
C ARG A 24 8.70 8.25 -4.86
N PRO A 25 7.71 9.07 -5.16
CA PRO A 25 7.74 10.13 -6.17
C PRO A 25 9.07 10.84 -6.32
N SER A 26 9.33 11.17 -7.56
CA SER A 26 10.53 11.85 -7.99
C SER A 26 10.76 13.12 -7.27
N ASP A 27 9.66 13.74 -6.96
CA ASP A 27 9.67 14.98 -6.23
C ASP A 27 10.04 16.18 -7.10
N LYS B 1 13.10 11.80 1.98
CA LYS B 1 12.03 11.04 1.27
C LYS B 1 11.17 11.96 0.41
N LEU B 2 10.31 11.35 -0.42
CA LEU B 2 9.42 12.08 -1.32
C LEU B 2 8.78 13.36 -0.71
N PRO B 3 8.23 14.15 -1.64
CA PRO B 3 7.55 15.46 -1.43
C PRO B 3 6.46 15.47 -0.39
N PRO B 4 6.06 16.69 0.00
CA PRO B 4 5.00 16.95 0.95
C PRO B 4 3.71 16.31 0.57
N GLY B 5 2.91 16.06 1.58
CA GLY B 5 1.65 15.42 1.37
C GLY B 5 1.77 13.92 1.06
N TRP B 6 2.95 13.50 0.58
CA TRP B 6 3.18 12.11 0.23
C TRP B 6 3.44 11.29 1.47
N GLU B 7 2.87 10.10 1.49
CA GLU B 7 3.11 9.19 2.59
C GLU B 7 3.03 7.77 2.11
N LYS B 8 4.19 7.15 2.01
CA LYS B 8 4.28 5.76 1.56
C LYS B 8 3.26 4.92 2.34
N ARG B 9 2.44 4.13 1.64
CA ARG B 9 1.43 3.30 2.30
C ARG B 9 1.53 1.84 1.86
N CYS B 10 1.21 0.90 2.76
CA CYS B 10 1.26 -0.53 2.41
C CYS B 10 0.09 -1.31 2.99
N PHE B 11 -0.77 -1.78 2.09
CA PHE B 11 -1.92 -2.61 2.48
C PHE B 11 -1.78 -4.00 1.89
N TYR B 12 -2.09 -5.02 2.67
CA TYR B 12 -2.05 -6.38 2.18
C TYR B 12 -3.35 -6.67 1.44
N PHE B 13 -3.25 -7.34 0.29
CA PHE B 13 -4.46 -7.67 -0.45
C PHE B 13 -4.64 -9.15 -0.48
N ASN B 14 -5.76 -9.59 0.04
CA ASN B 14 -6.06 -10.99 0.08
C ASN B 14 -6.89 -11.32 -1.13
N ARG B 15 -6.26 -11.36 -2.29
CA ARG B 15 -6.96 -11.61 -3.55
C ARG B 15 -7.99 -12.75 -3.44
N ILE B 16 -7.88 -13.62 -2.41
CA ILE B 16 -8.84 -14.64 -2.21
C ILE B 16 -10.14 -13.98 -1.84
N THR B 17 -10.01 -13.12 -0.84
CA THR B 17 -11.08 -12.33 -0.31
C THR B 17 -11.09 -10.97 -0.96
N GLY B 18 -10.21 -10.85 -1.98
CA GLY B 18 -9.98 -9.60 -2.67
C GLY B 18 -10.18 -8.42 -1.75
N LYS B 19 -9.84 -8.64 -0.48
CA LYS B 19 -9.99 -7.64 0.54
C LYS B 19 -8.64 -7.11 0.97
N ARG B 20 -8.64 -5.96 1.62
CA ARG B 20 -7.40 -5.31 2.01
C ARG B 20 -7.22 -5.08 3.51
N GLN B 21 -5.95 -5.16 3.91
CA GLN B 21 -5.52 -4.95 5.28
C GLN B 21 -4.33 -4.00 5.27
N PHE B 22 -3.93 -3.51 6.44
CA PHE B 22 -2.73 -2.68 6.54
C PHE B 22 -1.71 -3.48 7.36
N GLU B 23 -1.81 -4.80 7.19
CA GLU B 23 -1.03 -5.80 7.91
C GLU B 23 -0.80 -7.04 7.12
N ARG B 24 0.21 -7.79 7.56
CA ARG B 24 0.47 -9.10 7.05
C ARG B 24 -0.34 -10.01 7.97
N PRO B 25 -1.47 -10.48 7.44
CA PRO B 25 -2.46 -11.29 8.16
C PRO B 25 -1.89 -12.41 9.00
N SER B 26 -2.57 -12.60 10.11
CA SER B 26 -2.25 -13.60 11.12
C SER B 26 -2.07 -14.94 10.53
N ASP B 27 -2.90 -15.18 9.55
CA ASP B 27 -2.88 -16.43 8.82
C ASP B 27 -3.53 -17.58 9.60
N LYS A 1 5.28 -17.60 5.00
CA LYS A 1 4.88 -16.50 4.10
C LYS A 1 3.38 -16.21 4.20
N LEU A 2 2.94 -15.13 3.54
CA LEU A 2 1.55 -14.72 3.55
C LEU A 2 0.56 -15.85 3.28
N PRO A 3 -0.64 -15.68 3.84
CA PRO A 3 -1.77 -16.59 3.64
C PRO A 3 -2.28 -16.48 2.22
N PRO A 4 -3.00 -17.48 1.76
CA PRO A 4 -3.56 -17.52 0.44
C PRO A 4 -4.29 -16.28 0.03
N GLY A 5 -4.10 -15.95 -1.23
CA GLY A 5 -4.70 -14.79 -1.80
C GLY A 5 -4.07 -13.47 -1.35
N TRP A 6 -3.32 -13.46 -0.23
CA TRP A 6 -2.71 -12.23 0.27
C TRP A 6 -1.47 -11.86 -0.51
N GLU A 7 -1.25 -10.57 -0.63
CA GLU A 7 -0.09 -10.02 -1.30
C GLU A 7 0.19 -8.63 -0.74
N LYS A 8 1.40 -8.43 -0.23
CA LYS A 8 1.77 -7.16 0.35
C LYS A 8 1.98 -6.12 -0.76
N ARG A 9 1.15 -5.10 -0.78
CA ARG A 9 1.23 -4.03 -1.77
C ARG A 9 1.36 -2.67 -1.09
N CYS A 10 1.99 -1.71 -1.77
CA CYS A 10 2.14 -0.38 -1.18
C CYS A 10 2.17 0.74 -2.22
N PHE A 11 1.14 1.58 -2.18
CA PHE A 11 1.06 2.72 -3.07
C PHE A 11 1.23 4.01 -2.26
N TYR A 12 2.08 4.90 -2.75
CA TYR A 12 2.30 6.18 -2.09
C TYR A 12 1.10 7.05 -2.40
N PHE A 13 0.65 7.84 -1.43
CA PHE A 13 -0.48 8.73 -1.69
C PHE A 13 -0.07 10.14 -1.40
N ASN A 14 -0.12 10.97 -2.43
CA ASN A 14 0.25 12.34 -2.30
C ASN A 14 -1.00 13.14 -2.01
N ARG A 15 -1.54 12.96 -0.80
CA ARG A 15 -2.79 13.61 -0.39
C ARG A 15 -2.92 15.06 -0.88
N ILE A 16 -1.82 15.77 -1.18
CA ILE A 16 -1.91 17.08 -1.69
C ILE A 16 -2.60 17.02 -3.03
N THR A 17 -2.04 16.14 -3.83
CA THR A 17 -2.50 15.88 -5.16
C THR A 17 -3.30 14.60 -5.18
N GLY A 18 -3.68 14.18 -3.95
CA GLY A 18 -4.37 12.92 -3.72
C GLY A 18 -3.91 11.85 -4.69
N LYS A 19 -2.66 12.02 -5.13
CA LYS A 19 -2.03 11.13 -6.06
C LYS A 19 -1.70 9.78 -5.48
N ARG A 20 -1.51 8.82 -6.36
CA ARG A 20 -1.13 7.49 -5.97
C ARG A 20 -0.16 6.87 -6.94
N GLN A 21 0.85 6.26 -6.36
CA GLN A 21 1.87 5.59 -7.13
C GLN A 21 2.51 4.53 -6.27
N PHE A 22 2.89 3.40 -6.86
CA PHE A 22 3.57 2.36 -6.08
C PHE A 22 5.04 2.74 -5.92
N GLU A 23 5.29 4.03 -5.68
CA GLU A 23 6.61 4.60 -5.59
C GLU A 23 6.71 5.73 -4.61
N ARG A 24 7.95 5.95 -4.17
CA ARG A 24 8.29 7.08 -3.39
C ARG A 24 8.82 8.07 -4.42
N PRO A 25 7.96 9.04 -4.74
CA PRO A 25 8.17 10.06 -5.78
C PRO A 25 9.51 10.76 -5.73
N SER A 26 9.96 11.05 -6.94
CA SER A 26 11.21 11.71 -7.21
C SER A 26 11.37 12.96 -6.43
N ASP A 27 10.25 13.60 -6.25
CA ASP A 27 10.18 14.82 -5.48
C ASP A 27 10.71 16.04 -6.26
N LYS B 1 12.49 11.36 3.00
CA LYS B 1 11.52 10.64 2.12
C LYS B 1 10.80 11.61 1.17
N LEU B 2 9.98 11.03 0.28
CA LEU B 2 9.23 11.79 -0.71
C LEU B 2 8.57 13.09 -0.16
N PRO B 3 8.15 13.91 -1.13
CA PRO B 3 7.50 15.23 -0.99
C PRO B 3 6.30 15.28 -0.07
N PRO B 4 5.92 16.50 0.28
CA PRO B 4 4.76 16.80 1.11
C PRO B 4 3.50 16.23 0.57
N GLY B 5 2.58 16.00 1.47
CA GLY B 5 1.33 15.43 1.11
C GLY B 5 1.42 13.92 0.85
N TRP B 6 2.61 13.45 0.43
CA TRP B 6 2.82 12.05 0.16
C TRP B 6 2.88 11.27 1.46
N GLU B 7 2.50 10.01 1.36
CA GLU B 7 2.56 9.12 2.51
C GLU B 7 2.48 7.70 2.05
N LYS B 8 3.63 7.04 2.07
CA LYS B 8 3.73 5.65 1.66
C LYS B 8 2.61 4.84 2.34
N ARG B 9 1.81 4.13 1.55
CA ARG B 9 0.70 3.34 2.11
C ARG B 9 0.79 1.87 1.68
N CYS B 10 1.14 0.99 2.61
CA CYS B 10 1.27 -0.44 2.31
C CYS B 10 0.13 -1.25 2.91
N PHE B 11 -0.79 -1.67 2.04
CA PHE B 11 -1.93 -2.48 2.47
C PHE B 11 -1.82 -3.89 1.87
N TYR B 12 -2.10 -4.90 2.68
CA TYR B 12 -2.09 -6.27 2.22
C TYR B 12 -3.41 -6.54 1.50
N PHE B 13 -3.38 -7.32 0.45
CA PHE B 13 -4.62 -7.64 -0.28
C PHE B 13 -4.76 -9.13 -0.45
N ASN B 14 -5.77 -9.69 0.18
CA ASN B 14 -6.01 -11.10 0.07
C ASN B 14 -7.06 -11.32 -0.99
N ARG B 15 -6.64 -11.32 -2.25
CA ARG B 15 -7.54 -11.47 -3.37
C ARG B 15 -8.56 -12.62 -3.18
N ILE B 16 -8.33 -13.55 -2.23
CA ILE B 16 -9.28 -14.57 -1.96
C ILE B 16 -10.52 -13.94 -1.42
N THR B 17 -10.29 -13.17 -0.38
CA THR B 17 -11.30 -12.42 0.28
C THR B 17 -11.22 -10.98 -0.17
N GLY B 18 -10.47 -10.82 -1.27
CA GLY B 18 -10.17 -9.52 -1.85
C GLY B 18 -10.13 -8.45 -0.80
N LYS B 19 -9.72 -8.83 0.42
CA LYS B 19 -9.68 -7.91 1.52
C LYS B 19 -8.42 -7.10 1.56
N ARG B 20 -8.50 -6.00 2.27
CA ARG B 20 -7.35 -5.13 2.42
C ARG B 20 -7.15 -4.71 3.84
N GLN B 21 -5.89 -4.70 4.23
CA GLN B 21 -5.50 -4.31 5.56
C GLN B 21 -4.10 -3.74 5.52
N PHE B 22 -3.82 -2.77 6.36
CA PHE B 22 -2.47 -2.22 6.40
C PHE B 22 -1.60 -3.12 7.30
N GLU B 23 -1.81 -4.43 7.16
CA GLU B 23 -1.16 -5.43 7.95
C GLU B 23 -0.81 -6.66 7.20
N ARG B 24 0.23 -7.30 7.70
CA ARG B 24 0.62 -8.58 7.22
C ARG B 24 -0.21 -9.55 8.04
N PRO B 25 -1.19 -10.14 7.39
CA PRO B 25 -2.17 -11.05 8.01
C PRO B 25 -1.55 -12.25 8.66
N SER B 26 -2.36 -12.87 9.52
CA SER B 26 -2.00 -14.05 10.31
C SER B 26 -0.85 -14.82 9.74
N ASP B 27 -0.94 -14.98 8.45
CA ASP B 27 0.09 -15.63 7.69
C ASP B 27 0.16 -17.15 7.95
N LYS A 1 5.30 -17.25 6.17
CA LYS A 1 4.95 -16.24 5.12
C LYS A 1 3.45 -15.97 5.10
N LEU A 2 3.05 -15.02 4.25
CA LEU A 2 1.66 -14.63 4.12
C LEU A 2 0.71 -15.79 3.80
N PRO A 3 -0.53 -15.64 4.25
CA PRO A 3 -1.62 -16.57 3.99
C PRO A 3 -2.01 -16.53 2.54
N PRO A 4 -2.67 -17.57 2.06
CA PRO A 4 -3.11 -17.68 0.69
C PRO A 4 -3.80 -16.45 0.16
N GLY A 5 -3.51 -16.21 -1.10
CA GLY A 5 -4.05 -15.09 -1.79
C GLY A 5 -3.54 -13.72 -1.30
N TRP A 6 -2.81 -13.68 -0.17
CA TRP A 6 -2.31 -12.41 0.35
C TRP A 6 -1.01 -12.00 -0.31
N GLU A 7 -0.89 -10.70 -0.52
CA GLU A 7 0.32 -10.12 -1.08
C GLU A 7 0.50 -8.72 -0.53
N LYS A 8 1.64 -8.48 0.10
CA LYS A 8 1.92 -7.18 0.69
C LYS A 8 2.23 -6.16 -0.41
N ARG A 9 1.36 -5.17 -0.55
CA ARG A 9 1.53 -4.12 -1.55
C ARG A 9 1.75 -2.76 -0.89
N CYS A 10 2.37 -1.81 -1.60
CA CYS A 10 2.62 -0.49 -1.04
C CYS A 10 2.45 0.64 -2.04
N PHE A 11 1.45 1.49 -1.80
CA PHE A 11 1.21 2.65 -2.65
C PHE A 11 1.46 3.93 -1.85
N TYR A 12 2.17 4.87 -2.45
CA TYR A 12 2.41 6.16 -1.81
C TYR A 12 1.16 6.99 -1.96
N PHE A 13 0.83 7.78 -0.95
CA PHE A 13 -0.35 8.63 -1.05
C PHE A 13 0.04 10.05 -0.82
N ASN A 14 -0.15 10.86 -1.83
CA ASN A 14 0.19 12.25 -1.75
C ASN A 14 -1.03 13.00 -1.28
N ARG A 15 -1.40 12.80 -0.02
CA ARG A 15 -2.59 13.42 0.56
C ARG A 15 -2.82 14.87 0.13
N ILE A 16 -1.78 15.59 -0.30
CA ILE A 16 -1.95 16.91 -0.78
C ILE A 16 -2.82 16.85 -2.02
N THR A 17 -2.38 15.97 -2.89
CA THR A 17 -3.02 15.72 -4.15
C THR A 17 -3.78 14.41 -4.08
N GLY A 18 -3.97 13.97 -2.82
CA GLY A 18 -4.59 12.69 -2.52
C GLY A 18 -4.22 11.63 -3.55
N LYS A 19 -3.05 11.85 -4.16
CA LYS A 19 -2.50 10.99 -5.18
C LYS A 19 -2.07 9.64 -4.65
N ARG A 20 -1.97 8.70 -5.56
CA ARG A 20 -1.51 7.37 -5.23
C ARG A 20 -0.65 6.77 -6.33
N GLN A 21 0.42 6.18 -5.89
CA GLN A 21 1.36 5.54 -6.78
C GLN A 21 2.15 4.50 -6.01
N PHE A 22 2.50 3.40 -6.64
CA PHE A 22 3.30 2.39 -5.95
C PHE A 22 4.78 2.82 -5.93
N GLU A 23 5.00 4.12 -5.73
CA GLU A 23 6.31 4.73 -5.76
C GLU A 23 6.46 5.88 -4.82
N ARG A 24 7.72 6.13 -4.50
CA ARG A 24 8.12 7.29 -3.75
C ARG A 24 8.52 8.29 -4.84
N PRO A 25 7.60 9.22 -5.10
CA PRO A 25 7.68 10.22 -6.16
C PRO A 25 8.98 11.00 -6.21
N SER A 26 9.34 11.30 -7.44
CA SER A 26 10.55 12.03 -7.79
C SER A 26 10.74 13.23 -6.94
N ASP A 27 9.62 13.84 -6.68
CA ASP A 27 9.56 15.01 -5.84
C ASP A 27 10.12 16.26 -6.53
N LYS B 1 14.10 11.32 -2.44
CA LYS B 1 12.87 10.93 -1.69
C LYS B 1 11.69 11.81 -2.05
N LEU B 2 10.47 11.30 -1.81
CA LEU B 2 9.27 12.03 -2.15
C LEU B 2 8.94 13.25 -1.25
N PRO B 3 8.09 14.10 -1.84
CA PRO B 3 7.56 15.39 -1.31
C PRO B 3 6.53 15.29 -0.22
N PRO B 4 6.19 16.47 0.33
CA PRO B 4 5.17 16.65 1.36
C PRO B 4 3.84 16.13 0.92
N GLY B 5 3.02 15.85 1.90
CA GLY B 5 1.73 15.30 1.63
C GLY B 5 1.79 13.82 1.30
N TRP B 6 2.90 13.38 0.69
CA TRP B 6 3.12 12.01 0.33
C TRP B 6 3.44 11.18 1.55
N GLU B 7 2.86 10.01 1.63
CA GLU B 7 3.14 9.11 2.72
C GLU B 7 3.09 7.68 2.25
N LYS B 8 4.26 7.09 2.13
CA LYS B 8 4.37 5.70 1.68
C LYS B 8 3.35 4.85 2.47
N ARG B 9 2.57 4.03 1.78
CA ARG B 9 1.58 3.19 2.44
C ARG B 9 1.72 1.73 2.01
N CYS B 10 1.38 0.79 2.90
CA CYS B 10 1.47 -0.64 2.57
C CYS B 10 0.24 -1.42 3.03
N PHE B 11 -0.56 -1.86 2.06
CA PHE B 11 -1.76 -2.63 2.34
C PHE B 11 -1.62 -4.07 1.84
N TYR B 12 -2.11 -5.02 2.62
CA TYR B 12 -2.07 -6.43 2.21
C TYR B 12 -3.30 -6.71 1.37
N PHE B 13 -3.13 -7.46 0.29
CA PHE B 13 -4.27 -7.80 -0.58
C PHE B 13 -4.43 -9.28 -0.64
N ASN B 14 -5.59 -9.75 -0.21
CA ASN B 14 -5.87 -11.15 -0.25
C ASN B 14 -6.68 -11.42 -1.49
N ARG B 15 -6.01 -11.54 -2.62
CA ARG B 15 -6.70 -11.77 -3.89
C ARG B 15 -7.75 -12.88 -3.78
N ILE B 16 -7.71 -13.72 -2.72
CA ILE B 16 -8.71 -14.70 -2.50
C ILE B 16 -10.01 -14.01 -2.23
N THR B 17 -9.93 -13.13 -1.25
CA THR B 17 -11.03 -12.31 -0.84
C THR B 17 -10.88 -10.95 -1.50
N GLY B 18 -9.95 -10.93 -2.47
CA GLY B 18 -9.56 -9.73 -3.18
C GLY B 18 -9.78 -8.49 -2.37
N LYS B 19 -9.56 -8.62 -1.06
CA LYS B 19 -9.77 -7.49 -0.17
C LYS B 19 -8.44 -6.95 0.33
N ARG B 20 -8.49 -5.77 0.94
CA ARG B 20 -7.27 -5.12 1.41
C ARG B 20 -7.26 -4.79 2.89
N GLN B 21 -6.07 -4.89 3.44
CA GLN B 21 -5.79 -4.59 4.83
C GLN B 21 -4.60 -3.64 4.92
N PHE B 22 -4.42 -3.02 6.06
CA PHE B 22 -3.25 -2.17 6.29
C PHE B 22 -2.35 -2.93 7.28
N GLU B 23 -2.41 -4.26 7.15
CA GLU B 23 -1.73 -5.19 8.02
C GLU B 23 -1.33 -6.45 7.35
N ARG B 24 -0.34 -7.09 7.94
CA ARG B 24 0.07 -8.40 7.57
C ARG B 24 -0.88 -9.31 8.33
N PRO B 25 -1.82 -9.89 7.58
CA PRO B 25 -2.89 -10.71 8.13
C PRO B 25 -2.44 -11.77 9.11
N SER B 26 -3.34 -11.99 10.06
CA SER B 26 -3.17 -12.95 11.14
C SER B 26 -2.59 -14.22 10.66
N ASP B 27 -3.06 -14.57 9.49
CA ASP B 27 -2.61 -15.75 8.81
C ASP B 27 -3.14 -17.05 9.43
N LYS A 1 4.96 -16.36 5.39
CA LYS A 1 4.17 -15.09 5.25
C LYS A 1 2.66 -15.39 5.20
N LEU A 2 1.86 -14.33 5.29
CA LEU A 2 0.41 -14.44 5.27
C LEU A 2 -0.17 -15.45 4.24
N PRO A 3 -1.45 -15.76 4.47
CA PRO A 3 -2.31 -16.69 3.71
C PRO A 3 -2.39 -16.45 2.22
N PRO A 4 -2.93 -17.45 1.51
CA PRO A 4 -3.14 -17.43 0.08
C PRO A 4 -3.94 -16.25 -0.38
N GLY A 5 -3.71 -15.91 -1.62
CA GLY A 5 -4.38 -14.78 -2.20
C GLY A 5 -3.81 -13.46 -1.74
N TRP A 6 -3.24 -13.43 -0.52
CA TRP A 6 -2.65 -12.23 0.04
C TRP A 6 -1.36 -11.88 -0.66
N GLU A 7 -1.06 -10.60 -0.68
CA GLU A 7 0.17 -10.10 -1.25
C GLU A 7 0.39 -8.68 -0.82
N LYS A 8 1.32 -8.51 0.10
CA LYS A 8 1.64 -7.18 0.63
C LYS A 8 1.85 -6.21 -0.55
N ARG A 9 1.31 -5.00 -0.44
CA ARG A 9 1.45 -3.99 -1.51
C ARG A 9 1.77 -2.63 -0.91
N CYS A 10 2.50 -1.79 -1.66
CA CYS A 10 2.86 -0.46 -1.15
C CYS A 10 2.69 0.64 -2.19
N PHE A 11 1.70 1.52 -1.98
CA PHE A 11 1.48 2.65 -2.86
C PHE A 11 1.68 3.95 -2.08
N TYR A 12 2.44 4.87 -2.65
CA TYR A 12 2.66 6.17 -2.05
C TYR A 12 1.41 6.99 -2.22
N PHE A 13 1.03 7.77 -1.22
CA PHE A 13 -0.16 8.60 -1.34
C PHE A 13 0.17 10.04 -1.06
N ASN A 14 -0.03 10.87 -2.07
CA ASN A 14 0.22 12.28 -1.93
C ASN A 14 -1.06 12.94 -1.51
N ARG A 15 -1.42 12.78 -0.23
CA ARG A 15 -2.67 13.31 0.30
C ARG A 15 -3.01 14.74 -0.18
N ILE A 16 -2.01 15.54 -0.60
CA ILE A 16 -2.29 16.83 -1.10
C ILE A 16 -3.08 16.70 -2.39
N THR A 17 -2.51 15.88 -3.25
CA THR A 17 -3.07 15.59 -4.52
C THR A 17 -3.75 14.24 -4.47
N GLY A 18 -3.98 13.80 -3.23
CA GLY A 18 -4.53 12.49 -2.94
C GLY A 18 -4.07 11.46 -3.95
N LYS A 19 -2.87 11.73 -4.50
CA LYS A 19 -2.26 10.90 -5.51
C LYS A 19 -1.82 9.56 -4.97
N ARG A 20 -1.67 8.61 -5.87
CA ARG A 20 -1.20 7.29 -5.53
C ARG A 20 -0.31 6.72 -6.60
N GLN A 21 0.78 6.15 -6.13
CA GLN A 21 1.75 5.55 -7.00
C GLN A 21 2.52 4.50 -6.22
N PHE A 22 2.88 3.40 -6.85
CA PHE A 22 3.68 2.39 -6.15
C PHE A 22 5.15 2.84 -6.15
N GLU A 23 5.36 4.14 -5.94
CA GLU A 23 6.66 4.77 -5.98
C GLU A 23 6.81 5.92 -5.04
N ARG A 24 8.07 6.19 -4.74
CA ARG A 24 8.44 7.36 -4.00
C ARG A 24 8.80 8.37 -5.10
N PRO A 25 7.87 9.29 -5.31
CA PRO A 25 7.90 10.31 -6.37
C PRO A 25 9.19 11.09 -6.47
N SER A 26 9.50 11.39 -7.72
CA SER A 26 10.69 12.13 -8.13
C SER A 26 10.85 13.38 -7.36
N ASP A 27 9.72 13.96 -7.08
CA ASP A 27 9.64 15.18 -6.32
C ASP A 27 10.02 16.41 -7.15
N LYS B 1 12.77 12.36 2.34
CA LYS B 1 11.86 11.50 1.52
C LYS B 1 11.00 12.34 0.58
N LEU B 2 10.24 11.65 -0.28
CA LEU B 2 9.37 12.29 -1.26
C LEU B 2 8.61 13.54 -0.74
N PRO B 3 8.09 14.28 -1.71
CA PRO B 3 7.33 15.54 -1.57
C PRO B 3 6.22 15.54 -0.56
N PRO B 4 5.77 16.76 -0.21
CA PRO B 4 4.69 17.00 0.73
C PRO B 4 3.44 16.28 0.38
N GLY B 5 2.68 15.99 1.41
CA GLY B 5 1.46 15.27 1.23
C GLY B 5 1.69 13.79 0.97
N TRP B 6 2.86 13.43 0.42
CA TRP B 6 3.17 12.04 0.14
C TRP B 6 3.47 11.28 1.40
N GLU B 7 3.01 10.04 1.42
CA GLU B 7 3.30 9.17 2.54
C GLU B 7 3.23 7.73 2.08
N LYS B 8 4.40 7.12 1.95
CA LYS B 8 4.48 5.74 1.50
C LYS B 8 3.48 4.88 2.31
N ARG B 9 2.63 4.13 1.62
CA ARG B 9 1.64 3.28 2.31
C ARG B 9 1.76 1.84 1.84
N CYS B 10 1.40 0.89 2.71
CA CYS B 10 1.46 -0.53 2.35
C CYS B 10 0.30 -1.33 2.94
N PHE B 11 -0.63 -1.73 2.07
CA PHE B 11 -1.76 -2.54 2.48
C PHE B 11 -1.69 -3.93 1.84
N TYR B 12 -1.95 -4.95 2.64
CA TYR B 12 -1.96 -6.32 2.15
C TYR B 12 -3.26 -6.55 1.38
N PHE B 13 -3.21 -7.32 0.31
CA PHE B 13 -4.42 -7.60 -0.45
C PHE B 13 -4.55 -9.09 -0.70
N ASN B 14 -5.58 -9.69 -0.15
CA ASN B 14 -5.81 -11.08 -0.33
C ASN B 14 -6.82 -11.25 -1.44
N ARG B 15 -6.36 -11.27 -2.67
CA ARG B 15 -7.24 -11.38 -3.81
C ARG B 15 -8.25 -12.54 -3.67
N ILE B 16 -8.06 -13.46 -2.69
CA ILE B 16 -9.00 -14.50 -2.47
C ILE B 16 -10.28 -13.87 -1.97
N THR B 17 -10.09 -13.09 -0.92
CA THR B 17 -11.15 -12.36 -0.30
C THR B 17 -11.03 -10.91 -0.69
N GLY B 18 -10.23 -10.70 -1.76
CA GLY B 18 -9.90 -9.39 -2.27
C GLY B 18 -9.90 -8.36 -1.18
N LYS B 19 -9.53 -8.79 0.03
CA LYS B 19 -9.52 -7.91 1.18
C LYS B 19 -8.25 -7.12 1.28
N ARG B 20 -8.34 -6.03 2.02
CA ARG B 20 -7.19 -5.18 2.24
C ARG B 20 -7.00 -4.82 3.69
N GLN B 21 -5.75 -4.85 4.09
CA GLN B 21 -5.38 -4.53 5.44
C GLN B 21 -3.96 -4.03 5.47
N PHE B 22 -3.65 -3.08 6.33
CA PHE B 22 -2.27 -2.60 6.44
C PHE B 22 -1.47 -3.57 7.33
N GLU B 23 -1.72 -4.87 7.10
CA GLU B 23 -1.14 -5.95 7.88
C GLU B 23 -0.91 -7.20 7.10
N ARG B 24 0.00 -8.00 7.63
CA ARG B 24 0.23 -9.31 7.15
C ARG B 24 -0.61 -10.20 8.07
N PRO B 25 -1.75 -10.63 7.52
CA PRO B 25 -2.79 -11.40 8.21
C PRO B 25 -2.29 -12.59 8.99
N SER B 26 -3.08 -12.89 10.02
CA SER B 26 -2.84 -13.97 10.98
C SER B 26 -2.11 -15.12 10.39
N ASP B 27 -2.54 -15.46 9.21
CA ASP B 27 -1.94 -16.53 8.46
C ASP B 27 -2.25 -17.92 9.03
N LYS A 1 5.43 -17.35 5.39
CA LYS A 1 5.00 -16.38 4.33
C LYS A 1 3.50 -16.12 4.37
N LEU A 2 3.06 -15.11 3.63
CA LEU A 2 1.66 -14.73 3.57
C LEU A 2 0.72 -15.88 3.21
N PRO A 3 -0.51 -15.77 3.71
CA PRO A 3 -1.58 -16.71 3.42
C PRO A 3 -2.02 -16.58 1.99
N PRO A 4 -2.67 -17.60 1.46
CA PRO A 4 -3.15 -17.62 0.10
C PRO A 4 -3.93 -16.40 -0.27
N GLY A 5 -3.68 -16.00 -1.50
CA GLY A 5 -4.32 -14.82 -2.03
C GLY A 5 -3.78 -13.51 -1.49
N TRP A 6 -3.04 -13.53 -0.36
CA TRP A 6 -2.50 -12.31 0.21
C TRP A 6 -1.23 -11.86 -0.48
N GLU A 7 -1.10 -10.55 -0.62
CA GLU A 7 0.08 -9.95 -1.21
C GLU A 7 0.28 -8.58 -0.60
N LYS A 8 1.46 -8.35 -0.03
CA LYS A 8 1.75 -7.07 0.59
C LYS A 8 1.94 -6.01 -0.50
N ARG A 9 1.01 -5.07 -0.56
CA ARG A 9 1.06 -4.00 -1.56
C ARG A 9 1.28 -2.65 -0.89
N CYS A 10 2.08 -1.79 -1.51
CA CYS A 10 2.37 -0.48 -0.95
C CYS A 10 2.26 0.65 -1.98
N PHE A 11 1.33 1.57 -1.73
CA PHE A 11 1.13 2.71 -2.61
C PHE A 11 1.44 4.01 -1.87
N TYR A 12 2.12 4.94 -2.55
CA TYR A 12 2.43 6.23 -1.98
C TYR A 12 1.20 7.12 -2.18
N PHE A 13 0.90 7.98 -1.21
CA PHE A 13 -0.24 8.88 -1.35
C PHE A 13 0.19 10.31 -1.09
N ASN A 14 0.10 11.13 -2.12
CA ASN A 14 0.46 12.51 -1.98
C ASN A 14 -0.80 13.31 -1.74
N ARG A 15 -1.27 13.32 -0.50
CA ARG A 15 -2.50 14.02 -0.15
C ARG A 15 -2.59 15.44 -0.74
N ILE A 16 -1.46 16.03 -1.20
CA ILE A 16 -1.52 17.30 -1.84
C ILE A 16 -2.31 17.16 -3.11
N THR A 17 -1.85 16.21 -3.90
CA THR A 17 -2.46 15.87 -5.14
C THR A 17 -3.29 14.62 -4.93
N GLY A 18 -3.49 14.33 -3.63
CA GLY A 18 -4.18 13.14 -3.17
C GLY A 18 -3.99 11.99 -4.13
N LYS A 19 -2.83 11.98 -4.78
CA LYS A 19 -2.53 10.96 -5.75
C LYS A 19 -1.99 9.70 -5.14
N ARG A 20 -2.09 8.63 -5.89
CA ARG A 20 -1.59 7.35 -5.45
C ARG A 20 -0.77 6.67 -6.51
N GLN A 21 0.31 6.09 -6.06
CA GLN A 21 1.20 5.37 -6.93
C GLN A 21 1.91 4.30 -6.15
N PHE A 22 2.21 3.18 -6.76
CA PHE A 22 2.95 2.12 -6.08
C PHE A 22 4.44 2.45 -6.14
N GLU A 23 4.75 3.73 -5.98
CA GLU A 23 6.09 4.25 -6.08
C GLU A 23 6.41 5.30 -5.08
N ARG A 24 7.68 5.34 -4.76
CA ARG A 24 8.24 6.37 -3.95
C ARG A 24 8.56 7.49 -4.94
N PRO A 25 7.75 8.54 -4.90
CA PRO A 25 7.82 9.66 -5.83
C PRO A 25 9.09 10.46 -5.79
N SER A 26 9.43 10.89 -6.98
CA SER A 26 10.57 11.71 -7.27
C SER A 26 10.35 13.09 -6.79
N ASP A 27 9.08 13.44 -6.78
CA ASP A 27 8.57 14.72 -6.35
C ASP A 27 8.31 15.66 -7.53
N LYS B 1 13.82 12.91 1.95
CA LYS B 1 12.51 12.29 2.28
C LYS B 1 11.45 12.60 1.22
N LEU B 2 10.30 11.93 1.31
CA LEU B 2 9.20 12.13 0.38
C LEU B 2 8.81 13.57 0.17
N PRO B 3 8.29 13.84 -1.03
CA PRO B 3 7.76 15.16 -1.42
C PRO B 3 6.52 15.47 -0.64
N PRO B 4 6.18 16.74 -0.56
CA PRO B 4 5.01 17.20 0.17
C PRO B 4 3.74 16.45 -0.15
N GLY B 5 2.99 16.27 0.90
CA GLY B 5 1.74 15.57 0.81
C GLY B 5 1.88 14.06 0.66
N TRP B 6 3.06 13.57 0.21
CA TRP B 6 3.28 12.14 0.02
C TRP B 6 3.47 11.41 1.34
N GLU B 7 3.09 10.15 1.32
CA GLU B 7 3.24 9.27 2.47
C GLU B 7 3.20 7.83 2.00
N LYS B 8 4.25 7.08 2.31
CA LYS B 8 4.33 5.69 1.89
C LYS B 8 3.38 4.84 2.73
N ARG B 9 2.48 4.11 2.07
CA ARG B 9 1.52 3.26 2.76
C ARG B 9 1.59 1.82 2.23
N CYS B 10 1.22 0.85 3.07
CA CYS B 10 1.24 -0.56 2.65
C CYS B 10 0.04 -1.34 3.17
N PHE B 11 -0.82 -1.76 2.24
CA PHE B 11 -2.00 -2.56 2.57
C PHE B 11 -1.84 -3.96 1.97
N TYR B 12 -2.13 -4.98 2.76
CA TYR B 12 -2.09 -6.35 2.28
C TYR B 12 -3.36 -6.61 1.50
N PHE B 13 -3.28 -7.33 0.40
CA PHE B 13 -4.48 -7.63 -0.37
C PHE B 13 -4.66 -9.12 -0.44
N ASN B 14 -5.76 -9.59 0.11
CA ASN B 14 -6.05 -10.99 0.12
C ASN B 14 -6.91 -11.30 -1.10
N ARG B 15 -6.30 -11.19 -2.28
CA ARG B 15 -6.99 -11.39 -3.56
C ARG B 15 -8.04 -12.51 -3.54
N ILE B 16 -7.92 -13.51 -2.65
CA ILE B 16 -8.91 -14.52 -2.57
C ILE B 16 -10.20 -13.90 -2.14
N THR B 17 -10.06 -13.16 -1.07
CA THR B 17 -11.14 -12.44 -0.47
C THR B 17 -11.06 -10.99 -0.88
N GLY B 18 -10.22 -10.76 -1.92
CA GLY B 18 -9.92 -9.43 -2.42
C GLY B 18 -9.89 -8.42 -1.29
N LYS B 19 -9.56 -8.93 -0.10
CA LYS B 19 -9.49 -8.15 1.11
C LYS B 19 -8.30 -7.24 1.16
N ARG B 20 -8.42 -6.23 1.99
CA ARG B 20 -7.35 -5.29 2.20
C ARG B 20 -7.23 -4.89 3.64
N GLN B 21 -5.99 -4.86 4.09
CA GLN B 21 -5.69 -4.50 5.43
C GLN B 21 -4.30 -3.92 5.49
N PHE B 22 -4.07 -2.95 6.34
CA PHE B 22 -2.73 -2.38 6.48
C PHE B 22 -1.90 -3.29 7.40
N GLU B 23 -2.09 -4.59 7.21
CA GLU B 23 -1.47 -5.62 8.03
C GLU B 23 -1.08 -6.83 7.27
N ARG B 24 -0.08 -7.48 7.81
CA ARG B 24 0.34 -8.76 7.36
C ARG B 24 -0.51 -9.73 8.16
N PRO B 25 -1.48 -10.32 7.48
CA PRO B 25 -2.48 -11.20 8.07
C PRO B 25 -1.91 -12.33 8.89
N SER B 26 -2.66 -12.63 9.93
CA SER B 26 -2.32 -13.66 10.91
C SER B 26 -1.73 -14.86 10.26
N ASP B 27 -2.32 -15.17 9.15
CA ASP B 27 -1.88 -16.24 8.32
C ASP B 27 -2.12 -17.63 8.94
N LYS A 1 5.85 -16.05 3.78
CA LYS A 1 5.00 -14.83 3.88
C LYS A 1 3.54 -15.20 4.11
N LEU A 2 2.71 -14.17 4.34
CA LEU A 2 1.28 -14.35 4.60
C LEU A 2 0.58 -15.39 3.68
N PRO A 3 -0.61 -15.77 4.15
CA PRO A 3 -1.55 -16.75 3.57
C PRO A 3 -1.91 -16.54 2.11
N PRO A 4 -2.53 -17.59 1.53
CA PRO A 4 -3.00 -17.61 0.17
C PRO A 4 -3.92 -16.48 -0.16
N GLY A 5 -3.94 -16.15 -1.43
CA GLY A 5 -4.76 -15.07 -1.88
C GLY A 5 -4.19 -13.70 -1.54
N TRP A 6 -3.35 -13.63 -0.49
CA TRP A 6 -2.76 -12.38 -0.06
C TRP A 6 -1.67 -11.94 -1.00
N GLU A 7 -1.49 -10.63 -1.05
CA GLU A 7 -0.42 -10.06 -1.84
C GLU A 7 -0.16 -8.64 -1.40
N LYS A 8 0.94 -8.49 -0.67
CA LYS A 8 1.33 -7.19 -0.16
C LYS A 8 1.33 -6.16 -1.32
N ARG A 9 0.67 -5.03 -1.12
CA ARG A 9 0.61 -3.99 -2.17
C ARG A 9 0.78 -2.60 -1.56
N CYS A 10 1.76 -1.83 -2.06
CA CYS A 10 2.00 -0.49 -1.53
C CYS A 10 2.05 0.59 -2.59
N PHE A 11 1.19 1.60 -2.41
CA PHE A 11 1.15 2.76 -3.29
C PHE A 11 1.25 4.02 -2.45
N TYR A 12 2.09 4.94 -2.87
CA TYR A 12 2.24 6.21 -2.18
C TYR A 12 1.06 7.09 -2.56
N PHE A 13 0.58 7.90 -1.63
CA PHE A 13 -0.53 8.80 -1.92
C PHE A 13 -0.21 10.19 -1.46
N ASN A 14 -0.09 11.10 -2.40
CA ASN A 14 0.19 12.47 -2.07
C ASN A 14 -1.12 13.21 -2.02
N ARG A 15 -1.79 13.16 -0.87
CA ARG A 15 -3.07 13.81 -0.73
C ARG A 15 -3.04 15.27 -1.20
N ILE A 16 -1.84 15.86 -1.43
CA ILE A 16 -1.76 17.17 -1.95
C ILE A 16 -2.32 17.17 -3.35
N THR A 17 -1.75 16.26 -4.12
CA THR A 17 -2.15 16.04 -5.48
C THR A 17 -2.95 14.77 -5.56
N GLY A 18 -3.41 14.36 -4.36
CA GLY A 18 -4.12 13.11 -4.16
C GLY A 18 -3.71 12.06 -5.16
N LYS A 19 -2.44 12.11 -5.56
CA LYS A 19 -1.92 11.19 -6.53
C LYS A 19 -1.46 9.88 -5.91
N ARG A 20 -1.35 8.88 -6.77
CA ARG A 20 -0.89 7.58 -6.32
C ARG A 20 0.15 6.99 -7.22
N GLN A 21 1.11 6.35 -6.58
CA GLN A 21 2.20 5.69 -7.27
C GLN A 21 2.78 4.63 -6.37
N PHE A 22 3.27 3.54 -6.94
CA PHE A 22 3.88 2.50 -6.11
C PHE A 22 5.33 2.90 -5.78
N GLU A 23 5.52 4.20 -5.52
CA GLU A 23 6.83 4.78 -5.27
C GLU A 23 6.82 5.90 -4.28
N ARG A 24 7.98 6.09 -3.68
CA ARG A 24 8.26 7.22 -2.84
C ARG A 24 8.88 8.23 -3.81
N PRO A 25 8.07 9.20 -4.19
CA PRO A 25 8.39 10.23 -5.20
C PRO A 25 9.67 10.99 -4.94
N SER A 26 10.30 11.31 -6.06
CA SER A 26 11.56 12.02 -6.12
C SER A 26 11.57 13.21 -5.23
N ASP A 27 10.44 13.83 -5.21
CA ASP A 27 10.21 14.99 -4.38
C ASP A 27 10.91 16.25 -4.91
N LYS B 1 13.84 11.07 -0.05
CA LYS B 1 12.47 10.79 0.45
C LYS B 1 11.43 11.66 -0.24
N LEU B 2 10.16 11.24 -0.18
CA LEU B 2 9.10 11.97 -0.83
C LEU B 2 8.58 13.20 -0.05
N PRO B 3 7.89 14.06 -0.81
CA PRO B 3 7.26 15.35 -0.41
C PRO B 3 6.03 15.26 0.45
N PRO B 4 5.59 16.43 0.92
CA PRO B 4 4.38 16.60 1.72
C PRO B 4 3.17 16.07 1.05
N GLY B 5 2.18 15.77 1.86
CA GLY B 5 0.96 15.22 1.36
C GLY B 5 1.10 13.74 1.02
N TRP B 6 2.30 13.32 0.62
CA TRP B 6 2.60 11.95 0.28
C TRP B 6 2.67 11.09 1.52
N GLU B 7 2.09 9.90 1.45
CA GLU B 7 2.15 8.97 2.54
C GLU B 7 2.16 7.56 2.01
N LYS B 8 3.31 6.92 2.09
CA LYS B 8 3.47 5.56 1.61
C LYS B 8 2.29 4.71 2.16
N ARG B 9 1.62 3.97 1.30
CA ARG B 9 0.48 3.14 1.74
C ARG B 9 0.65 1.68 1.32
N CYS B 10 1.15 0.85 2.24
CA CYS B 10 1.36 -0.58 1.95
C CYS B 10 0.30 -1.44 2.63
N PHE B 11 -0.75 -1.77 1.86
CA PHE B 11 -1.82 -2.60 2.37
C PHE B 11 -1.76 -4.00 1.74
N TYR B 12 -2.03 -5.02 2.54
CA TYR B 12 -2.05 -6.38 2.04
C TYR B 12 -3.42 -6.67 1.46
N PHE B 13 -3.48 -7.34 0.32
CA PHE B 13 -4.77 -7.67 -0.27
C PHE B 13 -4.96 -9.16 -0.28
N ASN B 14 -6.01 -9.59 0.39
CA ASN B 14 -6.29 -11.00 0.46
C ASN B 14 -7.28 -11.32 -0.62
N ARG B 15 -6.82 -11.37 -1.87
CA ARG B 15 -7.70 -11.63 -3.00
C ARG B 15 -8.70 -12.76 -2.74
N ILE B 16 -8.44 -13.64 -1.74
CA ILE B 16 -9.37 -14.65 -1.40
C ILE B 16 -10.61 -13.99 -0.86
N THR B 17 -10.33 -13.13 0.10
CA THR B 17 -11.31 -12.34 0.77
C THR B 17 -11.41 -10.99 0.13
N GLY B 18 -10.69 -10.86 -0.99
CA GLY B 18 -10.55 -9.62 -1.73
C GLY B 18 -10.63 -8.44 -0.80
N LYS B 19 -10.13 -8.65 0.43
CA LYS B 19 -10.14 -7.64 1.45
C LYS B 19 -8.74 -7.10 1.69
N ARG B 20 -8.66 -5.97 2.35
CA ARG B 20 -7.37 -5.33 2.57
C ARG B 20 -7.01 -5.09 4.03
N GLN B 21 -5.71 -5.17 4.27
CA GLN B 21 -5.10 -4.96 5.57
C GLN B 21 -3.92 -4.00 5.42
N PHE B 22 -3.39 -3.51 6.53
CA PHE B 22 -2.20 -2.68 6.50
C PHE B 22 -1.06 -3.48 7.15
N GLU B 23 -1.18 -4.80 6.99
CA GLU B 23 -0.29 -5.79 7.59
C GLU B 23 -0.17 -7.03 6.76
N ARG B 24 0.89 -7.78 7.07
CA ARG B 24 1.08 -9.09 6.53
C ARG B 24 0.41 -10.00 7.55
N PRO B 25 -0.78 -10.46 7.18
CA PRO B 25 -1.68 -11.27 8.01
C PRO B 25 -1.01 -12.38 8.78
N SER B 26 -1.54 -12.56 9.98
CA SER B 26 -1.08 -13.54 10.94
C SER B 26 -0.98 -14.90 10.35
N ASP B 27 -1.92 -15.15 9.50
CA ASP B 27 -2.00 -16.41 8.79
C ASP B 27 -2.53 -17.54 9.67
N LYS A 1 4.99 -15.89 6.83
CA LYS A 1 4.50 -15.12 5.65
C LYS A 1 3.02 -15.33 5.42
N LEU A 2 2.40 -14.44 4.65
CA LEU A 2 0.99 -14.51 4.36
C LEU A 2 0.63 -15.48 3.21
N PRO A 3 -0.66 -15.82 3.20
CA PRO A 3 -1.38 -16.76 2.30
C PRO A 3 -1.73 -16.25 0.92
N PRO A 4 -2.25 -17.19 0.12
CA PRO A 4 -2.75 -16.94 -1.23
C PRO A 4 -3.82 -15.91 -1.25
N GLY A 5 -4.01 -15.34 -2.41
CA GLY A 5 -4.97 -14.30 -2.54
C GLY A 5 -4.45 -12.97 -2.01
N TRP A 6 -3.64 -13.05 -0.94
CA TRP A 6 -3.04 -11.88 -0.33
C TRP A 6 -1.94 -11.34 -1.22
N GLU A 7 -1.76 -10.05 -1.18
CA GLU A 7 -0.70 -9.41 -1.93
C GLU A 7 -0.41 -8.05 -1.37
N LYS A 8 0.71 -7.97 -0.68
CA LYS A 8 1.14 -6.72 -0.06
C LYS A 8 1.03 -5.58 -1.08
N ARG A 9 0.35 -4.50 -0.72
CA ARG A 9 0.21 -3.37 -1.65
C ARG A 9 0.65 -2.06 -1.01
N CYS A 10 1.83 -1.58 -1.39
CA CYS A 10 2.37 -0.33 -0.86
C CYS A 10 2.40 0.76 -1.92
N PHE A 11 1.40 1.63 -1.89
CA PHE A 11 1.31 2.74 -2.85
C PHE A 11 1.50 4.07 -2.12
N TYR A 12 2.22 4.98 -2.76
CA TYR A 12 2.42 6.31 -2.21
C TYR A 12 1.22 7.15 -2.58
N PHE A 13 0.77 8.03 -1.69
CA PHE A 13 -0.37 8.88 -1.99
C PHE A 13 -0.02 10.32 -1.71
N ASN A 14 0.00 11.12 -2.76
CA ASN A 14 0.31 12.52 -2.60
C ASN A 14 -0.98 13.29 -2.55
N ARG A 15 -1.61 13.32 -1.39
CA ARG A 15 -2.89 13.99 -1.21
C ARG A 15 -2.94 15.38 -1.86
N ILE A 16 -1.79 15.99 -2.20
CA ILE A 16 -1.79 17.24 -2.88
C ILE A 16 -2.39 17.05 -4.25
N THR A 17 -1.81 16.10 -4.93
CA THR A 17 -2.25 15.69 -6.23
C THR A 17 -3.05 14.44 -6.10
N GLY A 18 -3.43 14.17 -4.82
CA GLY A 18 -4.13 12.98 -4.42
C GLY A 18 -3.80 11.81 -5.30
N LYS A 19 -2.57 11.80 -5.81
CA LYS A 19 -2.13 10.77 -6.70
C LYS A 19 -1.62 9.55 -5.99
N ARG A 20 -1.63 8.45 -6.71
CA ARG A 20 -1.15 7.21 -6.17
C ARG A 20 -0.19 6.53 -7.11
N GLN A 21 0.84 5.99 -6.53
CA GLN A 21 1.85 5.27 -7.26
C GLN A 21 2.49 4.24 -6.36
N PHE A 22 2.89 3.12 -6.91
CA PHE A 22 3.56 2.11 -6.11
C PHE A 22 5.04 2.48 -6.00
N GLU A 23 5.29 3.77 -5.84
CA GLU A 23 6.62 4.34 -5.80
C GLU A 23 6.77 5.42 -4.80
N ARG A 24 8.00 5.52 -4.34
CA ARG A 24 8.42 6.60 -3.50
C ARG A 24 8.84 7.68 -4.46
N PRO A 25 8.00 8.70 -4.58
CA PRO A 25 8.18 9.81 -5.51
C PRO A 25 9.46 10.57 -5.33
N SER A 26 9.80 11.30 -6.39
CA SER A 26 11.02 12.12 -6.49
C SER A 26 11.59 12.49 -5.16
N ASP A 27 10.68 12.89 -4.31
CA ASP A 27 11.01 13.23 -2.95
C ASP A 27 11.82 14.54 -2.84
N LYS B 1 13.12 13.50 2.73
CA LYS B 1 11.80 12.83 2.97
C LYS B 1 10.83 13.09 1.81
N LEU B 2 9.72 12.35 1.79
CA LEU B 2 8.71 12.47 0.75
C LEU B 2 8.31 13.91 0.45
N PRO B 3 7.91 14.13 -0.79
CA PRO B 3 7.39 15.41 -1.27
C PRO B 3 6.05 15.71 -0.66
N PRO B 4 5.66 16.96 -0.66
CA PRO B 4 4.40 17.40 -0.09
C PRO B 4 3.22 16.59 -0.52
N GLY B 5 2.34 16.41 0.43
CA GLY B 5 1.15 15.65 0.23
C GLY B 5 1.37 14.14 0.12
N TRP B 6 2.62 13.70 -0.15
CA TRP B 6 2.90 12.27 -0.29
C TRP B 6 2.99 11.58 1.07
N GLU B 7 2.63 10.31 1.05
CA GLU B 7 2.70 9.47 2.23
C GLU B 7 2.76 8.01 1.80
N LYS B 8 3.77 7.30 2.26
CA LYS B 8 3.93 5.90 1.90
C LYS B 8 2.97 5.04 2.73
N ARG B 9 2.09 4.31 2.04
CA ARG B 9 1.12 3.45 2.73
C ARG B 9 1.09 2.06 2.10
N CYS B 10 0.95 1.03 2.93
CA CYS B 10 0.92 -0.35 2.43
C CYS B 10 -0.07 -1.24 3.17
N PHE B 11 -1.14 -1.62 2.48
CA PHE B 11 -2.13 -2.53 3.04
C PHE B 11 -2.15 -3.82 2.22
N TYR B 12 -2.15 -4.95 2.90
CA TYR B 12 -2.21 -6.24 2.24
C TYR B 12 -3.63 -6.46 1.76
N PHE B 13 -3.79 -7.12 0.63
CA PHE B 13 -5.12 -7.40 0.12
C PHE B 13 -5.23 -8.85 -0.28
N ASN B 14 -6.07 -9.57 0.41
CA ASN B 14 -6.28 -10.96 0.11
C ASN B 14 -7.48 -11.08 -0.78
N ARG B 15 -7.29 -10.90 -2.07
CA ARG B 15 -8.38 -10.96 -3.01
C ARG B 15 -9.27 -12.22 -2.80
N ILE B 16 -8.80 -13.23 -2.03
CA ILE B 16 -9.59 -14.36 -1.74
C ILE B 16 -10.76 -13.92 -0.91
N THR B 17 -10.42 -13.23 0.16
CA THR B 17 -11.36 -12.68 1.08
C THR B 17 -11.42 -11.19 0.87
N GLY B 18 -10.89 -10.80 -0.31
CA GLY B 18 -10.76 -9.40 -0.68
C GLY B 18 -10.57 -8.50 0.50
N LYS B 19 -9.93 -9.04 1.54
CA LYS B 19 -9.71 -8.30 2.76
C LYS B 19 -8.49 -7.43 2.71
N ARG B 20 -8.45 -6.46 3.60
CA ARG B 20 -7.33 -5.55 3.66
C ARG B 20 -6.83 -5.35 5.08
N GLN B 21 -5.52 -5.31 5.19
CA GLN B 21 -4.86 -5.10 6.45
C GLN B 21 -3.49 -4.52 6.19
N PHE B 22 -2.99 -3.68 7.08
CA PHE B 22 -1.64 -3.14 6.90
C PHE B 22 -0.62 -4.18 7.40
N GLU B 23 -0.89 -5.44 7.09
CA GLU B 23 -0.10 -6.56 7.53
C GLU B 23 -0.05 -7.69 6.57
N ARG B 24 1.01 -8.47 6.73
CA ARG B 24 1.18 -9.72 6.05
C ARG B 24 0.66 -10.75 7.04
N PRO B 25 -0.58 -11.20 6.79
CA PRO B 25 -1.36 -12.10 7.65
C PRO B 25 -0.65 -13.36 8.05
N SER B 26 -0.97 -13.76 9.28
CA SER B 26 -0.44 -14.94 9.93
C SER B 26 -0.43 -16.11 9.02
N ASP B 27 -1.47 -16.17 8.24
CA ASP B 27 -1.64 -17.20 7.26
C ASP B 27 -1.98 -18.57 7.87
N LYS A 1 4.84 -17.50 6.01
CA LYS A 1 4.51 -16.54 4.93
C LYS A 1 3.02 -16.22 4.90
N LEU A 2 2.65 -15.17 4.15
CA LEU A 2 1.27 -14.75 4.02
C LEU A 2 0.30 -15.87 3.67
N PRO A 3 -0.95 -15.70 4.12
CA PRO A 3 -2.05 -16.61 3.82
C PRO A 3 -2.43 -16.51 2.36
N PRO A 4 -3.10 -17.53 1.86
CA PRO A 4 -3.53 -17.58 0.48
C PRO A 4 -4.21 -16.35 -0.01
N GLY A 5 -3.91 -16.05 -1.25
CA GLY A 5 -4.46 -14.90 -1.89
C GLY A 5 -3.86 -13.57 -1.42
N TRP A 6 -3.23 -13.55 -0.23
CA TRP A 6 -2.65 -12.32 0.29
C TRP A 6 -1.34 -11.95 -0.39
N GLU A 7 -1.07 -10.67 -0.43
CA GLU A 7 0.16 -10.14 -0.99
C GLU A 7 0.37 -8.73 -0.46
N LYS A 8 1.52 -8.51 0.17
CA LYS A 8 1.83 -7.21 0.75
C LYS A 8 2.15 -6.22 -0.36
N ARG A 9 1.42 -5.10 -0.38
CA ARG A 9 1.62 -4.06 -1.39
C ARG A 9 1.87 -2.70 -0.74
N CYS A 10 2.70 -1.86 -1.38
CA CYS A 10 3.01 -0.54 -0.85
C CYS A 10 2.80 0.56 -1.89
N PHE A 11 1.81 1.42 -1.64
CA PHE A 11 1.54 2.53 -2.53
C PHE A 11 1.75 3.86 -1.79
N TYR A 12 2.40 4.80 -2.45
CA TYR A 12 2.63 6.13 -1.88
C TYR A 12 1.35 6.94 -2.03
N PHE A 13 1.05 7.78 -1.05
CA PHE A 13 -0.15 8.61 -1.12
C PHE A 13 0.21 10.05 -0.81
N ASN A 14 0.01 10.91 -1.78
CA ASN A 14 0.27 12.31 -1.60
C ASN A 14 -1.03 12.99 -1.28
N ARG A 15 -1.40 12.99 -0.02
CA ARG A 15 -2.67 13.59 0.39
C ARG A 15 -2.87 15.01 -0.17
N ILE A 16 -1.82 15.64 -0.73
CA ILE A 16 -1.97 16.91 -1.34
C ILE A 16 -2.84 16.76 -2.56
N THR A 17 -2.37 15.84 -3.39
CA THR A 17 -3.04 15.48 -4.61
C THR A 17 -3.75 14.17 -4.40
N GLY A 18 -3.87 13.83 -3.10
CA GLY A 18 -4.44 12.57 -2.65
C GLY A 18 -4.20 11.47 -3.65
N LYS A 19 -3.06 11.57 -4.35
CA LYS A 19 -2.73 10.60 -5.37
C LYS A 19 -2.03 9.38 -4.81
N ARG A 20 -2.09 8.32 -5.58
CA ARG A 20 -1.45 7.09 -5.20
C ARG A 20 -0.52 6.55 -6.25
N GLN A 21 0.60 6.05 -5.77
CA GLN A 21 1.64 5.50 -6.61
C GLN A 21 2.17 4.22 -5.99
N PHE A 22 2.92 3.45 -6.75
CA PHE A 22 3.57 2.25 -6.23
C PHE A 22 5.08 2.55 -6.15
N GLU A 23 5.35 3.86 -5.99
CA GLU A 23 6.68 4.45 -5.97
C GLU A 23 6.79 5.58 -5.02
N ARG A 24 8.03 5.94 -4.72
CA ARG A 24 8.33 7.10 -3.93
C ARG A 24 8.63 8.25 -4.90
N PRO A 25 7.55 8.92 -5.30
CA PRO A 25 7.53 10.03 -6.27
C PRO A 25 8.68 10.97 -6.19
N SER A 26 8.96 11.55 -7.33
CA SER A 26 10.04 12.48 -7.49
C SER A 26 9.68 13.84 -6.97
N ASP A 27 10.73 14.50 -6.61
CA ASP A 27 10.72 15.82 -6.05
C ASP A 27 10.71 16.90 -7.12
N LYS B 1 13.05 12.18 1.69
CA LYS B 1 12.04 11.33 0.98
C LYS B 1 11.14 12.18 0.08
N LEU B 2 10.31 11.49 -0.72
CA LEU B 2 9.40 12.14 -1.67
C LEU B 2 8.71 13.42 -1.14
N PRO B 3 8.16 14.16 -2.11
CA PRO B 3 7.45 15.45 -1.97
C PRO B 3 6.38 15.50 -0.91
N PRO B 4 5.97 16.74 -0.58
CA PRO B 4 4.94 17.04 0.40
C PRO B 4 3.65 16.33 0.14
N GLY B 5 2.93 16.14 1.22
CA GLY B 5 1.68 15.45 1.15
C GLY B 5 1.84 13.94 0.95
N TRP B 6 2.98 13.51 0.39
CA TRP B 6 3.24 12.11 0.16
C TRP B 6 3.56 11.38 1.45
N GLU B 7 3.21 10.12 1.47
CA GLU B 7 3.52 9.27 2.59
C GLU B 7 3.36 7.82 2.21
N LYS B 8 4.49 7.17 2.01
CA LYS B 8 4.52 5.78 1.61
C LYS B 8 3.51 4.97 2.45
N ARG B 9 2.70 4.14 1.80
CA ARG B 9 1.71 3.33 2.51
C ARG B 9 1.77 1.87 2.04
N CYS B 10 1.24 0.95 2.86
CA CYS B 10 1.25 -0.47 2.50
C CYS B 10 0.02 -1.22 3.01
N PHE B 11 -0.76 -1.76 2.07
CA PHE B 11 -1.94 -2.54 2.39
C PHE B 11 -1.80 -3.95 1.85
N TYR B 12 -2.21 -4.94 2.64
CA TYR B 12 -2.16 -6.33 2.22
C TYR B 12 -3.41 -6.59 1.39
N PHE B 13 -3.30 -7.40 0.34
CA PHE B 13 -4.46 -7.72 -0.48
C PHE B 13 -4.59 -9.22 -0.63
N ASN B 14 -5.67 -9.75 -0.12
CA ASN B 14 -5.91 -11.17 -0.22
C ASN B 14 -6.84 -11.40 -1.37
N ARG B 15 -6.29 -11.42 -2.59
CA ARG B 15 -7.10 -11.59 -3.79
C ARG B 15 -8.13 -12.72 -3.68
N ILE B 16 -8.01 -13.64 -2.70
CA ILE B 16 -8.98 -14.65 -2.51
C ILE B 16 -10.27 -14.00 -2.09
N THR B 17 -10.13 -13.22 -1.05
CA THR B 17 -11.21 -12.46 -0.49
C THR B 17 -11.07 -11.04 -0.97
N GLY B 18 -10.21 -10.89 -2.00
CA GLY B 18 -9.84 -9.62 -2.56
C GLY B 18 -9.91 -8.51 -1.54
N LYS B 19 -9.62 -8.88 -0.29
CA LYS B 19 -9.67 -7.94 0.80
C LYS B 19 -8.41 -7.13 0.94
N ARG B 20 -8.55 -6.02 1.62
CA ARG B 20 -7.42 -5.16 1.87
C ARG B 20 -7.36 -4.71 3.31
N GLN B 21 -6.15 -4.69 3.80
CA GLN B 21 -5.88 -4.28 5.15
C GLN B 21 -4.49 -3.72 5.24
N PHE B 22 -4.27 -2.72 6.09
CA PHE B 22 -2.93 -2.18 6.26
C PHE B 22 -2.17 -3.06 7.25
N GLU B 23 -2.37 -4.38 7.11
CA GLU B 23 -1.81 -5.37 7.99
C GLU B 23 -1.40 -6.61 7.30
N ARG B 24 -0.41 -7.25 7.92
CA ARG B 24 0.02 -8.55 7.51
C ARG B 24 -0.90 -9.49 8.26
N PRO B 25 -1.82 -10.10 7.51
CA PRO B 25 -2.85 -10.99 8.05
C PRO B 25 -2.30 -12.18 8.78
N SER B 26 -3.20 -12.79 9.57
CA SER B 26 -2.92 -13.95 10.41
C SER B 26 -1.74 -14.73 9.96
N ASP B 27 -1.69 -14.91 8.68
CA ASP B 27 -0.59 -15.59 8.04
C ASP B 27 -0.56 -17.10 8.33
N LYS A 1 4.87 -17.35 6.35
CA LYS A 1 4.55 -16.46 5.20
C LYS A 1 3.05 -16.16 5.12
N LEU A 2 2.69 -15.18 4.29
CA LEU A 2 1.31 -14.78 4.11
C LEU A 2 0.36 -15.91 3.76
N PRO A 3 -0.90 -15.74 4.16
CA PRO A 3 -1.99 -16.67 3.85
C PRO A 3 -2.32 -16.59 2.38
N PRO A 4 -2.96 -17.62 1.86
CA PRO A 4 -3.35 -17.70 0.47
C PRO A 4 -4.06 -16.47 -0.01
N GLY A 5 -3.75 -16.14 -1.23
CA GLY A 5 -4.31 -14.99 -1.87
C GLY A 5 -3.77 -13.66 -1.35
N TRP A 6 -3.09 -13.64 -0.19
CA TRP A 6 -2.55 -12.39 0.36
C TRP A 6 -1.23 -12.02 -0.28
N GLU A 7 -1.07 -10.73 -0.50
CA GLU A 7 0.17 -10.20 -1.04
C GLU A 7 0.39 -8.81 -0.50
N LYS A 8 1.54 -8.60 0.14
CA LYS A 8 1.85 -7.31 0.72
C LYS A 8 2.17 -6.31 -0.40
N ARG A 9 1.31 -5.32 -0.55
CA ARG A 9 1.49 -4.29 -1.59
C ARG A 9 1.69 -2.92 -0.96
N CYS A 10 2.32 -2.00 -1.70
CA CYS A 10 2.57 -0.64 -1.17
C CYS A 10 2.39 0.44 -2.23
N PHE A 11 1.61 1.45 -1.86
CA PHE A 11 1.37 2.61 -2.72
C PHE A 11 1.59 3.90 -1.93
N TYR A 12 2.29 4.84 -2.53
CA TYR A 12 2.51 6.14 -1.91
C TYR A 12 1.24 6.95 -2.06
N PHE A 13 0.89 7.74 -1.07
CA PHE A 13 -0.30 8.56 -1.18
C PHE A 13 0.06 10.00 -0.96
N ASN A 14 -0.15 10.79 -2.01
CA ASN A 14 0.16 12.19 -1.93
C ASN A 14 -1.08 12.91 -1.46
N ARG A 15 -1.40 12.78 -0.18
CA ARG A 15 -2.60 13.37 0.39
C ARG A 15 -2.81 14.83 -0.06
N ILE A 16 -1.77 15.51 -0.57
CA ILE A 16 -1.94 16.82 -1.08
C ILE A 16 -2.84 16.76 -2.27
N THR A 17 -2.48 15.84 -3.14
CA THR A 17 -3.17 15.58 -4.35
C THR A 17 -3.90 14.26 -4.26
N GLY A 18 -4.06 13.82 -3.00
CA GLY A 18 -4.63 12.52 -2.68
C GLY A 18 -4.24 11.47 -3.72
N LYS A 19 -3.09 11.72 -4.33
CA LYS A 19 -2.53 10.86 -5.36
C LYS A 19 -2.02 9.54 -4.82
N ARG A 20 -1.89 8.59 -5.72
CA ARG A 20 -1.36 7.29 -5.38
C ARG A 20 -0.47 6.71 -6.45
N GLN A 21 0.61 6.15 -6.00
CA GLN A 21 1.58 5.53 -6.87
C GLN A 21 2.36 4.49 -6.09
N PHE A 22 2.76 3.40 -6.72
CA PHE A 22 3.55 2.39 -6.01
C PHE A 22 5.02 2.84 -5.98
N GLU A 23 5.21 4.14 -5.76
CA GLU A 23 6.52 4.77 -5.76
C GLU A 23 6.62 5.94 -4.83
N ARG A 24 7.87 6.24 -4.50
CA ARG A 24 8.21 7.43 -3.76
C ARG A 24 8.57 8.42 -4.86
N PRO A 25 7.62 9.32 -5.13
CA PRO A 25 7.68 10.33 -6.19
C PRO A 25 8.76 11.35 -6.04
N SER A 26 9.15 11.90 -7.17
CA SER A 26 10.17 12.88 -7.21
C SER A 26 9.83 14.07 -6.37
N ASP A 27 10.88 14.68 -5.95
CA ASP A 27 10.86 15.83 -5.09
C ASP A 27 10.93 17.14 -5.87
N LYS B 1 14.14 11.79 -1.90
CA LYS B 1 12.88 11.26 -1.31
C LYS B 1 11.67 12.08 -1.76
N LEU B 2 10.47 11.49 -1.66
CA LEU B 2 9.27 12.16 -2.10
C LEU B 2 8.85 13.40 -1.27
N PRO B 3 8.02 14.21 -1.93
CA PRO B 3 7.43 15.50 -1.48
C PRO B 3 6.39 15.41 -0.39
N PRO B 4 6.02 16.59 0.12
CA PRO B 4 4.99 16.77 1.15
C PRO B 4 3.69 16.15 0.77
N GLY B 5 2.90 15.86 1.79
CA GLY B 5 1.63 15.24 1.58
C GLY B 5 1.75 13.76 1.24
N TRP B 6 2.88 13.36 0.65
CA TRP B 6 3.12 11.99 0.27
C TRP B 6 3.46 11.15 1.47
N GLU B 7 2.87 9.98 1.55
CA GLU B 7 3.17 9.07 2.63
C GLU B 7 3.09 7.64 2.14
N LYS B 8 4.25 7.03 2.02
CA LYS B 8 4.35 5.65 1.56
C LYS B 8 3.35 4.77 2.34
N ARG B 9 2.56 3.96 1.64
CA ARG B 9 1.58 3.08 2.31
C ARG B 9 1.76 1.63 1.89
N CYS B 10 1.37 0.69 2.76
CA CYS B 10 1.49 -0.74 2.44
C CYS B 10 0.27 -1.53 2.89
N PHE B 11 -0.63 -1.80 1.94
CA PHE B 11 -1.83 -2.58 2.23
C PHE B 11 -1.68 -4.01 1.71
N TYR B 12 -2.07 -4.98 2.53
CA TYR B 12 -2.04 -6.37 2.14
C TYR B 12 -3.29 -6.63 1.30
N PHE B 13 -3.17 -7.42 0.25
CA PHE B 13 -4.34 -7.72 -0.56
C PHE B 13 -4.57 -9.21 -0.58
N ASN B 14 -5.71 -9.62 -0.05
CA ASN B 14 -6.05 -11.00 -0.01
C ASN B 14 -6.87 -11.34 -1.24
N ARG B 15 -6.20 -11.33 -2.39
CA ARG B 15 -6.85 -11.57 -3.68
C ARG B 15 -7.90 -12.69 -3.65
N ILE B 16 -7.86 -13.61 -2.67
CA ILE B 16 -8.86 -14.61 -2.56
C ILE B 16 -10.16 -13.94 -2.24
N THR B 17 -10.06 -13.12 -1.21
CA THR B 17 -11.16 -12.35 -0.72
C THR B 17 -11.02 -10.94 -1.21
N GLY B 18 -10.14 -10.79 -2.22
CA GLY B 18 -9.76 -9.50 -2.78
C GLY B 18 -9.73 -8.42 -1.72
N LYS B 19 -9.47 -8.88 -0.50
CA LYS B 19 -9.43 -8.03 0.67
C LYS B 19 -8.21 -7.14 0.71
N ARG B 20 -8.33 -6.09 1.50
CA ARG B 20 -7.26 -5.17 1.70
C ARG B 20 -7.20 -4.69 3.12
N GLN B 21 -6.00 -4.66 3.63
CA GLN B 21 -5.74 -4.23 4.97
C GLN B 21 -4.33 -3.72 5.07
N PHE B 22 -4.09 -2.70 5.86
CA PHE B 22 -2.73 -2.20 6.05
C PHE B 22 -2.01 -3.10 7.07
N GLU B 23 -2.26 -4.39 6.96
CA GLU B 23 -1.75 -5.39 7.87
C GLU B 23 -1.36 -6.66 7.21
N ARG B 24 -0.40 -7.30 7.85
CA ARG B 24 0.00 -8.62 7.50
C ARG B 24 -0.94 -9.51 8.29
N PRO B 25 -1.88 -10.11 7.58
CA PRO B 25 -2.94 -10.94 8.15
C PRO B 25 -2.46 -12.03 9.08
N SER B 26 -3.35 -12.33 10.01
CA SER B 26 -3.15 -13.32 11.06
C SER B 26 -2.23 -14.42 10.66
N ASP B 27 -2.46 -14.88 9.47
CA ASP B 27 -1.65 -15.89 8.88
C ASP B 27 -1.81 -17.27 9.55
N LYS A 1 5.62 -15.92 3.88
CA LYS A 1 4.78 -14.71 4.11
C LYS A 1 3.29 -15.08 4.28
N LEU A 2 2.47 -14.07 4.55
CA LEU A 2 1.04 -14.24 4.75
C LEU A 2 0.37 -15.24 3.77
N PRO A 3 -0.85 -15.62 4.14
CA PRO A 3 -1.75 -16.57 3.47
C PRO A 3 -1.96 -16.33 1.99
N PRO A 4 -2.47 -17.36 1.32
CA PRO A 4 -2.80 -17.34 -0.10
C PRO A 4 -3.71 -16.22 -0.48
N GLY A 5 -3.57 -15.83 -1.71
CA GLY A 5 -4.36 -14.74 -2.22
C GLY A 5 -3.86 -13.38 -1.75
N TRP A 6 -3.16 -13.35 -0.60
CA TRP A 6 -2.65 -12.10 -0.06
C TRP A 6 -1.46 -11.60 -0.85
N GLU A 7 -1.32 -10.30 -0.88
CA GLU A 7 -0.18 -9.69 -1.55
C GLU A 7 0.02 -8.29 -1.05
N LYS A 8 1.04 -8.14 -0.23
CA LYS A 8 1.37 -6.84 0.35
C LYS A 8 1.38 -5.78 -0.77
N ARG A 9 0.65 -4.69 -0.58
CA ARG A 9 0.59 -3.63 -1.60
C ARG A 9 0.95 -2.28 -1.00
N CYS A 10 2.12 -1.76 -1.37
CA CYS A 10 2.58 -0.47 -0.85
C CYS A 10 2.52 0.63 -1.91
N PHE A 11 1.53 1.51 -1.76
CA PHE A 11 1.35 2.64 -2.68
C PHE A 11 1.64 3.96 -1.95
N TYR A 12 2.29 4.89 -2.65
CA TYR A 12 2.55 6.20 -2.08
C TYR A 12 1.31 7.04 -2.30
N PHE A 13 0.92 7.81 -1.29
CA PHE A 13 -0.24 8.68 -1.44
C PHE A 13 0.19 10.10 -1.36
N ASN A 14 -0.07 10.83 -2.42
CA ASN A 14 0.31 12.20 -2.46
C ASN A 14 -0.89 13.04 -2.10
N ARG A 15 -1.25 13.03 -0.81
CA ARG A 15 -2.43 13.74 -0.33
C ARG A 15 -2.60 15.14 -0.94
N ILE A 16 -1.53 15.74 -1.49
CA ILE A 16 -1.67 17.00 -2.15
C ILE A 16 -2.52 16.79 -3.37
N THR A 17 -2.09 15.81 -4.13
CA THR A 17 -2.74 15.37 -5.31
C THR A 17 -3.68 14.24 -4.98
N GLY A 18 -3.78 13.99 -3.66
CA GLY A 18 -4.56 12.89 -3.12
C GLY A 18 -4.57 11.73 -4.08
N LYS A 19 -3.46 11.59 -4.80
CA LYS A 19 -3.32 10.56 -5.77
C LYS A 19 -2.36 9.48 -5.29
N ARG A 20 -2.46 8.33 -5.90
CA ARG A 20 -1.63 7.20 -5.51
C ARG A 20 -0.78 6.63 -6.61
N GLN A 21 0.37 6.13 -6.19
CA GLN A 21 1.30 5.48 -7.09
C GLN A 21 2.01 4.39 -6.32
N PHE A 22 2.37 3.30 -6.98
CA PHE A 22 3.10 2.23 -6.32
C PHE A 22 4.59 2.57 -6.34
N GLU A 23 4.88 3.84 -6.09
CA GLU A 23 6.23 4.37 -6.14
C GLU A 23 6.51 5.41 -5.13
N ARG A 24 7.79 5.44 -4.79
CA ARG A 24 8.33 6.48 -3.97
C ARG A 24 8.67 7.56 -4.98
N PRO A 25 7.88 8.62 -4.97
CA PRO A 25 7.97 9.71 -5.93
C PRO A 25 9.34 10.35 -6.01
N SER A 26 9.65 10.74 -7.24
CA SER A 26 10.91 11.36 -7.62
C SER A 26 11.36 12.34 -6.59
N ASP A 27 10.38 13.05 -6.12
CA ASP A 27 10.58 14.02 -5.09
C ASP A 27 11.38 15.25 -5.54
N LYS B 1 13.57 13.18 2.59
CA LYS B 1 12.33 12.37 2.72
C LYS B 1 11.34 12.68 1.60
N LEU B 2 10.20 12.00 1.64
CA LEU B 2 9.15 12.17 0.65
C LEU B 2 8.75 13.62 0.43
N PRO B 3 8.27 13.90 -0.78
CA PRO B 3 7.75 15.20 -1.19
C PRO B 3 6.47 15.50 -0.45
N PRO B 4 6.12 16.78 -0.40
CA PRO B 4 4.92 17.23 0.27
C PRO B 4 3.68 16.47 -0.11
N GLY B 5 2.86 16.29 0.91
CA GLY B 5 1.64 15.57 0.74
C GLY B 5 1.81 14.06 0.55
N TRP B 6 3.04 13.58 0.28
CA TRP B 6 3.26 12.15 0.07
C TRP B 6 3.42 11.41 1.38
N GLU B 7 3.02 10.15 1.34
CA GLU B 7 3.17 9.26 2.47
C GLU B 7 3.14 7.82 1.98
N LYS B 8 4.20 7.08 2.30
CA LYS B 8 4.30 5.70 1.85
C LYS B 8 3.37 4.82 2.69
N ARG B 9 2.33 4.31 2.06
CA ARG B 9 1.35 3.45 2.71
C ARG B 9 1.37 2.05 2.10
N CYS B 10 0.89 1.05 2.85
CA CYS B 10 0.89 -0.32 2.33
C CYS B 10 -0.20 -1.19 2.94
N PHE B 11 -1.20 -1.53 2.12
CA PHE B 11 -2.29 -2.40 2.55
C PHE B 11 -2.13 -3.77 1.87
N TYR B 12 -2.27 -4.82 2.65
CA TYR B 12 -2.20 -6.17 2.12
C TYR B 12 -3.52 -6.47 1.45
N PHE B 13 -3.50 -7.18 0.32
CA PHE B 13 -4.75 -7.52 -0.35
C PHE B 13 -4.87 -9.00 -0.47
N ASN B 14 -5.90 -9.53 0.15
CA ASN B 14 -6.13 -10.95 0.14
C ASN B 14 -7.05 -11.26 -1.03
N ARG B 15 -6.52 -11.13 -2.25
CA ARG B 15 -7.30 -11.33 -3.47
C ARG B 15 -8.28 -12.52 -3.40
N ILE B 16 -8.04 -13.50 -2.51
CA ILE B 16 -8.96 -14.57 -2.36
C ILE B 16 -10.26 -14.03 -1.84
N THR B 17 -10.09 -13.27 -0.78
CA THR B 17 -11.17 -12.62 -0.10
C THR B 17 -11.20 -11.16 -0.47
N GLY B 18 -10.47 -10.86 -1.55
CA GLY B 18 -10.25 -9.50 -2.02
C GLY B 18 -10.18 -8.52 -0.86
N LYS B 19 -9.74 -9.05 0.27
CA LYS B 19 -9.60 -8.30 1.50
C LYS B 19 -8.46 -7.34 1.48
N ARG B 20 -8.53 -6.36 2.38
CA ARG B 20 -7.48 -5.38 2.52
C ARG B 20 -7.24 -5.04 3.96
N GLN B 21 -5.98 -4.98 4.30
CA GLN B 21 -5.56 -4.65 5.63
C GLN B 21 -4.16 -4.07 5.59
N PHE B 22 -3.87 -3.10 6.43
CA PHE B 22 -2.51 -2.54 6.47
C PHE B 22 -1.60 -3.47 7.28
N GLU B 23 -1.79 -4.78 7.07
CA GLU B 23 -1.09 -5.82 7.79
C GLU B 23 -0.82 -7.03 6.96
N ARG B 24 0.19 -7.76 7.44
CA ARG B 24 0.50 -9.04 6.91
C ARG B 24 -0.20 -10.01 7.86
N PRO B 25 -1.33 -10.53 7.38
CA PRO B 25 -2.25 -11.39 8.11
C PRO B 25 -1.61 -12.55 8.84
N SER B 26 -2.30 -12.93 9.92
CA SER B 26 -1.91 -13.99 10.83
C SER B 26 -1.13 -15.08 10.18
N ASP B 27 -1.61 -15.43 9.02
CA ASP B 27 -0.98 -16.44 8.22
C ASP B 27 -1.13 -17.85 8.79
N LYS A 1 5.45 -15.40 6.68
CA LYS A 1 4.84 -14.45 5.70
C LYS A 1 3.39 -14.84 5.38
N LEU A 2 2.63 -13.90 4.78
CA LEU A 2 1.24 -14.15 4.49
C LEU A 2 0.96 -15.21 3.39
N PRO A 3 -0.29 -15.68 3.45
CA PRO A 3 -0.95 -16.72 2.62
C PRO A 3 -1.32 -16.31 1.21
N PRO A 4 -1.77 -17.31 0.44
CA PRO A 4 -2.27 -17.17 -0.92
C PRO A 4 -3.41 -16.20 -1.01
N GLY A 5 -3.61 -15.69 -2.19
CA GLY A 5 -4.64 -14.73 -2.40
C GLY A 5 -4.23 -13.34 -1.92
N TRP A 6 -3.40 -13.30 -0.87
CA TRP A 6 -2.91 -12.07 -0.28
C TRP A 6 -1.86 -11.45 -1.16
N GLU A 7 -1.94 -10.16 -1.34
CA GLU A 7 -0.94 -9.46 -2.11
C GLU A 7 -0.72 -8.09 -1.55
N LYS A 8 0.43 -7.92 -0.91
CA LYS A 8 0.78 -6.64 -0.32
C LYS A 8 0.56 -5.51 -1.34
N ARG A 9 -0.06 -4.40 -0.92
CA ARG A 9 -0.29 -3.28 -1.84
C ARG A 9 0.16 -1.96 -1.22
N CYS A 10 1.39 -1.54 -1.55
CA CYS A 10 1.94 -0.29 -1.01
C CYS A 10 1.97 0.80 -2.06
N PHE A 11 1.01 1.73 -1.97
CA PHE A 11 0.93 2.85 -2.88
C PHE A 11 1.22 4.15 -2.14
N TYR A 12 1.91 5.07 -2.79
CA TYR A 12 2.19 6.36 -2.20
C TYR A 12 1.06 7.28 -2.55
N PHE A 13 0.63 8.13 -1.63
CA PHE A 13 -0.44 9.07 -1.94
C PHE A 13 0.10 10.46 -1.85
N ASN A 14 0.03 11.16 -2.95
CA ASN A 14 0.52 12.50 -3.01
C ASN A 14 -0.63 13.44 -2.77
N ARG A 15 -1.11 13.47 -1.52
CA ARG A 15 -2.27 14.31 -1.15
C ARG A 15 -2.27 15.68 -1.81
N ILE A 16 -1.10 16.20 -2.27
CA ILE A 16 -1.08 17.44 -2.96
C ILE A 16 -1.82 17.27 -4.26
N THR A 17 -1.40 16.22 -4.95
CA THR A 17 -1.97 15.81 -6.18
C THR A 17 -3.03 14.77 -5.93
N GLY A 18 -3.29 14.56 -4.62
CA GLY A 18 -4.20 13.55 -4.14
C GLY A 18 -4.22 12.37 -5.08
N LYS A 19 -3.05 12.12 -5.67
CA LYS A 19 -2.89 11.06 -6.62
C LYS A 19 -2.06 9.94 -6.01
N ARG A 20 -2.16 8.77 -6.62
CA ARG A 20 -1.46 7.60 -6.12
C ARG A 20 -0.54 6.93 -7.12
N GLN A 21 0.50 6.34 -6.56
CA GLN A 21 1.47 5.60 -7.33
C GLN A 21 2.00 4.46 -6.49
N PHE A 22 2.38 3.35 -7.10
CA PHE A 22 2.96 2.24 -6.34
C PHE A 22 4.46 2.47 -6.19
N GLU A 23 4.82 3.73 -5.95
CA GLU A 23 6.20 4.15 -5.85
C GLU A 23 6.44 5.18 -4.80
N ARG A 24 7.66 5.13 -4.31
CA ARG A 24 8.17 6.12 -3.42
C ARG A 24 8.66 7.25 -4.32
N PRO A 25 7.88 8.31 -4.35
CA PRO A 25 8.12 9.48 -5.21
C PRO A 25 9.32 10.28 -4.84
N SER A 26 9.88 10.89 -5.86
CA SER A 26 11.03 11.71 -5.69
C SER A 26 10.73 12.99 -5.00
N ASP A 27 11.69 13.31 -4.22
CA ASP A 27 11.72 14.47 -3.37
C ASP A 27 11.47 15.77 -4.15
N LYS B 1 13.37 12.24 3.31
CA LYS B 1 11.96 11.78 3.47
C LYS B 1 11.10 12.15 2.25
N LEU B 2 9.89 11.57 2.18
CA LEU B 2 8.98 11.82 1.09
C LEU B 2 8.76 13.30 0.78
N PRO B 3 8.43 13.57 -0.49
CA PRO B 3 8.08 14.89 -0.99
C PRO B 3 6.76 15.34 -0.42
N PRO B 4 6.52 16.64 -0.43
CA PRO B 4 5.30 17.22 0.08
C PRO B 4 4.05 16.54 -0.37
N GLY B 5 3.11 16.50 0.55
CA GLY B 5 1.84 15.87 0.31
C GLY B 5 1.89 14.36 0.16
N TRP B 6 3.08 13.75 0.07
CA TRP B 6 3.18 12.30 -0.10
C TRP B 6 3.16 11.56 1.22
N GLU B 7 2.58 10.38 1.17
CA GLU B 7 2.53 9.49 2.33
C GLU B 7 2.49 8.05 1.87
N LYS B 8 3.43 7.24 2.37
CA LYS B 8 3.50 5.84 1.99
C LYS B 8 2.44 5.04 2.74
N ARG B 9 1.57 4.36 1.99
CA ARG B 9 0.51 3.55 2.60
C ARG B 9 0.48 2.18 1.94
N CYS B 10 0.37 1.12 2.75
CA CYS B 10 0.36 -0.24 2.20
C CYS B 10 -0.62 -1.17 2.90
N PHE B 11 -1.66 -1.58 2.17
CA PHE B 11 -2.63 -2.53 2.71
C PHE B 11 -2.53 -3.83 1.92
N TYR B 12 -2.48 -4.94 2.64
CA TYR B 12 -2.43 -6.25 2.01
C TYR B 12 -3.83 -6.59 1.56
N PHE B 13 -3.97 -7.26 0.43
CA PHE B 13 -5.29 -7.64 -0.04
C PHE B 13 -5.35 -9.12 -0.23
N ASN B 14 -6.21 -9.75 0.55
CA ASN B 14 -6.37 -11.18 0.47
C ASN B 14 -7.44 -11.47 -0.55
N ARG B 15 -7.13 -11.23 -1.83
CA ARG B 15 -8.08 -11.40 -2.92
C ARG B 15 -8.95 -12.66 -2.77
N ILE B 16 -8.51 -13.68 -2.02
CA ILE B 16 -9.31 -14.81 -1.80
C ILE B 16 -10.54 -14.40 -1.04
N THR B 17 -10.26 -13.70 0.03
CA THR B 17 -11.25 -13.19 0.92
C THR B 17 -11.43 -11.70 0.69
N GLY B 18 -10.90 -11.26 -0.47
CA GLY B 18 -10.86 -9.86 -0.85
C GLY B 18 -10.64 -8.97 0.36
N LYS B 19 -9.97 -9.55 1.35
CA LYS B 19 -9.66 -8.90 2.61
C LYS B 19 -8.59 -7.83 2.46
N ARG B 20 -8.56 -6.94 3.42
CA ARG B 20 -7.57 -5.89 3.46
C ARG B 20 -7.09 -5.59 4.85
N GLN B 21 -5.79 -5.41 4.95
CA GLN B 21 -5.14 -5.10 6.20
C GLN B 21 -3.81 -4.43 5.91
N PHE B 22 -3.38 -3.52 6.74
CA PHE B 22 -2.08 -2.88 6.53
C PHE B 22 -0.97 -3.81 7.05
N GLU B 23 -1.14 -5.11 6.79
CA GLU B 23 -0.25 -6.14 7.27
C GLU B 23 -0.13 -7.31 6.35
N ARG B 24 0.98 -8.03 6.54
CA ARG B 24 1.19 -9.29 5.90
C ARG B 24 0.75 -10.30 6.96
N PRO B 25 -0.46 -10.83 6.74
CA PRO B 25 -1.16 -11.74 7.66
C PRO B 25 -0.35 -12.92 8.13
N SER B 26 -0.64 -13.27 9.37
CA SER B 26 -0.01 -14.38 10.08
C SER B 26 0.10 -15.60 9.24
N ASP B 27 -0.95 -15.78 8.48
CA ASP B 27 -1.03 -16.87 7.56
C ASP B 27 -1.27 -18.23 8.26
N LYS A 1 5.26 -16.72 2.85
CA LYS A 1 4.91 -16.36 4.25
C LYS A 1 3.41 -16.10 4.39
N LEU A 2 2.94 -15.14 3.63
CA LEU A 2 1.55 -14.74 3.63
C LEU A 2 0.57 -15.87 3.39
N PRO A 3 -0.64 -15.70 3.95
CA PRO A 3 -1.76 -16.61 3.78
C PRO A 3 -2.29 -16.51 2.37
N PRO A 4 -3.01 -17.52 1.93
CA PRO A 4 -3.58 -17.57 0.60
C PRO A 4 -4.30 -16.33 0.18
N GLY A 5 -4.11 -16.04 -1.10
CA GLY A 5 -4.71 -14.89 -1.70
C GLY A 5 -4.09 -13.55 -1.26
N TRP A 6 -3.32 -13.53 -0.14
CA TRP A 6 -2.72 -12.30 0.34
C TRP A 6 -1.48 -11.92 -0.45
N GLU A 7 -1.29 -10.62 -0.58
CA GLU A 7 -0.13 -10.07 -1.25
C GLU A 7 0.14 -8.67 -0.70
N LYS A 8 1.35 -8.47 -0.20
CA LYS A 8 1.72 -7.18 0.38
C LYS A 8 1.92 -6.15 -0.73
N ARG A 9 1.24 -5.01 -0.63
CA ARG A 9 1.35 -3.94 -1.63
C ARG A 9 1.60 -2.59 -0.96
N CYS A 10 2.38 -1.72 -1.62
CA CYS A 10 2.69 -0.41 -1.07
C CYS A 10 2.55 0.70 -2.12
N PHE A 11 1.54 1.55 -1.94
CA PHE A 11 1.32 2.67 -2.84
C PHE A 11 1.55 4.00 -2.11
N TYR A 12 2.25 4.92 -2.76
CA TYR A 12 2.50 6.23 -2.18
C TYR A 12 1.25 7.08 -2.41
N PHE A 13 0.91 7.93 -1.45
CA PHE A 13 -0.26 8.79 -1.62
C PHE A 13 0.12 10.22 -1.34
N ASN A 14 0.03 11.06 -2.36
CA ASN A 14 0.35 12.45 -2.21
C ASN A 14 -0.93 13.20 -1.98
N ARG A 15 -1.43 13.19 -0.76
CA ARG A 15 -2.69 13.83 -0.41
C ARG A 15 -2.83 15.25 -1.00
N ILE A 16 -1.72 15.89 -1.45
CA ILE A 16 -1.82 17.16 -2.08
C ILE A 16 -2.58 17.00 -3.37
N THR A 17 -2.06 16.08 -4.15
CA THR A 17 -2.63 15.72 -5.41
C THR A 17 -3.40 14.44 -5.23
N GLY A 18 -3.63 14.12 -3.94
CA GLY A 18 -4.28 12.90 -3.52
C GLY A 18 -4.02 11.77 -4.47
N LYS A 19 -2.84 11.81 -5.09
CA LYS A 19 -2.48 10.82 -6.07
C LYS A 19 -1.91 9.57 -5.45
N ARG A 20 -1.94 8.52 -6.23
CA ARG A 20 -1.40 7.25 -5.78
C ARG A 20 -0.54 6.61 -6.81
N GLN A 21 0.54 6.03 -6.33
CA GLN A 21 1.49 5.35 -7.19
C GLN A 21 2.19 4.28 -6.38
N PHE A 22 2.55 3.17 -7.01
CA PHE A 22 3.28 2.13 -6.31
C PHE A 22 4.77 2.49 -6.33
N GLU A 23 5.04 3.79 -6.14
CA GLU A 23 6.37 4.34 -6.20
C GLU A 23 6.60 5.40 -5.18
N ARG A 24 7.87 5.50 -4.82
CA ARG A 24 8.34 6.55 -3.99
C ARG A 24 8.63 7.71 -4.92
N PRO A 25 7.74 8.69 -4.88
CA PRO A 25 7.79 9.87 -5.76
C PRO A 25 8.93 10.80 -5.49
N SER A 26 9.33 11.47 -6.54
CA SER A 26 10.40 12.39 -6.46
C SER A 26 10.02 13.64 -5.75
N ASP A 27 11.02 14.06 -5.04
CA ASP A 27 11.00 15.22 -4.22
C ASP A 27 10.58 16.49 -4.97
N LYS B 1 13.58 13.21 2.08
CA LYS B 1 12.28 12.54 2.38
C LYS B 1 11.25 12.83 1.29
N LEU B 2 10.11 12.14 1.37
CA LEU B 2 9.04 12.30 0.40
C LEU B 2 8.63 13.74 0.15
N PRO B 3 8.13 13.98 -1.06
CA PRO B 3 7.60 15.27 -1.50
C PRO B 3 6.32 15.57 -0.76
N PRO B 4 5.93 16.83 -0.72
CA PRO B 4 4.74 17.27 -0.05
C PRO B 4 3.51 16.48 -0.36
N GLY B 5 2.72 16.30 0.68
CA GLY B 5 1.50 15.56 0.59
C GLY B 5 1.70 14.04 0.44
N TRP B 6 2.89 13.59 0.04
CA TRP B 6 3.15 12.17 -0.14
C TRP B 6 3.33 11.44 1.18
N GLU B 7 2.99 10.17 1.16
CA GLU B 7 3.15 9.30 2.31
C GLU B 7 3.13 7.85 1.84
N LYS B 8 4.20 7.12 2.16
CA LYS B 8 4.31 5.73 1.75
C LYS B 8 3.39 4.85 2.61
N ARG B 9 2.47 4.14 1.96
CA ARG B 9 1.52 3.27 2.66
C ARG B 9 1.54 1.86 2.07
N CYS B 10 1.31 0.85 2.92
CA CYS B 10 1.30 -0.54 2.47
C CYS B 10 0.13 -1.33 3.04
N PHE B 11 -0.78 -1.75 2.15
CA PHE B 11 -1.92 -2.55 2.55
C PHE B 11 -1.82 -3.95 1.95
N TYR B 12 -2.12 -4.96 2.75
CA TYR B 12 -2.13 -6.34 2.28
C TYR B 12 -3.44 -6.59 1.58
N PHE B 13 -3.42 -7.38 0.51
CA PHE B 13 -4.67 -7.69 -0.20
C PHE B 13 -4.80 -9.18 -0.39
N ASN B 14 -5.81 -9.76 0.23
CA ASN B 14 -6.05 -11.17 0.10
C ASN B 14 -7.09 -11.37 -0.96
N ARG B 15 -6.66 -11.39 -2.21
CA ARG B 15 -7.59 -11.53 -3.33
C ARG B 15 -8.59 -12.69 -3.14
N ILE B 16 -8.37 -13.60 -2.17
CA ILE B 16 -9.31 -14.63 -1.90
C ILE B 16 -10.56 -14.01 -1.36
N THR B 17 -10.33 -13.23 -0.33
CA THR B 17 -11.36 -12.49 0.34
C THR B 17 -11.27 -11.05 -0.11
N GLY B 18 -10.51 -10.88 -1.21
CA GLY B 18 -10.20 -9.58 -1.77
C GLY B 18 -10.17 -8.50 -0.72
N LYS B 19 -9.76 -8.90 0.48
CA LYS B 19 -9.71 -7.99 1.60
C LYS B 19 -8.44 -7.18 1.64
N ARG B 20 -8.52 -6.08 2.35
CA ARG B 20 -7.38 -5.22 2.51
C ARG B 20 -7.18 -4.81 3.95
N GLN B 21 -5.92 -4.78 4.32
CA GLN B 21 -5.52 -4.40 5.65
C GLN B 21 -4.13 -3.82 5.62
N PHE B 22 -3.85 -2.86 6.47
CA PHE B 22 -2.50 -2.28 6.53
C PHE B 22 -1.62 -3.18 7.41
N GLU B 23 -1.83 -4.49 7.26
CA GLU B 23 -1.15 -5.50 8.04
C GLU B 23 -0.83 -6.71 7.25
N ARG B 24 0.21 -7.39 7.74
CA ARG B 24 0.59 -8.66 7.23
C ARG B 24 -0.27 -9.67 7.98
N PRO B 25 -1.27 -10.19 7.28
CA PRO B 25 -2.26 -11.12 7.82
C PRO B 25 -1.70 -12.45 8.19
N SER B 26 -2.34 -13.04 9.19
CA SER B 26 -1.95 -14.30 9.68
C SER B 26 -2.22 -15.41 8.72
N ASP B 27 -1.27 -16.27 8.77
CA ASP B 27 -1.19 -17.44 7.96
C ASP B 27 -2.46 -18.30 8.02
N LYS A 1 5.81 -15.96 2.30
CA LYS A 1 5.05 -14.79 2.83
C LYS A 1 3.64 -15.19 3.28
N LEU A 2 2.90 -14.19 3.77
CA LEU A 2 1.55 -14.36 4.27
C LEU A 2 0.67 -15.33 3.43
N PRO A 3 -0.43 -15.73 4.08
CA PRO A 3 -1.45 -16.67 3.59
C PRO A 3 -1.91 -16.47 2.16
N PRO A 4 -2.56 -17.52 1.63
CA PRO A 4 -3.11 -17.54 0.28
C PRO A 4 -3.99 -16.37 -0.03
N GLY A 5 -4.03 -16.08 -1.31
CA GLY A 5 -4.81 -14.98 -1.78
C GLY A 5 -4.23 -13.62 -1.40
N TRP A 6 -3.29 -13.57 -0.45
CA TRP A 6 -2.71 -12.32 -0.01
C TRP A 6 -1.63 -11.86 -0.95
N GLU A 7 -1.48 -10.55 -1.00
CA GLU A 7 -0.42 -9.93 -1.77
C GLU A 7 -0.23 -8.50 -1.34
N LYS A 8 0.83 -8.30 -0.58
CA LYS A 8 1.16 -6.97 -0.08
C LYS A 8 1.02 -5.94 -1.21
N ARG A 9 0.38 -4.81 -0.93
CA ARG A 9 0.18 -3.77 -1.93
C ARG A 9 0.43 -2.38 -1.34
N CYS A 10 1.47 -1.70 -1.82
CA CYS A 10 1.81 -0.37 -1.31
C CYS A 10 1.89 0.68 -2.39
N PHE A 11 1.02 1.70 -2.28
CA PHE A 11 1.02 2.82 -3.20
C PHE A 11 1.21 4.12 -2.42
N TYR A 12 2.08 4.99 -2.91
CA TYR A 12 2.31 6.27 -2.27
C TYR A 12 1.16 7.18 -2.67
N PHE A 13 0.66 7.98 -1.74
CA PHE A 13 -0.43 8.91 -2.08
C PHE A 13 0.02 10.32 -1.82
N ASN A 14 0.03 11.11 -2.88
CA ASN A 14 0.44 12.48 -2.77
C ASN A 14 -0.80 13.33 -2.60
N ARG A 15 -1.42 13.22 -1.42
CA ARG A 15 -2.66 13.93 -1.12
C ARG A 15 -2.71 15.38 -1.64
N ILE A 16 -1.55 16.01 -1.91
CA ILE A 16 -1.55 17.31 -2.47
C ILE A 16 -2.15 17.24 -3.84
N THR A 17 -1.60 16.31 -4.58
CA THR A 17 -2.01 16.03 -5.92
C THR A 17 -2.86 14.78 -5.93
N GLY A 18 -3.31 14.43 -4.70
CA GLY A 18 -4.06 13.21 -4.45
C GLY A 18 -3.59 12.08 -5.34
N LYS A 19 -2.32 12.18 -5.73
CA LYS A 19 -1.67 11.23 -6.61
C LYS A 19 -1.42 9.90 -5.94
N ARG A 20 -1.24 8.90 -6.79
CA ARG A 20 -0.92 7.57 -6.34
C ARG A 20 0.08 6.91 -7.26
N GLN A 21 1.03 6.27 -6.63
CA GLN A 21 2.06 5.57 -7.34
C GLN A 21 2.60 4.47 -6.47
N PHE A 22 2.96 3.34 -7.06
CA PHE A 22 3.54 2.25 -6.28
C PHE A 22 5.04 2.55 -6.06
N GLU A 23 5.33 3.82 -5.81
CA GLU A 23 6.67 4.32 -5.65
C GLU A 23 6.80 5.37 -4.61
N ARG A 24 8.01 5.43 -4.07
CA ARG A 24 8.39 6.48 -3.18
C ARG A 24 8.88 7.59 -4.09
N PRO A 25 8.06 8.62 -4.20
CA PRO A 25 8.30 9.75 -5.09
C PRO A 25 9.56 10.53 -4.85
N SER A 26 10.10 10.96 -5.97
CA SER A 26 11.30 11.76 -6.06
C SER A 26 11.07 13.11 -5.49
N ASP A 27 9.82 13.51 -5.63
CA ASP A 27 9.31 14.77 -5.17
C ASP A 27 9.29 15.83 -6.28
N LYS B 1 13.20 12.10 3.35
CA LYS B 1 11.79 11.67 3.58
C LYS B 1 10.89 12.09 2.42
N LEU B 2 9.66 11.56 2.41
CA LEU B 2 8.69 11.84 1.37
C LEU B 2 8.42 13.32 1.17
N PRO B 3 8.06 13.66 -0.07
CA PRO B 3 7.67 15.02 -0.47
C PRO B 3 6.32 15.35 0.11
N PRO B 4 6.03 16.63 0.22
CA PRO B 4 4.78 17.11 0.76
C PRO B 4 3.57 16.45 0.17
N GLY B 5 2.62 16.23 1.03
CA GLY B 5 1.39 15.60 0.65
C GLY B 5 1.51 14.08 0.41
N TRP B 6 2.73 13.55 0.28
CA TRP B 6 2.92 12.12 0.04
C TRP B 6 2.86 11.32 1.32
N GLU B 7 2.43 10.09 1.19
CA GLU B 7 2.36 9.17 2.31
C GLU B 7 2.36 7.74 1.79
N LYS B 8 3.30 6.93 2.25
CA LYS B 8 3.40 5.56 1.81
C LYS B 8 2.28 4.74 2.44
N ARG B 9 1.49 4.06 1.60
CA ARG B 9 0.38 3.25 2.08
C ARG B 9 0.52 1.80 1.64
N CYS B 10 1.06 0.96 2.53
CA CYS B 10 1.25 -0.46 2.21
C CYS B 10 0.20 -1.34 2.88
N PHE B 11 -0.84 -1.67 2.12
CA PHE B 11 -1.92 -2.52 2.61
C PHE B 11 -1.86 -3.88 1.93
N TYR B 12 -2.11 -4.93 2.70
CA TYR B 12 -2.12 -6.27 2.14
C TYR B 12 -3.50 -6.57 1.60
N PHE B 13 -3.57 -7.22 0.44
CA PHE B 13 -4.87 -7.55 -0.14
C PHE B 13 -5.02 -9.04 -0.17
N ASN B 14 -6.07 -9.51 0.47
CA ASN B 14 -6.34 -10.90 0.52
C ASN B 14 -7.36 -11.21 -0.54
N ARG B 15 -6.93 -11.23 -1.80
CA ARG B 15 -7.86 -11.46 -2.90
C ARG B 15 -8.84 -12.61 -2.65
N ILE B 16 -8.55 -13.51 -1.67
CA ILE B 16 -9.48 -14.53 -1.33
C ILE B 16 -10.69 -13.88 -0.74
N THR B 17 -10.40 -13.05 0.24
CA THR B 17 -11.37 -12.27 0.95
C THR B 17 -11.48 -10.90 0.33
N GLY B 18 -10.77 -10.76 -0.81
CA GLY B 18 -10.65 -9.49 -1.52
C GLY B 18 -10.73 -8.34 -0.56
N LYS B 19 -10.20 -8.57 0.65
CA LYS B 19 -10.20 -7.59 1.69
C LYS B 19 -8.80 -7.06 1.92
N ARG B 20 -8.71 -5.93 2.60
CA ARG B 20 -7.42 -5.29 2.82
C ARG B 20 -7.03 -5.09 4.27
N GLN B 21 -5.73 -5.18 4.50
CA GLN B 21 -5.11 -5.00 5.80
C GLN B 21 -3.95 -4.02 5.68
N PHE B 22 -3.43 -3.55 6.80
CA PHE B 22 -2.24 -2.69 6.79
C PHE B 22 -1.10 -3.50 7.42
N GLU B 23 -1.20 -4.81 7.21
CA GLU B 23 -0.30 -5.82 7.76
C GLU B 23 -0.12 -6.99 6.84
N ARG B 24 0.92 -7.76 7.15
CA ARG B 24 1.18 -9.01 6.49
C ARG B 24 0.59 -10.10 7.39
N PRO B 25 -0.69 -10.36 7.16
CA PRO B 25 -1.54 -11.31 7.90
C PRO B 25 -0.87 -12.60 8.30
N SER B 26 -1.35 -13.11 9.41
CA SER B 26 -0.85 -14.32 9.97
C SER B 26 -1.29 -15.52 9.20
N ASP B 27 -0.48 -16.51 9.36
CA ASP B 27 -0.61 -17.78 8.72
C ASP B 27 -1.34 -18.81 9.60
N LYS A 1 3.34 -15.32 9.36
CA LYS A 1 3.22 -14.76 7.97
C LYS A 1 1.84 -15.03 7.40
N LEU A 2 1.46 -14.22 6.39
CA LEU A 2 0.16 -14.33 5.77
C LEU A 2 0.04 -15.45 4.70
N PRO A 3 -1.23 -15.76 4.42
CA PRO A 3 -1.76 -16.80 3.49
C PRO A 3 -1.75 -16.46 2.01
N PRO A 4 -2.16 -17.48 1.22
CA PRO A 4 -2.31 -17.41 -0.22
C PRO A 4 -3.27 -16.35 -0.64
N GLY A 5 -3.14 -15.96 -1.88
CA GLY A 5 -3.96 -14.91 -2.42
C GLY A 5 -3.52 -13.53 -1.92
N TRP A 6 -3.03 -13.49 -0.67
CA TRP A 6 -2.57 -12.27 -0.05
C TRP A 6 -1.26 -11.83 -0.69
N GLU A 7 -1.08 -10.52 -0.79
CA GLU A 7 0.15 -9.97 -1.34
C GLU A 7 0.29 -8.52 -0.96
N LYS A 8 1.22 -8.27 -0.04
CA LYS A 8 1.50 -6.91 0.43
C LYS A 8 1.52 -5.95 -0.78
N ARG A 9 0.81 -4.82 -0.69
CA ARG A 9 0.78 -3.84 -1.78
C ARG A 9 1.17 -2.46 -1.26
N CYS A 10 2.26 -1.89 -1.80
CA CYS A 10 2.72 -0.57 -1.35
C CYS A 10 2.52 0.54 -2.37
N PHE A 11 1.66 1.51 -2.01
CA PHE A 11 1.41 2.67 -2.86
C PHE A 11 1.64 3.95 -2.07
N TYR A 12 2.37 4.89 -2.65
CA TYR A 12 2.62 6.17 -2.02
C TYR A 12 1.36 7.00 -2.14
N PHE A 13 1.02 7.78 -1.13
CA PHE A 13 -0.17 8.61 -1.21
C PHE A 13 0.18 10.06 -0.95
N ASN A 14 -0.07 10.88 -1.96
CA ASN A 14 0.22 12.29 -1.83
C ASN A 14 -1.04 12.97 -1.35
N ARG A 15 -1.35 12.79 -0.07
CA ARG A 15 -2.58 13.35 0.53
C ARG A 15 -2.88 14.78 0.08
N ILE A 16 -1.88 15.55 -0.40
CA ILE A 16 -2.14 16.85 -0.88
C ILE A 16 -3.02 16.75 -2.10
N THR A 17 -2.54 15.92 -2.99
CA THR A 17 -3.20 15.64 -4.23
C THR A 17 -3.87 14.30 -4.16
N GLY A 18 -4.03 13.86 -2.89
CA GLY A 18 -4.57 12.53 -2.60
C GLY A 18 -4.16 11.52 -3.64
N LYS A 19 -3.00 11.79 -4.24
CA LYS A 19 -2.44 10.97 -5.28
C LYS A 19 -1.95 9.63 -4.77
N ARG A 20 -1.86 8.69 -5.69
CA ARG A 20 -1.36 7.37 -5.37
C ARG A 20 -0.51 6.81 -6.48
N GLN A 21 0.59 6.23 -6.06
CA GLN A 21 1.54 5.62 -6.96
C GLN A 21 2.33 4.57 -6.22
N PHE A 22 2.68 3.48 -6.87
CA PHE A 22 3.49 2.46 -6.22
C PHE A 22 4.97 2.89 -6.24
N GLU A 23 5.18 4.19 -6.01
CA GLU A 23 6.50 4.81 -6.07
C GLU A 23 6.67 5.95 -5.12
N ARG A 24 7.93 6.20 -4.82
CA ARG A 24 8.33 7.36 -4.08
C ARG A 24 8.66 8.38 -5.17
N PRO A 25 7.73 9.32 -5.35
CA PRO A 25 7.75 10.33 -6.40
C PRO A 25 9.04 11.12 -6.51
N SER A 26 9.32 11.43 -7.76
CA SER A 26 10.51 12.17 -8.18
C SER A 26 10.72 13.39 -7.37
N ASP A 27 9.61 13.99 -7.06
CA ASP A 27 9.58 15.19 -6.26
C ASP A 27 9.96 16.44 -7.06
N LYS B 1 13.34 11.85 1.40
CA LYS B 1 12.20 11.09 0.83
C LYS B 1 11.27 12.01 0.02
N LEU B 2 10.35 11.41 -0.73
CA LEU B 2 9.39 12.13 -1.56
C LEU B 2 8.78 13.39 -0.90
N PRO B 3 8.16 14.20 -1.77
CA PRO B 3 7.48 15.48 -1.51
C PRO B 3 6.41 15.46 -0.43
N PRO B 4 6.02 16.65 0.00
CA PRO B 4 4.98 16.87 0.99
C PRO B 4 3.68 16.24 0.62
N GLY B 5 2.92 15.95 1.64
CA GLY B 5 1.66 15.30 1.43
C GLY B 5 1.80 13.81 1.11
N TRP B 6 2.95 13.41 0.55
CA TRP B 6 3.20 12.03 0.21
C TRP B 6 3.52 11.21 1.43
N GLU B 7 2.96 10.02 1.49
CA GLU B 7 3.25 9.12 2.58
C GLU B 7 3.20 7.70 2.09
N LYS B 8 4.38 7.12 1.95
CA LYS B 8 4.50 5.74 1.49
C LYS B 8 3.50 4.85 2.26
N ARG B 9 2.75 4.02 1.55
CA ARG B 9 1.77 3.14 2.19
C ARG B 9 1.94 1.68 1.75
N CYS B 10 1.41 0.75 2.56
CA CYS B 10 1.49 -0.68 2.24
C CYS B 10 0.32 -1.47 2.80
N PHE B 11 -0.65 -1.77 1.94
CA PHE B 11 -1.80 -2.56 2.35
C PHE B 11 -1.73 -3.94 1.69
N TYR B 12 -1.96 -4.99 2.46
CA TYR B 12 -1.96 -6.33 1.93
C TYR B 12 -3.27 -6.56 1.21
N PHE B 13 -3.25 -7.33 0.14
CA PHE B 13 -4.48 -7.63 -0.59
C PHE B 13 -4.59 -9.11 -0.83
N ASN B 14 -5.60 -9.71 -0.24
CA ASN B 14 -5.83 -11.11 -0.43
C ASN B 14 -6.82 -11.28 -1.53
N ARG B 15 -6.36 -11.34 -2.75
CA ARG B 15 -7.26 -11.47 -3.87
C ARG B 15 -8.21 -12.67 -3.72
N ILE B 16 -7.98 -13.54 -2.70
CA ILE B 16 -8.86 -14.61 -2.45
C ILE B 16 -10.18 -14.05 -2.00
N THR B 17 -10.06 -13.19 -1.00
CA THR B 17 -11.16 -12.49 -0.42
C THR B 17 -11.07 -11.04 -0.80
N GLY B 18 -10.27 -10.81 -1.86
CA GLY B 18 -9.95 -9.49 -2.35
C GLY B 18 -9.96 -8.46 -1.26
N LYS B 19 -9.58 -8.90 -0.05
CA LYS B 19 -9.57 -8.03 1.10
C LYS B 19 -8.29 -7.22 1.22
N ARG B 20 -8.37 -6.17 2.00
CA ARG B 20 -7.22 -5.32 2.21
C ARG B 20 -6.93 -5.06 3.67
N GLN B 21 -5.65 -5.04 3.96
CA GLN B 21 -5.13 -4.82 5.30
C GLN B 21 -3.91 -3.92 5.23
N PHE B 22 -3.44 -3.45 6.37
CA PHE B 22 -2.20 -2.68 6.41
C PHE B 22 -1.16 -3.55 7.13
N GLU B 23 -1.33 -4.87 6.92
CA GLU B 23 -0.57 -5.92 7.55
C GLU B 23 -0.45 -7.14 6.69
N ARG B 24 0.45 -8.01 7.13
CA ARG B 24 0.62 -9.31 6.54
C ARG B 24 -0.15 -10.29 7.43
N PRO B 25 -1.44 -10.45 7.09
CA PRO B 25 -2.44 -11.24 7.80
C PRO B 25 -1.93 -12.44 8.57
N SER B 26 -2.58 -12.63 9.70
CA SER B 26 -2.30 -13.69 10.65
C SER B 26 -2.22 -15.01 9.98
N ASP B 27 -3.08 -15.16 9.02
CA ASP B 27 -3.15 -16.35 8.23
C ASP B 27 -3.78 -17.54 8.99
N LYS A 1 5.62 -14.71 6.96
CA LYS A 1 4.98 -13.98 5.82
C LYS A 1 3.52 -14.36 5.65
N LEU A 2 2.76 -13.52 4.93
CA LEU A 2 1.35 -13.80 4.73
C LEU A 2 1.05 -14.93 3.72
N PRO A 3 -0.18 -15.43 3.87
CA PRO A 3 -0.82 -16.54 3.10
C PRO A 3 -1.16 -16.25 1.67
N PRO A 4 -1.57 -17.31 0.97
CA PRO A 4 -1.99 -17.28 -0.42
C PRO A 4 -3.10 -16.29 -0.67
N GLY A 5 -3.20 -15.91 -1.92
CA GLY A 5 -4.17 -14.93 -2.31
C GLY A 5 -3.81 -13.52 -1.90
N TRP A 6 -3.03 -13.39 -0.82
CA TRP A 6 -2.60 -12.10 -0.31
C TRP A 6 -1.56 -11.48 -1.20
N GLU A 7 -1.66 -10.18 -1.37
CA GLU A 7 -0.67 -9.47 -2.15
C GLU A 7 -0.47 -8.08 -1.59
N LYS A 8 0.65 -7.90 -0.92
CA LYS A 8 1.01 -6.62 -0.33
C LYS A 8 0.82 -5.51 -1.39
N ARG A 9 0.29 -4.36 -0.98
CA ARG A 9 0.08 -3.26 -1.92
C ARG A 9 0.48 -1.91 -1.31
N CYS A 10 1.71 -1.48 -1.58
CA CYS A 10 2.21 -0.21 -1.04
C CYS A 10 2.20 0.91 -2.08
N PHE A 11 1.16 1.72 -2.06
CA PHE A 11 1.02 2.85 -2.97
C PHE A 11 1.37 4.16 -2.26
N TYR A 12 2.05 5.06 -2.95
CA TYR A 12 2.35 6.35 -2.38
C TYR A 12 1.22 7.28 -2.74
N PHE A 13 0.82 8.13 -1.81
CA PHE A 13 -0.27 9.03 -2.12
C PHE A 13 0.15 10.48 -1.98
N ASN A 14 0.14 11.15 -3.13
CA ASN A 14 0.51 12.53 -3.21
C ASN A 14 -0.72 13.36 -3.40
N ARG A 15 -0.51 14.56 -3.89
CA ARG A 15 -1.60 15.50 -4.16
C ARG A 15 -2.07 16.04 -2.85
N ILE A 16 -1.10 16.25 -1.93
CA ILE A 16 -1.41 16.59 -0.60
C ILE A 16 -2.21 15.43 0.02
N THR A 17 -2.24 14.39 -0.80
CA THR A 17 -2.85 13.13 -0.63
C THR A 17 -4.19 13.04 -1.31
N GLY A 18 -4.11 13.55 -2.55
CA GLY A 18 -5.17 13.49 -3.55
C GLY A 18 -4.78 12.59 -4.78
N LYS A 19 -3.49 12.09 -4.86
CA LYS A 19 -3.02 11.23 -5.95
C LYS A 19 -2.27 9.99 -5.48
N ARG A 20 -2.23 8.95 -6.33
CA ARG A 20 -1.51 7.71 -6.01
C ARG A 20 -0.53 7.30 -7.12
N GLN A 21 0.56 6.64 -6.70
CA GLN A 21 1.62 6.22 -7.63
C GLN A 21 1.92 4.74 -7.65
N PHE A 22 1.71 4.12 -6.50
CA PHE A 22 2.08 2.71 -6.33
C PHE A 22 3.62 2.63 -6.32
N GLU A 23 4.23 3.78 -6.00
CA GLU A 23 5.68 3.98 -6.00
C GLU A 23 6.15 5.00 -5.03
N ARG A 24 7.40 4.83 -4.64
CA ARG A 24 8.08 5.80 -3.84
C ARG A 24 8.56 6.87 -4.81
N PRO A 25 7.89 8.03 -4.77
CA PRO A 25 8.18 9.15 -5.67
C PRO A 25 9.57 9.69 -5.51
N SER A 26 9.99 10.43 -6.53
CA SER A 26 11.32 11.05 -6.62
C SER A 26 11.94 11.27 -5.29
N ASP A 27 11.12 11.75 -4.40
CA ASP A 27 11.52 11.99 -3.03
C ASP A 27 12.51 13.14 -2.87
N LYS B 1 13.42 12.17 3.18
CA LYS B 1 12.03 11.62 3.26
C LYS B 1 11.21 11.98 2.04
N LEU B 2 9.99 11.45 1.99
CA LEU B 2 9.06 11.71 0.89
C LEU B 2 8.88 13.18 0.57
N PRO B 3 8.56 13.44 -0.70
CA PRO B 3 8.24 14.77 -1.21
C PRO B 3 6.95 15.26 -0.62
N PRO B 4 6.74 16.56 -0.63
CA PRO B 4 5.54 17.18 -0.11
C PRO B 4 4.26 16.55 -0.56
N GLY B 5 3.31 16.59 0.35
CA GLY B 5 2.01 16.03 0.11
C GLY B 5 1.99 14.53 -0.16
N TRP B 6 3.12 13.81 0.03
CA TRP B 6 3.16 12.36 -0.22
C TRP B 6 3.03 11.59 1.06
N GLU B 7 2.50 10.39 0.96
CA GLU B 7 2.41 9.50 2.10
C GLU B 7 2.39 8.05 1.64
N LYS B 8 3.33 7.27 2.16
CA LYS B 8 3.43 5.87 1.81
C LYS B 8 2.35 5.07 2.55
N ARG B 9 1.42 4.51 1.79
CA ARG B 9 0.33 3.72 2.37
C ARG B 9 0.29 2.34 1.73
N CYS B 10 0.45 1.29 2.55
CA CYS B 10 0.44 -0.07 2.03
C CYS B 10 -0.61 -0.96 2.70
N PHE B 11 -1.51 -1.49 1.87
CA PHE B 11 -2.54 -2.41 2.34
C PHE B 11 -2.36 -3.76 1.66
N TYR B 12 -2.53 -4.83 2.41
CA TYR B 12 -2.43 -6.16 1.86
C TYR B 12 -3.78 -6.56 1.32
N PHE B 13 -3.81 -7.22 0.18
CA PHE B 13 -5.08 -7.66 -0.38
C PHE B 13 -5.13 -9.16 -0.41
N ASN B 14 -6.09 -9.70 0.30
CA ASN B 14 -6.24 -11.12 0.36
C ASN B 14 -7.20 -11.53 -0.72
N ARG B 15 -6.74 -11.49 -1.97
CA ARG B 15 -7.60 -11.81 -3.11
C ARG B 15 -8.46 -13.06 -2.88
N ILE B 16 -8.09 -13.92 -1.90
CA ILE B 16 -8.89 -15.05 -1.59
C ILE B 16 -10.19 -14.55 -1.02
N THR B 17 -10.03 -13.66 -0.07
CA THR B 17 -11.09 -13.00 0.62
C THR B 17 -11.32 -11.63 0.04
N GLY B 18 -10.63 -11.40 -1.09
CA GLY B 18 -10.63 -10.12 -1.77
C GLY B 18 -10.80 -8.98 -0.79
N LYS B 19 -10.26 -9.19 0.41
CA LYS B 19 -10.35 -8.22 1.48
C LYS B 19 -9.01 -7.55 1.69
N ARG B 20 -9.02 -6.42 2.39
CA ARG B 20 -7.80 -5.66 2.60
C ARG B 20 -7.43 -5.40 4.05
N GLN B 21 -6.11 -5.34 4.26
CA GLN B 21 -5.49 -5.08 5.55
C GLN B 21 -4.41 -4.01 5.38
N PHE B 22 -3.88 -3.50 6.47
CA PHE B 22 -2.75 -2.56 6.42
C PHE B 22 -1.54 -3.27 7.02
N GLU B 23 -1.54 -4.59 6.83
CA GLU B 23 -0.55 -5.51 7.37
C GLU B 23 -0.31 -6.69 6.47
N ARG B 24 0.81 -7.35 6.73
CA ARG B 24 1.14 -8.60 6.10
C ARG B 24 0.63 -9.66 7.10
N PRO B 25 -0.55 -10.18 6.78
CA PRO B 25 -1.30 -11.13 7.60
C PRO B 25 -0.47 -12.20 8.26
N SER B 26 -0.89 -12.49 9.48
CA SER B 26 -0.27 -13.48 10.35
C SER B 26 -0.03 -14.76 9.66
N ASP B 27 -1.02 -15.10 8.86
CA ASP B 27 -0.98 -16.30 8.08
C ASP B 27 -1.19 -17.57 8.90
N LYS A 1 5.66 -17.35 5.26
CA LYS A 1 5.22 -16.25 4.37
C LYS A 1 3.71 -16.03 4.45
N LEU A 2 3.24 -15.01 3.72
CA LEU A 2 1.84 -14.67 3.68
C LEU A 2 0.90 -15.83 3.36
N PRO A 3 -0.32 -15.72 3.88
CA PRO A 3 -1.40 -16.67 3.63
C PRO A 3 -1.87 -16.56 2.20
N PRO A 4 -2.54 -17.58 1.71
CA PRO A 4 -3.06 -17.63 0.37
C PRO A 4 -3.81 -16.40 -0.05
N GLY A 5 -3.59 -16.07 -1.32
CA GLY A 5 -4.21 -14.92 -1.90
C GLY A 5 -3.66 -13.58 -1.40
N TRP A 6 -2.91 -13.57 -0.29
CA TRP A 6 -2.38 -12.33 0.26
C TRP A 6 -1.11 -11.88 -0.46
N GLU A 7 -0.98 -10.57 -0.58
CA GLU A 7 0.19 -9.96 -1.17
C GLU A 7 0.40 -8.58 -0.57
N LYS A 8 1.59 -8.36 0.00
CA LYS A 8 1.89 -7.08 0.62
C LYS A 8 2.12 -6.02 -0.46
N ARG A 9 1.43 -4.89 -0.34
CA ARG A 9 1.56 -3.80 -1.30
C ARG A 9 1.89 -2.49 -0.61
N CYS A 10 2.64 -1.61 -1.30
CA CYS A 10 3.01 -0.32 -0.74
C CYS A 10 2.81 0.81 -1.75
N PHE A 11 1.75 1.58 -1.57
CA PHE A 11 1.45 2.71 -2.45
C PHE A 11 1.75 4.03 -1.76
N TYR A 12 2.29 4.99 -2.51
CA TYR A 12 2.57 6.31 -1.98
C TYR A 12 1.31 7.14 -2.12
N PHE A 13 0.94 7.88 -1.08
CA PHE A 13 -0.24 8.74 -1.16
C PHE A 13 0.18 10.16 -1.10
N ASN A 14 -0.17 10.91 -2.13
CA ASN A 14 0.18 12.29 -2.19
C ASN A 14 -1.02 13.10 -1.76
N ARG A 15 -1.29 13.10 -0.46
CA ARG A 15 -2.45 13.80 0.09
C ARG A 15 -2.67 15.20 -0.54
N ILE A 16 -1.64 15.79 -1.16
CA ILE A 16 -1.82 17.03 -1.84
C ILE A 16 -2.74 16.80 -3.00
N THR A 17 -2.34 15.81 -3.77
CA THR A 17 -3.06 15.35 -4.91
C THR A 17 -3.97 14.22 -4.52
N GLY A 18 -4.00 13.98 -3.20
CA GLY A 18 -4.72 12.88 -2.60
C GLY A 18 -4.78 11.71 -3.54
N LYS A 19 -3.71 11.57 -4.33
CA LYS A 19 -3.62 10.52 -5.31
C LYS A 19 -2.61 9.48 -4.86
N ARG A 20 -2.70 8.31 -5.46
CA ARG A 20 -1.83 7.21 -5.09
C ARG A 20 -0.96 6.68 -6.21
N GLN A 21 0.22 6.25 -5.79
CA GLN A 21 1.21 5.67 -6.67
C GLN A 21 1.68 4.35 -6.08
N PHE A 22 2.34 3.53 -6.89
CA PHE A 22 2.93 2.29 -6.42
C PHE A 22 4.45 2.49 -6.41
N GLU A 23 4.82 3.74 -6.18
CA GLU A 23 6.18 4.22 -6.22
C GLU A 23 6.45 5.34 -5.28
N ARG A 24 7.73 5.47 -4.95
CA ARG A 24 8.21 6.58 -4.20
C ARG A 24 8.43 7.65 -5.26
N PRO A 25 7.54 8.64 -5.26
CA PRO A 25 7.53 9.71 -6.25
C PRO A 25 8.86 10.35 -6.52
N SER A 26 8.99 10.77 -7.77
CA SER A 26 10.17 11.40 -8.30
C SER A 26 10.70 12.44 -7.38
N ASP A 27 9.76 13.10 -6.77
CA ASP A 27 10.04 14.12 -5.80
C ASP A 27 10.62 15.40 -6.42
N LYS B 1 13.95 13.11 1.67
CA LYS B 1 12.66 12.45 2.04
C LYS B 1 11.57 12.75 1.02
N LEU B 2 10.42 12.09 1.17
CA LEU B 2 9.28 12.27 0.28
C LEU B 2 8.88 13.71 0.06
N PRO B 3 8.31 13.97 -1.12
CA PRO B 3 7.78 15.27 -1.52
C PRO B 3 6.55 15.59 -0.71
N PRO B 4 6.19 16.86 -0.66
CA PRO B 4 5.04 17.32 0.08
C PRO B 4 3.79 16.54 -0.19
N GLY B 5 3.03 16.39 0.87
CA GLY B 5 1.80 15.66 0.81
C GLY B 5 1.96 14.16 0.62
N TRP B 6 3.18 13.67 0.32
CA TRP B 6 3.38 12.23 0.11
C TRP B 6 3.63 11.49 1.40
N GLU B 7 3.19 10.25 1.41
CA GLU B 7 3.40 9.36 2.53
C GLU B 7 3.36 7.92 2.04
N LYS B 8 4.43 7.18 2.32
CA LYS B 8 4.51 5.80 1.88
C LYS B 8 3.63 4.92 2.76
N ARG B 9 2.62 4.30 2.16
CA ARG B 9 1.69 3.43 2.89
C ARG B 9 1.69 2.03 2.31
N CYS B 10 1.33 1.03 3.13
CA CYS B 10 1.31 -0.36 2.68
C CYS B 10 0.07 -1.10 3.18
N PHE B 11 -0.58 -1.81 2.26
CA PHE B 11 -1.75 -2.61 2.58
C PHE B 11 -1.61 -4.02 2.01
N TYR B 12 -2.05 -5.01 2.77
CA TYR B 12 -2.03 -6.38 2.31
C TYR B 12 -3.29 -6.65 1.53
N PHE B 13 -3.20 -7.38 0.43
CA PHE B 13 -4.38 -7.69 -0.35
C PHE B 13 -4.55 -9.18 -0.47
N ASN B 14 -5.66 -9.67 0.05
CA ASN B 14 -5.93 -11.06 -0.02
C ASN B 14 -6.80 -11.31 -1.21
N ARG B 15 -6.20 -11.39 -2.40
CA ARG B 15 -6.97 -11.58 -3.62
C ARG B 15 -8.00 -12.71 -3.51
N ILE B 16 -7.89 -13.58 -2.48
CA ILE B 16 -8.87 -14.58 -2.26
C ILE B 16 -10.17 -13.90 -1.89
N THR B 17 -10.03 -13.07 -0.88
CA THR B 17 -11.11 -12.26 -0.38
C THR B 17 -11.01 -10.90 -1.01
N GLY B 18 -10.13 -10.82 -2.02
CA GLY B 18 -9.81 -9.60 -2.71
C GLY B 18 -10.00 -8.39 -1.84
N LYS B 19 -9.70 -8.56 -0.55
CA LYS B 19 -9.86 -7.49 0.40
C LYS B 19 -8.53 -6.92 0.84
N ARG B 20 -8.57 -5.79 1.51
CA ARG B 20 -7.35 -5.13 1.92
C ARG B 20 -7.31 -4.77 3.39
N GLN B 21 -6.09 -4.82 3.92
CA GLN B 21 -5.81 -4.47 5.29
C GLN B 21 -4.42 -3.88 5.37
N PHE B 22 -4.18 -2.95 6.28
CA PHE B 22 -2.84 -2.39 6.43
C PHE B 22 -2.04 -3.29 7.37
N GLU B 23 -2.21 -4.60 7.20
CA GLU B 23 -1.60 -5.59 8.05
C GLU B 23 -1.11 -6.80 7.33
N ARG B 24 -0.07 -7.37 7.91
CA ARG B 24 0.42 -8.64 7.48
C ARG B 24 -0.44 -9.63 8.23
N PRO B 25 -1.32 -10.27 7.49
CA PRO B 25 -2.31 -11.19 8.03
C PRO B 25 -1.76 -12.41 8.71
N SER B 26 -2.50 -12.78 9.73
CA SER B 26 -2.24 -13.93 10.57
C SER B 26 -2.45 -15.19 9.83
N ASP B 27 -3.36 -15.07 8.88
CA ASP B 27 -3.76 -16.14 8.00
C ASP B 27 -4.98 -16.90 8.52
N LYS A 1 6.43 -16.76 6.61
CA LYS A 1 6.14 -15.78 5.52
C LYS A 1 4.64 -15.45 5.46
N LEU A 2 4.30 -14.44 4.65
CA LEU A 2 2.94 -13.99 4.48
C LEU A 2 1.88 -15.11 4.41
N PRO A 3 0.71 -14.84 5.04
CA PRO A 3 -0.45 -15.75 5.07
C PRO A 3 -1.16 -15.93 3.73
N PRO A 4 -1.78 -17.10 3.55
CA PRO A 4 -2.54 -17.47 2.34
C PRO A 4 -3.59 -16.49 1.87
N GLY A 5 -3.96 -16.66 0.61
CA GLY A 5 -4.96 -15.85 -0.01
C GLY A 5 -4.74 -14.35 0.10
N TRP A 6 -3.49 -13.91 0.19
CA TRP A 6 -3.16 -12.50 0.35
C TRP A 6 -2.28 -11.97 -0.77
N GLU A 7 -2.09 -10.65 -0.80
CA GLU A 7 -1.21 -10.00 -1.76
C GLU A 7 -0.86 -8.58 -1.30
N LYS A 8 0.45 -8.33 -1.13
CA LYS A 8 0.97 -7.05 -0.65
C LYS A 8 0.74 -5.94 -1.67
N ARG A 9 0.19 -4.80 -1.23
CA ARG A 9 -0.06 -3.67 -2.12
C ARG A 9 0.42 -2.36 -1.46
N CYS A 10 1.66 -1.95 -1.77
CA CYS A 10 2.22 -0.72 -1.21
C CYS A 10 2.32 0.39 -2.24
N PHE A 11 1.37 1.33 -2.17
CA PHE A 11 1.34 2.46 -3.07
C PHE A 11 1.52 3.76 -2.28
N TYR A 12 2.29 4.69 -2.82
CA TYR A 12 2.49 5.98 -2.20
C TYR A 12 1.30 6.86 -2.57
N PHE A 13 0.85 7.70 -1.65
CA PHE A 13 -0.27 8.59 -1.95
C PHE A 13 0.10 10.01 -1.59
N ASN A 14 0.16 10.86 -2.60
CA ASN A 14 0.47 12.25 -2.38
C ASN A 14 -0.82 13.00 -2.33
N ARG A 15 -1.47 13.02 -1.17
CA ARG A 15 -2.75 13.69 -1.02
C ARG A 15 -2.76 15.12 -1.59
N ILE A 16 -1.60 15.71 -1.90
CA ILE A 16 -1.57 17.00 -2.51
C ILE A 16 -2.16 16.87 -3.89
N THR A 17 -1.58 15.93 -4.61
CA THR A 17 -2.01 15.60 -5.94
C THR A 17 -2.82 14.33 -5.87
N GLY A 18 -3.22 14.02 -4.63
CA GLY A 18 -3.94 12.81 -4.31
C GLY A 18 -3.58 11.68 -5.24
N LYS A 19 -2.32 11.69 -5.69
CA LYS A 19 -1.86 10.71 -6.62
C LYS A 19 -1.39 9.44 -5.95
N ARG A 20 -1.34 8.39 -6.74
CA ARG A 20 -0.89 7.11 -6.24
C ARG A 20 0.10 6.47 -7.18
N GLN A 21 1.10 5.88 -6.58
CA GLN A 21 2.13 5.20 -7.31
C GLN A 21 2.71 4.09 -6.45
N PHE A 22 3.12 2.99 -7.05
CA PHE A 22 3.75 1.91 -6.30
C PHE A 22 5.23 2.25 -6.09
N GLU A 23 5.48 3.53 -5.84
CA GLU A 23 6.82 4.06 -5.70
C GLU A 23 6.94 5.11 -4.66
N ARG A 24 8.15 5.17 -4.12
CA ARG A 24 8.52 6.21 -3.20
C ARG A 24 8.95 7.37 -4.07
N PRO A 25 8.08 8.37 -4.14
CA PRO A 25 8.26 9.57 -4.98
C PRO A 25 9.36 10.47 -4.55
N SER A 26 9.92 11.14 -5.53
CA SER A 26 10.99 12.04 -5.29
C SER A 26 10.54 13.29 -4.61
N ASP A 27 11.44 13.68 -3.79
CA ASP A 27 11.33 14.84 -2.94
C ASP A 27 10.99 16.11 -3.73
N LYS B 1 13.02 12.73 3.66
CA LYS B 1 11.70 12.02 3.73
C LYS B 1 10.82 12.35 2.52
N LEU B 2 9.68 11.67 2.42
CA LEU B 2 8.74 11.87 1.33
C LEU B 2 8.41 13.32 1.05
N PRO B 3 8.07 13.59 -0.22
CA PRO B 3 7.63 14.90 -0.69
C PRO B 3 6.27 15.22 -0.13
N PRO B 4 5.90 16.48 -0.12
CA PRO B 4 4.65 16.94 0.41
C PRO B 4 3.45 16.17 -0.08
N GLY B 5 2.55 15.99 0.85
CA GLY B 5 1.33 15.26 0.60
C GLY B 5 1.52 13.75 0.44
N TRP B 6 2.76 13.29 0.19
CA TRP B 6 3.01 11.86 0.02
C TRP B 6 3.04 11.11 1.33
N GLU B 7 2.59 9.87 1.27
CA GLU B 7 2.60 8.98 2.42
C GLU B 7 2.67 7.54 1.92
N LYS B 8 3.63 6.78 2.42
CA LYS B 8 3.78 5.39 1.99
C LYS B 8 2.79 4.52 2.75
N ARG B 9 1.86 3.91 2.01
CA ARG B 9 0.84 3.04 2.63
C ARG B 9 0.76 1.71 1.89
N CYS B 10 0.77 0.61 2.64
CA CYS B 10 0.70 -0.72 2.03
C CYS B 10 -0.40 -1.58 2.63
N PHE B 11 -1.56 -1.59 1.98
CA PHE B 11 -2.65 -2.43 2.43
C PHE B 11 -2.56 -3.76 1.70
N TYR B 12 -2.79 -4.83 2.42
CA TYR B 12 -2.76 -6.14 1.81
C TYR B 12 -4.19 -6.55 1.53
N PHE B 13 -4.41 -7.21 0.41
CA PHE B 13 -5.77 -7.64 0.08
C PHE B 13 -5.84 -9.13 0.08
N ASN B 14 -6.77 -9.65 0.87
CA ASN B 14 -6.93 -11.05 0.92
C ASN B 14 -8.11 -11.41 0.07
N ARG B 15 -7.89 -11.68 -1.20
CA ARG B 15 -8.99 -12.02 -2.07
C ARG B 15 -9.75 -13.27 -1.56
N ILE B 16 -9.26 -13.89 -0.46
CA ILE B 16 -9.94 -14.98 0.14
C ILE B 16 -11.20 -14.46 0.76
N THR B 17 -10.99 -13.44 1.57
CA THR B 17 -12.02 -12.73 2.25
C THR B 17 -12.17 -11.38 1.60
N GLY B 18 -11.64 -11.33 0.36
CA GLY B 18 -11.58 -10.11 -0.43
C GLY B 18 -11.59 -8.88 0.43
N LYS B 19 -10.87 -8.96 1.54
CA LYS B 19 -10.81 -7.84 2.46
C LYS B 19 -9.41 -7.23 2.53
N ARG B 20 -9.31 -6.09 3.18
CA ARG B 20 -8.04 -5.39 3.27
C ARG B 20 -7.56 -5.13 4.68
N GLN B 21 -6.24 -5.11 4.82
CA GLN B 21 -5.57 -4.83 6.09
C GLN B 21 -4.26 -4.10 5.84
N PHE B 22 -3.94 -3.13 6.68
CA PHE B 22 -2.65 -2.44 6.53
C PHE B 22 -1.53 -3.43 6.87
N GLU B 23 -1.87 -4.42 7.72
CA GLU B 23 -0.99 -5.48 8.13
C GLU B 23 -0.45 -6.21 6.95
N ARG B 24 0.57 -7.02 7.22
CA ARG B 24 1.23 -7.77 6.17
C ARG B 24 0.92 -9.29 6.11
N PRO B 25 -0.26 -9.58 5.53
CA PRO B 25 -0.85 -10.91 5.27
C PRO B 25 -0.62 -11.51 3.86
N SER B 26 -0.36 -10.62 2.94
CA SER B 26 -0.10 -10.80 1.42
C SER B 26 0.22 -12.19 0.87
N ASP B 27 0.43 -13.10 1.72
CA ASP B 27 0.72 -14.48 1.36
C ASP B 27 2.12 -14.67 0.77
N LYS A 1 6.00 -15.47 3.72
CA LYS A 1 5.04 -14.34 3.88
C LYS A 1 3.60 -14.85 3.98
N LEU A 2 2.67 -13.92 4.29
CA LEU A 2 1.26 -14.22 4.43
C LEU A 2 0.69 -15.21 3.39
N PRO A 3 -0.51 -15.70 3.72
CA PRO A 3 -1.34 -16.67 2.98
C PRO A 3 -1.62 -16.34 1.53
N PRO A 4 -2.10 -17.36 0.80
CA PRO A 4 -2.48 -17.27 -0.59
C PRO A 4 -3.50 -16.20 -0.84
N GLY A 5 -3.48 -15.71 -2.06
CA GLY A 5 -4.37 -14.65 -2.43
C GLY A 5 -3.92 -13.30 -1.90
N TRP A 6 -3.19 -13.29 -0.77
CA TRP A 6 -2.71 -12.07 -0.19
C TRP A 6 -1.57 -11.50 -1.01
N GLU A 7 -1.43 -10.20 -0.95
CA GLU A 7 -0.35 -9.52 -1.63
C GLU A 7 -0.22 -8.13 -1.06
N LYS A 8 0.83 -7.93 -0.29
CA LYS A 8 1.09 -6.64 0.34
C LYS A 8 1.01 -5.53 -0.73
N ARG A 9 0.28 -4.44 -0.44
CA ARG A 9 0.14 -3.34 -1.40
C ARG A 9 0.55 -2.02 -0.77
N CYS A 10 1.81 -1.62 -0.96
CA CYS A 10 2.32 -0.37 -0.40
C CYS A 10 2.37 0.73 -1.44
N PHE A 11 1.30 1.54 -1.50
CA PHE A 11 1.21 2.65 -2.43
C PHE A 11 1.41 3.99 -1.70
N TYR A 12 2.19 4.87 -2.31
CA TYR A 12 2.41 6.20 -1.76
C TYR A 12 1.21 7.07 -2.10
N PHE A 13 0.84 7.98 -1.20
CA PHE A 13 -0.29 8.86 -1.46
C PHE A 13 0.10 10.30 -1.17
N ASN A 14 0.10 11.11 -2.21
CA ASN A 14 0.42 12.50 -2.06
C ASN A 14 -0.87 13.27 -1.96
N ARG A 15 -1.42 13.36 -0.75
CA ARG A 15 -2.68 14.04 -0.55
C ARG A 15 -2.72 15.44 -1.19
N ILE A 16 -1.57 16.00 -1.63
CA ILE A 16 -1.57 17.25 -2.29
C ILE A 16 -2.25 17.08 -3.62
N THR A 17 -1.74 16.10 -4.33
CA THR A 17 -2.25 15.71 -5.61
C THR A 17 -3.06 14.45 -5.46
N GLY A 18 -3.38 14.19 -4.17
CA GLY A 18 -4.08 12.99 -3.75
C GLY A 18 -3.78 11.82 -4.67
N LYS A 19 -2.55 11.82 -5.21
CA LYS A 19 -2.14 10.79 -6.12
C LYS A 19 -1.63 9.56 -5.43
N ARG A 20 -1.64 8.47 -6.16
CA ARG A 20 -1.15 7.22 -5.63
C ARG A 20 -0.21 6.53 -6.58
N GLN A 21 0.83 5.98 -5.99
CA GLN A 21 1.84 5.26 -6.73
C GLN A 21 2.51 4.26 -5.82
N PHE A 22 2.88 3.10 -6.33
CA PHE A 22 3.57 2.11 -5.51
C PHE A 22 5.07 2.49 -5.43
N GLU A 23 5.31 3.79 -5.30
CA GLU A 23 6.65 4.35 -5.29
C GLU A 23 6.78 5.55 -4.41
N ARG A 24 8.02 5.77 -4.00
CA ARG A 24 8.40 6.96 -3.31
C ARG A 24 8.90 7.88 -4.43
N PRO A 25 8.04 8.84 -4.78
CA PRO A 25 8.23 9.77 -5.88
C PRO A 25 9.58 10.45 -5.92
N SER A 26 10.01 10.63 -7.16
CA SER A 26 11.28 11.25 -7.51
C SER A 26 11.44 12.58 -6.88
N ASP A 27 10.33 13.24 -6.78
CA ASP A 27 10.27 14.55 -6.17
C ASP A 27 10.79 15.65 -7.10
N LYS B 1 12.37 12.22 3.06
CA LYS B 1 11.49 11.35 2.22
C LYS B 1 10.79 12.15 1.12
N LEU B 2 10.09 11.44 0.24
CA LEU B 2 9.37 12.03 -0.87
C LEU B 2 8.64 13.36 -0.55
N PRO B 3 8.26 14.04 -1.63
CA PRO B 3 7.57 15.34 -1.69
C PRO B 3 6.39 15.50 -0.76
N PRO B 4 5.98 16.76 -0.58
CA PRO B 4 4.86 17.15 0.25
C PRO B 4 3.59 16.46 -0.11
N GLY B 5 2.77 16.32 0.90
CA GLY B 5 1.51 15.65 0.73
C GLY B 5 1.65 14.13 0.63
N TRP B 6 2.83 13.65 0.21
CA TRP B 6 3.07 12.23 0.08
C TRP B 6 3.19 11.58 1.44
N GLU B 7 2.82 10.32 1.48
CA GLU B 7 2.95 9.53 2.68
C GLU B 7 2.79 8.08 2.35
N LYS B 8 3.93 7.39 2.32
CA LYS B 8 3.96 5.98 1.99
C LYS B 8 2.88 5.23 2.78
N ARG B 9 2.01 4.50 2.09
CA ARG B 9 0.95 3.73 2.74
C ARG B 9 0.94 2.30 2.22
N CYS B 10 0.37 1.36 2.99
CA CYS B 10 0.35 -0.03 2.54
C CYS B 10 -0.74 -0.86 3.20
N PHE B 11 -1.49 -1.58 2.37
CA PHE B 11 -2.54 -2.49 2.83
C PHE B 11 -2.38 -3.82 2.10
N TYR B 12 -2.43 -4.91 2.85
CA TYR B 12 -2.34 -6.23 2.26
C TYR B 12 -3.68 -6.55 1.62
N PHE B 13 -3.67 -7.19 0.46
CA PHE B 13 -4.93 -7.54 -0.18
C PHE B 13 -4.98 -9.02 -0.40
N ASN B 14 -5.96 -9.65 0.22
CA ASN B 14 -6.12 -11.07 0.10
C ASN B 14 -7.10 -11.34 -1.01
N ARG B 15 -6.67 -11.09 -2.25
CA ARG B 15 -7.51 -11.24 -3.44
C ARG B 15 -8.44 -12.46 -3.39
N ILE B 16 -8.11 -13.51 -2.61
CA ILE B 16 -8.97 -14.62 -2.50
C ILE B 16 -10.25 -14.17 -1.85
N THR B 17 -10.05 -13.49 -0.75
CA THR B 17 -11.10 -12.94 0.06
C THR B 17 -11.21 -11.46 -0.20
N GLY B 18 -10.55 -11.05 -1.31
CA GLY B 18 -10.43 -9.65 -1.69
C GLY B 18 -10.30 -8.75 -0.47
N LYS B 19 -9.78 -9.34 0.59
CA LYS B 19 -9.59 -8.69 1.86
C LYS B 19 -8.51 -7.64 1.82
N ARG B 20 -8.58 -6.74 2.79
CA ARG B 20 -7.60 -5.70 2.94
C ARG B 20 -7.30 -5.42 4.38
N GLN B 21 -6.02 -5.30 4.66
CA GLN B 21 -5.55 -5.02 5.99
C GLN B 21 -4.19 -4.38 5.91
N PHE B 22 -3.88 -3.45 6.79
CA PHE B 22 -2.54 -2.84 6.78
C PHE B 22 -1.56 -3.79 7.49
N GLU B 23 -1.72 -5.09 7.22
CA GLU B 23 -0.96 -6.14 7.86
C GLU B 23 -0.70 -7.31 6.97
N ARG B 24 0.35 -8.03 7.35
CA ARG B 24 0.67 -9.29 6.75
C ARG B 24 0.03 -10.30 7.70
N PRO B 25 -1.11 -10.83 7.25
CA PRO B 25 -1.98 -11.73 8.01
C PRO B 25 -1.29 -12.92 8.66
N SER B 26 -1.82 -13.22 9.82
CA SER B 26 -1.35 -14.31 10.68
C SER B 26 -1.16 -15.57 9.93
N ASP B 27 -2.05 -15.76 9.00
CA ASP B 27 -2.04 -16.92 8.15
C ASP B 27 -2.54 -18.18 8.85
N LYS A 1 5.60 -16.48 3.71
CA LYS A 1 4.83 -15.21 3.87
C LYS A 1 3.34 -15.51 4.10
N LEU A 2 2.58 -14.45 4.42
CA LEU A 2 1.15 -14.55 4.67
C LEU A 2 0.39 -15.49 3.70
N PRO A 3 -0.82 -15.83 4.14
CA PRO A 3 -1.80 -16.72 3.47
C PRO A 3 -2.03 -16.47 2.01
N PRO A 4 -2.63 -17.47 1.36
CA PRO A 4 -2.99 -17.44 -0.05
C PRO A 4 -3.83 -16.27 -0.41
N GLY A 5 -3.70 -15.88 -1.65
CA GLY A 5 -4.42 -14.76 -2.14
C GLY A 5 -3.85 -13.43 -1.68
N TRP A 6 -3.12 -13.43 -0.55
CA TRP A 6 -2.53 -12.21 -0.01
C TRP A 6 -1.34 -11.80 -0.84
N GLU A 7 -1.12 -10.50 -0.88
CA GLU A 7 0.03 -9.96 -1.57
C GLU A 7 0.30 -8.56 -1.08
N LYS A 8 1.33 -8.46 -0.28
CA LYS A 8 1.73 -7.17 0.28
C LYS A 8 1.77 -6.12 -0.84
N ARG A 9 1.10 -5.00 -0.64
CA ARG A 9 1.08 -3.93 -1.64
C ARG A 9 1.34 -2.57 -1.01
N CYS A 10 1.73 -1.58 -1.82
CA CYS A 10 2.01 -0.25 -1.28
C CYS A 10 1.94 0.84 -2.35
N PHE A 11 1.00 1.76 -2.14
CA PHE A 11 0.84 2.89 -3.04
C PHE A 11 1.14 4.19 -2.28
N TYR A 12 1.81 5.13 -2.94
CA TYR A 12 2.09 6.40 -2.33
C TYR A 12 0.91 7.32 -2.58
N PHE A 13 0.49 8.07 -1.57
CA PHE A 13 -0.63 8.99 -1.76
C PHE A 13 -0.13 10.39 -1.62
N ASN A 14 -0.31 11.15 -2.68
CA ASN A 14 0.15 12.52 -2.69
C ASN A 14 -1.04 13.40 -2.35
N ARG A 15 -1.44 13.38 -1.08
CA ARG A 15 -2.60 14.15 -0.63
C ARG A 15 -2.66 15.56 -1.22
N ILE A 16 -1.54 16.11 -1.72
CA ILE A 16 -1.57 17.38 -2.36
C ILE A 16 -2.38 17.25 -3.62
N THR A 17 -1.98 16.24 -4.38
CA THR A 17 -2.62 15.86 -5.60
C THR A 17 -3.63 14.78 -5.33
N GLY A 18 -3.81 14.51 -4.03
CA GLY A 18 -4.66 13.45 -3.54
C GLY A 18 -4.68 12.30 -4.52
N LYS A 19 -3.55 12.12 -5.19
CA LYS A 19 -3.41 11.09 -6.18
C LYS A 19 -2.53 9.97 -5.66
N ARG A 20 -2.63 8.82 -6.30
CA ARG A 20 -1.88 7.66 -5.87
C ARG A 20 -0.94 7.09 -6.92
N GLN A 21 0.16 6.56 -6.40
CA GLN A 21 1.18 5.93 -7.20
C GLN A 21 1.53 4.58 -6.59
N PHE A 22 2.16 3.72 -7.37
CA PHE A 22 2.63 2.44 -6.85
C PHE A 22 4.17 2.56 -6.72
N GLU A 23 4.57 3.80 -6.41
CA GLU A 23 5.94 4.22 -6.31
C GLU A 23 6.17 5.24 -5.25
N ARG A 24 7.43 5.26 -4.82
CA ARG A 24 7.93 6.27 -3.94
C ARG A 24 8.36 7.39 -4.85
N PRO A 25 7.55 8.45 -4.87
CA PRO A 25 7.74 9.62 -5.74
C PRO A 25 9.10 10.23 -5.62
N SER A 26 9.42 11.03 -6.64
CA SER A 26 10.70 11.74 -6.79
C SER A 26 11.40 11.95 -5.48
N ASP A 27 10.60 12.35 -4.53
CA ASP A 27 11.06 12.56 -3.18
C ASP A 27 11.99 13.77 -3.03
N LYS B 1 13.44 12.46 2.64
CA LYS B 1 12.12 11.82 2.84
C LYS B 1 11.13 12.22 1.74
N LEU B 2 9.97 11.58 1.73
CA LEU B 2 8.93 11.85 0.74
C LEU B 2 8.64 13.33 0.53
N PRO B 3 8.20 13.65 -0.69
CA PRO B 3 7.78 14.99 -1.09
C PRO B 3 6.49 15.37 -0.39
N PRO B 4 6.21 16.65 -0.32
CA PRO B 4 5.02 17.16 0.31
C PRO B 4 3.76 16.47 -0.11
N GLY B 5 2.88 16.36 0.86
CA GLY B 5 1.62 15.71 0.65
C GLY B 5 1.69 14.20 0.42
N TRP B 6 2.91 13.63 0.24
CA TRP B 6 3.04 12.20 0.00
C TRP B 6 3.09 11.41 1.27
N GLU B 7 2.60 10.18 1.19
CA GLU B 7 2.64 9.25 2.30
C GLU B 7 2.62 7.82 1.77
N LYS B 8 3.62 7.04 2.18
CA LYS B 8 3.73 5.65 1.74
C LYS B 8 2.74 4.79 2.52
N ARG B 9 1.83 4.14 1.80
CA ARG B 9 0.82 3.28 2.43
C ARG B 9 0.90 1.86 1.88
N CYS B 10 1.41 0.93 2.70
CA CYS B 10 1.55 -0.46 2.26
C CYS B 10 0.49 -1.37 2.88
N PHE B 11 -0.56 -1.64 2.10
CA PHE B 11 -1.64 -2.51 2.54
C PHE B 11 -1.55 -3.88 1.87
N TYR B 12 -1.73 -4.93 2.65
CA TYR B 12 -1.73 -6.29 2.12
C TYR B 12 -3.08 -6.53 1.47
N PHE B 13 -3.12 -7.25 0.37
CA PHE B 13 -4.40 -7.53 -0.28
C PHE B 13 -4.60 -9.02 -0.38
N ASN B 14 -5.64 -9.48 0.26
CA ASN B 14 -5.95 -10.88 0.25
C ASN B 14 -6.91 -11.15 -0.88
N ARG B 15 -6.39 -11.06 -2.12
CA ARG B 15 -7.21 -11.23 -3.32
C ARG B 15 -8.24 -12.36 -3.22
N ILE B 16 -8.04 -13.36 -2.33
CA ILE B 16 -9.01 -14.37 -2.16
C ILE B 16 -10.27 -13.76 -1.62
N THR B 17 -10.05 -13.01 -0.56
CA THR B 17 -11.07 -12.31 0.14
C THR B 17 -11.03 -10.84 -0.24
N GLY B 18 -10.30 -10.59 -1.34
CA GLY B 18 -10.03 -9.24 -1.82
C GLY B 18 -9.88 -8.26 -0.67
N LYS B 19 -9.44 -8.82 0.45
CA LYS B 19 -9.25 -8.09 1.68
C LYS B 19 -8.06 -7.16 1.64
N ARG B 20 -8.07 -6.20 2.52
CA ARG B 20 -6.98 -5.27 2.65
C ARG B 20 -6.68 -4.93 4.09
N GLN B 21 -5.40 -4.93 4.39
CA GLN B 21 -4.93 -4.62 5.72
C GLN B 21 -3.51 -4.12 5.63
N PHE B 22 -3.15 -3.16 6.45
CA PHE B 22 -1.77 -2.67 6.44
C PHE B 22 -0.89 -3.64 7.24
N GLU B 23 -1.15 -4.93 7.04
CA GLU B 23 -0.48 -6.01 7.76
C GLU B 23 -0.29 -7.24 6.94
N ARG B 24 0.68 -8.01 7.38
CA ARG B 24 0.92 -9.32 6.87
C ARG B 24 0.18 -10.22 7.85
N PRO B 25 -0.99 -10.68 7.40
CA PRO B 25 -1.94 -11.48 8.18
C PRO B 25 -1.36 -12.67 8.91
N SER B 26 -1.92 -12.87 10.09
CA SER B 26 -1.55 -13.92 11.01
C SER B 26 -1.51 -15.25 10.36
N ASP B 27 -2.43 -15.41 9.46
CA ASP B 27 -2.55 -16.61 8.68
C ASP B 27 -3.19 -17.76 9.48
N LYS A 1 5.92 -17.07 3.83
CA LYS A 1 5.32 -16.00 2.98
C LYS A 1 3.84 -15.80 3.28
N LEU A 2 3.25 -14.76 2.69
CA LEU A 2 1.84 -14.44 2.87
C LEU A 2 0.91 -15.63 2.69
N PRO A 3 -0.23 -15.56 3.39
CA PRO A 3 -1.30 -16.55 3.30
C PRO A 3 -1.98 -16.45 1.96
N PRO A 4 -2.69 -17.51 1.57
CA PRO A 4 -3.39 -17.56 0.31
C PRO A 4 -4.23 -16.36 0.02
N GLY A 5 -4.23 -16.02 -1.25
CA GLY A 5 -4.97 -14.89 -1.73
C GLY A 5 -4.42 -13.53 -1.28
N TRP A 6 -3.43 -13.50 -0.37
CA TRP A 6 -2.89 -12.24 0.12
C TRP A 6 -1.78 -11.70 -0.77
N GLU A 7 -1.75 -10.38 -0.89
CA GLU A 7 -0.72 -9.71 -1.65
C GLU A 7 -0.43 -8.35 -1.04
N LYS A 8 0.83 -8.11 -0.70
CA LYS A 8 1.23 -6.84 -0.10
C LYS A 8 1.31 -5.76 -1.17
N ARG A 9 0.64 -4.64 -0.95
CA ARG A 9 0.64 -3.53 -1.91
C ARG A 9 0.97 -2.21 -1.21
N CYS A 10 2.21 -1.74 -1.38
CA CYS A 10 2.65 -0.49 -0.76
C CYS A 10 2.75 0.64 -1.78
N PHE A 11 1.66 1.39 -1.94
CA PHE A 11 1.64 2.51 -2.86
C PHE A 11 1.74 3.83 -2.10
N TYR A 12 2.53 4.75 -2.61
CA TYR A 12 2.67 6.06 -2.00
C TYR A 12 1.44 6.86 -2.37
N PHE A 13 0.92 7.66 -1.46
CA PHE A 13 -0.25 8.48 -1.78
C PHE A 13 0.07 9.92 -1.54
N ASN A 14 0.00 10.70 -2.61
CA ASN A 14 0.28 12.10 -2.52
C ASN A 14 -1.02 12.83 -2.30
N ARG A 15 -1.56 12.71 -1.09
CA ARG A 15 -2.85 13.30 -0.74
C ARG A 15 -3.05 14.72 -1.28
N ILE A 16 -1.96 15.45 -1.60
CA ILE A 16 -2.11 16.74 -2.17
C ILE A 16 -2.76 16.59 -3.52
N THR A 17 -2.16 15.69 -4.27
CA THR A 17 -2.60 15.36 -5.60
C THR A 17 -3.33 14.05 -5.57
N GLY A 18 -3.70 13.66 -4.34
CA GLY A 18 -4.33 12.37 -4.07
C GLY A 18 -3.80 11.29 -4.98
N LYS A 19 -2.55 11.50 -5.40
CA LYS A 19 -1.85 10.61 -6.30
C LYS A 19 -1.43 9.33 -5.65
N ARG A 20 -1.18 8.35 -6.49
CA ARG A 20 -0.73 7.05 -6.03
C ARG A 20 0.31 6.46 -6.94
N GLN A 21 1.35 5.93 -6.31
CA GLN A 21 2.43 5.31 -7.02
C GLN A 21 3.11 4.32 -6.09
N PHE A 22 3.58 3.20 -6.62
CA PHE A 22 4.29 2.25 -5.78
C PHE A 22 5.76 2.72 -5.62
N GLU A 23 5.90 4.03 -5.43
CA GLU A 23 7.19 4.69 -5.34
C GLU A 23 7.19 5.84 -4.41
N ARG A 24 8.41 6.15 -3.95
CA ARG A 24 8.67 7.32 -3.18
C ARG A 24 9.16 8.33 -4.22
N PRO A 25 8.25 9.24 -4.58
CA PRO A 25 8.42 10.25 -5.63
C PRO A 25 9.71 11.03 -5.54
N SER A 26 10.12 11.46 -6.74
CA SER A 26 11.35 12.22 -6.98
C SER A 26 11.73 13.09 -5.84
N ASP A 27 10.73 13.71 -5.31
CA ASP A 27 10.89 14.58 -4.16
C ASP A 27 11.62 15.89 -4.50
N LYS B 1 12.51 12.09 2.95
CA LYS B 1 11.55 11.28 2.15
C LYS B 1 10.76 12.15 1.16
N LEU B 2 10.00 11.49 0.28
CA LEU B 2 9.20 12.17 -0.73
C LEU B 2 8.48 13.45 -0.24
N PRO B 3 8.02 14.21 -1.24
CA PRO B 3 7.28 15.49 -1.14
C PRO B 3 6.06 15.50 -0.26
N PRO B 4 5.60 16.70 0.06
CA PRO B 4 4.41 16.96 0.86
C PRO B 4 3.19 16.28 0.31
N GLY B 5 2.29 16.02 1.21
CA GLY B 5 1.08 15.34 0.85
C GLY B 5 1.27 13.85 0.64
N TRP B 6 2.51 13.44 0.26
CA TRP B 6 2.82 12.05 0.05
C TRP B 6 2.95 11.32 1.35
N GLU B 7 2.47 10.10 1.38
CA GLU B 7 2.60 9.26 2.54
C GLU B 7 2.64 7.81 2.15
N LYS B 8 3.84 7.24 2.24
CA LYS B 8 4.03 5.84 1.89
C LYS B 8 3.01 5.00 2.66
N ARG B 9 2.17 4.24 1.94
CA ARG B 9 1.17 3.40 2.61
C ARG B 9 1.07 2.02 1.94
N CYS B 10 0.80 0.99 2.74
CA CYS B 10 0.69 -0.37 2.22
C CYS B 10 -0.41 -1.18 2.88
N PHE B 11 -1.32 -1.69 2.05
CA PHE B 11 -2.41 -2.52 2.54
C PHE B 11 -2.31 -3.92 1.92
N TYR B 12 -2.55 -4.94 2.72
CA TYR B 12 -2.52 -6.30 2.22
C TYR B 12 -3.87 -6.61 1.63
N PHE B 13 -3.91 -7.26 0.47
CA PHE B 13 -5.19 -7.61 -0.14
C PHE B 13 -5.34 -9.10 -0.15
N ASN B 14 -6.38 -9.56 0.50
CA ASN B 14 -6.63 -10.97 0.58
C ASN B 14 -7.62 -11.32 -0.49
N ARG B 15 -7.18 -11.31 -1.75
CA ARG B 15 -8.05 -11.58 -2.89
C ARG B 15 -9.03 -12.74 -2.65
N ILE B 16 -8.74 -13.63 -1.68
CA ILE B 16 -9.66 -14.67 -1.36
C ILE B 16 -10.91 -14.04 -0.79
N THR B 17 -10.63 -13.20 0.19
CA THR B 17 -11.63 -12.44 0.88
C THR B 17 -11.74 -11.08 0.23
N GLY B 18 -11.01 -10.93 -0.89
CA GLY B 18 -10.90 -9.68 -1.61
C GLY B 18 -11.01 -8.52 -0.67
N LYS B 19 -10.50 -8.73 0.54
CA LYS B 19 -10.55 -7.73 1.58
C LYS B 19 -9.16 -7.15 1.81
N ARG B 20 -9.12 -6.00 2.45
CA ARG B 20 -7.86 -5.31 2.68
C ARG B 20 -7.54 -5.06 4.14
N GLN B 21 -6.24 -5.10 4.41
CA GLN B 21 -5.69 -4.86 5.73
C GLN B 21 -4.55 -3.86 5.61
N PHE B 22 -4.17 -3.25 6.72
CA PHE B 22 -3.01 -2.36 6.75
C PHE B 22 -1.89 -3.11 7.48
N GLU B 23 -1.93 -4.43 7.30
CA GLU B 23 -1.05 -5.38 7.95
C GLU B 23 -0.73 -6.56 7.09
N ARG B 24 0.39 -7.17 7.44
CA ARG B 24 0.79 -8.42 6.86
C ARG B 24 0.09 -9.46 7.72
N PRO B 25 -0.94 -10.07 7.14
CA PRO B 25 -1.79 -11.05 7.80
C PRO B 25 -1.02 -12.20 8.41
N SER B 26 -1.73 -12.90 9.30
CA SER B 26 -1.20 -14.04 10.05
C SER B 26 -0.05 -14.70 9.38
N ASP B 27 -0.20 -14.86 8.11
CA ASP B 27 0.81 -15.42 7.26
C ASP B 27 1.03 -16.92 7.49
N LYS A 1 5.42 -17.41 5.47
CA LYS A 1 5.02 -16.36 4.50
C LYS A 1 3.52 -16.12 4.52
N LEU A 2 3.07 -15.09 3.81
CA LEU A 2 1.66 -14.72 3.73
C LEU A 2 0.73 -15.89 3.48
N PRO A 3 -0.50 -15.75 3.97
CA PRO A 3 -1.59 -16.70 3.77
C PRO A 3 -2.09 -16.62 2.36
N PRO A 4 -2.80 -17.66 1.92
CA PRO A 4 -3.34 -17.74 0.59
C PRO A 4 -4.06 -16.51 0.13
N GLY A 5 -3.89 -16.26 -1.14
CA GLY A 5 -4.49 -15.11 -1.77
C GLY A 5 -3.93 -13.76 -1.33
N TRP A 6 -3.11 -13.74 -0.26
CA TRP A 6 -2.54 -12.48 0.23
C TRP A 6 -1.31 -12.06 -0.52
N GLU A 7 -1.19 -10.76 -0.74
CA GLU A 7 -0.02 -10.19 -1.39
C GLU A 7 0.21 -8.78 -0.84
N LYS A 8 1.39 -8.55 -0.30
CA LYS A 8 1.73 -7.26 0.27
C LYS A 8 1.92 -6.23 -0.84
N ARG A 9 1.21 -5.11 -0.74
CA ARG A 9 1.31 -4.03 -1.74
C ARG A 9 1.51 -2.68 -1.06
N CYS A 10 2.24 -1.78 -1.73
CA CYS A 10 2.50 -0.45 -1.15
C CYS A 10 2.31 0.68 -2.16
N PHE A 11 1.35 1.55 -1.88
CA PHE A 11 1.08 2.70 -2.74
C PHE A 11 1.39 3.99 -1.99
N TYR A 12 2.05 4.93 -2.66
CA TYR A 12 2.35 6.22 -2.08
C TYR A 12 1.11 7.09 -2.24
N PHE A 13 0.80 7.90 -1.25
CA PHE A 13 -0.37 8.77 -1.36
C PHE A 13 0.08 10.21 -1.25
N ASN A 14 -0.14 10.95 -2.32
CA ASN A 14 0.24 12.33 -2.34
C ASN A 14 -0.93 13.17 -1.91
N ARG A 15 -1.29 13.06 -0.62
CA ARG A 15 -2.45 13.75 -0.04
C ARG A 15 -2.66 15.17 -0.58
N ILE A 16 -1.62 15.85 -1.09
CA ILE A 16 -1.80 17.13 -1.66
C ILE A 16 -2.68 17.01 -2.87
N THR A 17 -2.26 16.08 -3.70
CA THR A 17 -2.92 15.75 -4.91
C THR A 17 -3.73 14.49 -4.71
N GLY A 18 -3.89 14.15 -3.41
CA GLY A 18 -4.55 12.93 -2.98
C GLY A 18 -4.27 11.80 -3.94
N LYS A 19 -3.11 11.90 -4.60
CA LYS A 19 -2.67 10.95 -5.57
C LYS A 19 -2.20 9.65 -4.99
N ARG A 20 -2.21 8.64 -5.82
CA ARG A 20 -1.74 7.33 -5.43
C ARG A 20 -0.94 6.68 -6.53
N GLN A 21 0.14 6.08 -6.11
CA GLN A 21 1.02 5.39 -7.02
C GLN A 21 1.76 4.31 -6.26
N PHE A 22 2.05 3.21 -6.91
CA PHE A 22 2.82 2.16 -6.25
C PHE A 22 4.31 2.50 -6.35
N GLU A 23 4.60 3.80 -6.17
CA GLU A 23 5.92 4.34 -6.29
C GLU A 23 6.25 5.39 -5.29
N ARG A 24 7.53 5.44 -5.00
CA ARG A 24 8.08 6.47 -4.19
C ARG A 24 8.38 7.59 -5.17
N PRO A 25 7.56 8.63 -5.11
CA PRO A 25 7.63 9.77 -6.02
C PRO A 25 8.95 10.50 -6.00
N SER A 26 9.15 11.28 -7.07
CA SER A 26 10.36 12.08 -7.30
C SER A 26 11.12 12.38 -6.05
N ASP A 27 10.37 12.74 -5.06
CA ASP A 27 10.90 13.02 -3.75
C ASP A 27 11.74 14.29 -3.69
N LYS B 1 13.78 12.94 1.60
CA LYS B 1 12.47 12.33 2.00
C LYS B 1 11.38 12.65 0.99
N LEU B 2 10.25 11.96 1.11
CA LEU B 2 9.11 12.15 0.22
C LEU B 2 8.73 13.61 0.02
N PRO B 3 8.15 13.90 -1.14
CA PRO B 3 7.62 15.20 -1.50
C PRO B 3 6.40 15.51 -0.68
N PRO B 4 6.08 16.78 -0.54
CA PRO B 4 4.93 17.22 0.23
C PRO B 4 3.67 16.49 -0.10
N GLY B 5 2.93 16.25 0.95
CA GLY B 5 1.68 15.56 0.85
C GLY B 5 1.81 14.05 0.62
N TRP B 6 3.00 13.57 0.21
CA TRP B 6 3.21 12.15 -0.04
C TRP B 6 3.43 11.38 1.24
N GLU B 7 3.03 10.12 1.22
CA GLU B 7 3.21 9.22 2.34
C GLU B 7 3.20 7.79 1.85
N LYS B 8 4.26 7.05 2.17
CA LYS B 8 4.38 5.67 1.76
C LYS B 8 3.48 4.78 2.63
N ARG B 9 2.56 4.06 2.01
CA ARG B 9 1.64 3.18 2.73
C ARG B 9 1.61 1.78 2.13
N CYS B 10 1.45 0.76 2.97
CA CYS B 10 1.42 -0.63 2.50
C CYS B 10 0.20 -1.38 3.01
N PHE B 11 -0.68 -1.77 2.07
CA PHE B 11 -1.87 -2.53 2.41
C PHE B 11 -1.75 -3.95 1.84
N TYR B 12 -2.15 -4.94 2.62
CA TYR B 12 -2.12 -6.32 2.16
C TYR B 12 -3.41 -6.60 1.42
N PHE B 13 -3.35 -7.39 0.36
CA PHE B 13 -4.56 -7.72 -0.38
C PHE B 13 -4.74 -9.20 -0.44
N ASN B 14 -5.82 -9.67 0.15
CA ASN B 14 -6.11 -11.06 0.13
C ASN B 14 -7.01 -11.35 -1.03
N ARG B 15 -6.45 -11.46 -2.23
CA ARG B 15 -7.24 -11.70 -3.43
C ARG B 15 -8.29 -12.82 -3.24
N ILE B 16 -8.14 -13.66 -2.19
CA ILE B 16 -9.13 -14.65 -1.91
C ILE B 16 -10.39 -13.95 -1.51
N THR B 17 -10.22 -13.08 -0.52
CA THR B 17 -11.28 -12.26 -0.02
C THR B 17 -11.19 -10.91 -0.69
N GLY B 18 -10.36 -10.88 -1.75
CA GLY B 18 -10.06 -9.69 -2.52
C GLY B 18 -10.22 -8.46 -1.69
N LYS B 19 -9.85 -8.55 -0.41
CA LYS B 19 -9.99 -7.43 0.49
C LYS B 19 -8.63 -6.86 0.87
N ARG B 20 -8.65 -5.68 1.47
CA ARG B 20 -7.42 -5.02 1.84
C ARG B 20 -7.36 -4.63 3.30
N GLN B 21 -6.15 -4.68 3.82
CA GLN B 21 -5.87 -4.30 5.19
C GLN B 21 -4.51 -3.64 5.27
N PHE B 22 -4.32 -2.70 6.19
CA PHE B 22 -3.02 -2.06 6.37
C PHE B 22 -2.19 -2.92 7.33
N GLU B 23 -2.31 -4.22 7.15
CA GLU B 23 -1.67 -5.23 7.99
C GLU B 23 -1.10 -6.34 7.21
N ARG B 24 -0.15 -7.01 7.85
CA ARG B 24 0.40 -8.20 7.33
C ARG B 24 -0.32 -9.36 8.03
N PRO B 25 -1.43 -9.75 7.41
CA PRO B 25 -2.34 -10.80 7.88
C PRO B 25 -1.66 -11.95 8.59
N SER B 26 -2.48 -12.58 9.44
CA SER B 26 -2.09 -13.72 10.28
C SER B 26 -0.90 -14.45 9.77
N ASP B 27 -0.94 -14.67 8.49
CA ASP B 27 0.15 -15.32 7.78
C ASP B 27 0.29 -16.80 8.13
N LYS A 1 5.74 -15.86 2.30
CA LYS A 1 4.94 -14.71 2.80
C LYS A 1 3.50 -15.13 3.14
N LEU A 2 2.72 -14.16 3.62
CA LEU A 2 1.33 -14.38 4.01
C LEU A 2 0.53 -15.33 3.07
N PRO A 3 -0.61 -15.75 3.61
CA PRO A 3 -1.60 -16.67 3.01
C PRO A 3 -2.01 -16.36 1.59
N PRO A 4 -2.63 -17.36 0.95
CA PRO A 4 -3.15 -17.28 -0.40
C PRO A 4 -4.09 -16.14 -0.59
N GLY A 5 -4.14 -15.70 -1.83
CA GLY A 5 -4.97 -14.59 -2.16
C GLY A 5 -4.41 -13.25 -1.68
N TRP A 6 -3.55 -13.27 -0.64
CA TRP A 6 -2.96 -12.06 -0.13
C TRP A 6 -1.88 -11.53 -1.03
N GLU A 7 -1.74 -10.23 -1.04
CA GLU A 7 -0.70 -9.58 -1.79
C GLU A 7 -0.46 -8.19 -1.27
N LYS A 8 0.65 -8.04 -0.56
CA LYS A 8 1.02 -6.76 0.02
C LYS A 8 0.91 -5.65 -1.04
N ARG A 9 0.30 -4.52 -0.70
CA ARG A 9 0.16 -3.43 -1.65
C ARG A 9 0.61 -2.10 -1.05
N CYS A 10 1.89 -1.75 -1.26
CA CYS A 10 2.44 -0.50 -0.73
C CYS A 10 2.57 0.56 -1.81
N PHE A 11 1.63 1.50 -1.81
CA PHE A 11 1.63 2.60 -2.77
C PHE A 11 1.72 3.93 -2.04
N TYR A 12 2.53 4.84 -2.56
CA TYR A 12 2.66 6.17 -1.98
C TYR A 12 1.44 6.97 -2.39
N PHE A 13 0.91 7.79 -1.50
CA PHE A 13 -0.25 8.60 -1.85
C PHE A 13 0.07 10.06 -1.66
N ASN A 14 0.01 10.79 -2.75
CA ASN A 14 0.30 12.20 -2.71
C ASN A 14 -1.00 12.93 -2.50
N ARG A 15 -1.55 12.84 -1.29
CA ARG A 15 -2.84 13.45 -0.96
C ARG A 15 -3.02 14.86 -1.54
N ILE A 16 -1.93 15.57 -1.88
CA ILE A 16 -2.06 16.84 -2.49
C ILE A 16 -2.71 16.68 -3.84
N THR A 17 -2.11 15.76 -4.57
CA THR A 17 -2.54 15.40 -5.88
C THR A 17 -3.29 14.09 -5.83
N GLY A 18 -3.67 13.72 -4.59
CA GLY A 18 -4.30 12.44 -4.30
C GLY A 18 -3.74 11.34 -5.17
N LYS A 19 -2.50 11.54 -5.59
CA LYS A 19 -1.79 10.63 -6.46
C LYS A 19 -1.39 9.36 -5.77
N ARG A 20 -1.12 8.35 -6.57
CA ARG A 20 -0.68 7.07 -6.07
C ARG A 20 0.38 6.46 -6.96
N GLN A 21 1.40 5.95 -6.30
CA GLN A 21 2.50 5.31 -6.98
C GLN A 21 3.16 4.34 -6.05
N PHE A 22 3.65 3.22 -6.54
CA PHE A 22 4.36 2.28 -5.68
C PHE A 22 5.81 2.76 -5.50
N GLU A 23 5.95 4.07 -5.33
CA GLU A 23 7.24 4.73 -5.23
C GLU A 23 7.23 5.90 -4.31
N ARG A 24 8.43 6.21 -3.84
CA ARG A 24 8.68 7.41 -3.10
C ARG A 24 9.19 8.40 -4.15
N PRO A 25 8.28 9.29 -4.54
CA PRO A 25 8.48 10.28 -5.60
C PRO A 25 9.76 11.06 -5.54
N SER A 26 10.19 11.47 -6.73
CA SER A 26 11.40 12.23 -6.98
C SER A 26 11.78 13.12 -5.85
N ASP A 27 10.77 13.75 -5.33
CA ASP A 27 10.91 14.63 -4.20
C ASP A 27 11.63 15.94 -4.56
N LYS B 1 12.43 12.31 3.02
CA LYS B 1 11.47 11.47 2.24
C LYS B 1 10.69 12.32 1.23
N LEU B 2 9.95 11.64 0.34
CA LEU B 2 9.17 12.29 -0.70
C LEU B 2 8.42 13.58 -0.25
N PRO B 3 7.99 14.33 -1.27
CA PRO B 3 7.26 15.61 -1.21
C PRO B 3 6.02 15.64 -0.35
N PRO B 4 5.56 16.85 -0.06
CA PRO B 4 4.36 17.13 0.71
C PRO B 4 3.15 16.45 0.16
N GLY B 5 2.23 16.20 1.05
CA GLY B 5 1.02 15.53 0.68
C GLY B 5 1.22 14.02 0.51
N TRP B 6 2.45 13.61 0.18
CA TRP B 6 2.75 12.20 -0.01
C TRP B 6 2.83 11.50 1.31
N GLU B 7 2.52 10.22 1.29
CA GLU B 7 2.60 9.39 2.47
C GLU B 7 2.60 7.94 2.09
N LYS B 8 3.78 7.34 2.19
CA LYS B 8 3.93 5.93 1.83
C LYS B 8 2.85 5.11 2.57
N ARG B 9 2.05 4.36 1.83
CA ARG B 9 0.98 3.55 2.45
C ARG B 9 1.02 2.13 1.91
N CYS B 10 0.59 1.16 2.73
CA CYS B 10 0.58 -0.25 2.31
C CYS B 10 -0.48 -1.08 3.01
N PHE B 11 -1.38 -1.63 2.20
CA PHE B 11 -2.43 -2.51 2.71
C PHE B 11 -2.35 -3.85 1.99
N TYR B 12 -2.36 -4.93 2.75
CA TYR B 12 -2.34 -6.27 2.19
C TYR B 12 -3.72 -6.58 1.66
N PHE B 13 -3.82 -7.23 0.52
CA PHE B 13 -5.14 -7.58 -0.02
C PHE B 13 -5.25 -9.05 -0.22
N ASN B 14 -6.20 -9.66 0.47
CA ASN B 14 -6.40 -11.08 0.33
C ASN B 14 -7.48 -11.29 -0.72
N ARG B 15 -7.11 -11.13 -1.98
CA ARG B 15 -8.06 -11.22 -3.09
C ARG B 15 -9.05 -12.39 -2.95
N ILE B 16 -8.73 -13.45 -2.19
CA ILE B 16 -9.66 -14.51 -2.00
C ILE B 16 -10.84 -14.00 -1.23
N THR B 17 -10.50 -13.36 -0.14
CA THR B 17 -11.46 -12.77 0.75
C THR B 17 -11.51 -11.29 0.50
N GLY B 18 -10.95 -10.91 -0.66
CA GLY B 18 -10.80 -9.51 -1.04
C GLY B 18 -10.54 -8.64 0.16
N LYS B 19 -9.93 -9.25 1.18
CA LYS B 19 -9.63 -8.60 2.43
C LYS B 19 -8.53 -7.57 2.29
N ARG B 20 -8.53 -6.66 3.24
CA ARG B 20 -7.52 -5.63 3.29
C ARG B 20 -7.10 -5.32 4.70
N GLN B 21 -5.80 -5.20 4.86
CA GLN B 21 -5.23 -4.91 6.14
C GLN B 21 -3.86 -4.30 5.94
N PHE B 22 -3.47 -3.35 6.77
CA PHE B 22 -2.13 -2.77 6.63
C PHE B 22 -1.10 -3.71 7.28
N GLU B 23 -1.31 -5.01 7.07
CA GLU B 23 -0.50 -6.06 7.66
C GLU B 23 -0.33 -7.26 6.79
N ARG B 24 0.75 -7.97 7.08
CA ARG B 24 1.00 -9.24 6.50
C ARG B 24 0.42 -10.23 7.52
N PRO B 25 -0.75 -10.75 7.17
CA PRO B 25 -1.57 -11.63 8.02
C PRO B 25 -0.85 -12.80 8.62
N SER B 26 -1.28 -13.09 9.84
CA SER B 26 -0.77 -14.16 10.66
C SER B 26 -0.70 -15.45 9.93
N ASP B 27 -1.69 -15.63 9.11
CA ASP B 27 -1.81 -16.79 8.28
C ASP B 27 -2.30 -18.02 9.06
N LYS A 1 5.95 -17.19 4.19
CA LYS A 1 5.34 -16.24 3.21
C LYS A 1 3.85 -16.05 3.48
N LEU A 2 3.28 -15.01 2.85
CA LEU A 2 1.87 -14.69 3.00
C LEU A 2 0.92 -15.89 2.87
N PRO A 3 -0.21 -15.77 3.55
CA PRO A 3 -1.31 -16.74 3.51
C PRO A 3 -2.02 -16.67 2.19
N PRO A 4 -2.77 -17.70 1.85
CA PRO A 4 -3.51 -17.78 0.61
C PRO A 4 -4.31 -16.56 0.28
N GLY A 5 -4.35 -16.29 -1.01
CA GLY A 5 -5.07 -15.16 -1.52
C GLY A 5 -4.46 -13.80 -1.17
N TRP A 6 -3.47 -13.76 -0.26
CA TRP A 6 -2.87 -12.50 0.13
C TRP A 6 -1.76 -12.07 -0.82
N GLU A 7 -1.60 -10.76 -0.91
CA GLU A 7 -0.54 -10.15 -1.71
C GLU A 7 -0.27 -8.75 -1.20
N LYS A 8 0.98 -8.50 -0.82
CA LYS A 8 1.35 -7.20 -0.28
C LYS A 8 1.43 -6.16 -1.42
N ARG A 9 0.72 -5.05 -1.25
CA ARG A 9 0.72 -3.98 -2.26
C ARG A 9 0.86 -2.63 -1.57
N CYS A 10 1.77 -1.79 -2.07
CA CYS A 10 1.98 -0.47 -1.47
C CYS A 10 2.04 0.65 -2.50
N PHE A 11 1.03 1.51 -2.47
CA PHE A 11 0.99 2.67 -3.35
C PHE A 11 1.11 3.94 -2.50
N TYR A 12 1.97 4.85 -2.93
CA TYR A 12 2.14 6.11 -2.24
C TYR A 12 0.98 7.03 -2.62
N PHE A 13 0.53 7.85 -1.68
CA PHE A 13 -0.55 8.78 -1.99
C PHE A 13 -0.19 10.17 -1.54
N ASN A 14 -0.05 11.08 -2.49
CA ASN A 14 0.26 12.43 -2.17
C ASN A 14 -1.03 13.21 -2.14
N ARG A 15 -1.69 13.23 -1.00
CA ARG A 15 -2.96 13.90 -0.87
C ARG A 15 -2.91 15.36 -1.39
N ILE A 16 -1.71 15.91 -1.66
CA ILE A 16 -1.61 17.22 -2.21
C ILE A 16 -2.18 17.19 -3.61
N THR A 17 -1.61 16.25 -4.36
CA THR A 17 -2.01 16.00 -5.71
C THR A 17 -2.84 14.75 -5.74
N GLY A 18 -3.29 14.37 -4.53
CA GLY A 18 -4.03 13.15 -4.30
C GLY A 18 -3.64 12.07 -5.27
N LYS A 19 -2.36 12.09 -5.68
CA LYS A 19 -1.86 11.14 -6.63
C LYS A 19 -1.43 9.84 -6.00
N ARG A 20 -1.37 8.82 -6.83
CA ARG A 20 -0.96 7.51 -6.36
C ARG A 20 0.08 6.90 -7.26
N GLN A 21 1.03 6.25 -6.63
CA GLN A 21 2.10 5.59 -7.32
C GLN A 21 2.66 4.48 -6.45
N PHE A 22 3.09 3.38 -7.05
CA PHE A 22 3.68 2.29 -6.27
C PHE A 22 5.16 2.61 -5.99
N GLU A 23 5.41 3.90 -5.72
CA GLU A 23 6.75 4.43 -5.50
C GLU A 23 6.76 5.52 -4.47
N ARG A 24 7.97 5.76 -3.97
CA ARG A 24 8.23 6.84 -3.07
C ARG A 24 8.86 7.97 -3.91
N PRO A 25 7.96 8.78 -4.48
CA PRO A 25 8.28 9.88 -5.39
C PRO A 25 9.41 10.77 -4.98
N SER A 26 10.04 11.30 -6.00
CA SER A 26 11.17 12.16 -5.83
C SER A 26 10.78 13.50 -5.27
N ASP A 27 11.78 14.06 -4.66
CA ASP A 27 11.70 15.31 -3.98
C ASP A 27 12.17 16.48 -4.85
N LYS B 1 11.56 11.49 4.15
CA LYS B 1 10.88 10.70 3.09
C LYS B 1 10.32 11.61 1.99
N LEU B 2 9.72 10.98 0.97
CA LEU B 2 9.14 11.68 -0.17
C LEU B 2 8.39 12.98 0.17
N PRO B 3 8.15 13.76 -0.88
CA PRO B 3 7.48 15.07 -0.90
C PRO B 3 6.21 15.16 -0.09
N PRO B 4 5.80 16.42 0.17
CA PRO B 4 4.60 16.75 0.91
C PRO B 4 3.36 16.11 0.39
N GLY B 5 2.44 15.91 1.30
CA GLY B 5 1.20 15.28 0.98
C GLY B 5 1.33 13.78 0.74
N TRP B 6 2.54 13.30 0.41
CA TRP B 6 2.78 11.90 0.15
C TRP B 6 2.81 11.10 1.42
N GLU B 7 2.28 9.90 1.34
CA GLU B 7 2.32 8.99 2.46
C GLU B 7 2.21 7.56 1.98
N LYS B 8 3.35 6.89 2.00
CA LYS B 8 3.44 5.50 1.57
C LYS B 8 2.24 4.70 2.12
N ARG B 9 1.57 3.92 1.28
CA ARG B 9 0.42 3.14 1.72
C ARG B 9 0.57 1.67 1.34
N CYS B 10 1.06 0.86 2.27
CA CYS B 10 1.23 -0.58 2.02
C CYS B 10 0.17 -1.41 2.72
N PHE B 11 -0.89 -1.73 1.97
CA PHE B 11 -1.98 -2.54 2.49
C PHE B 11 -1.92 -3.94 1.89
N TYR B 12 -2.19 -4.95 2.70
CA TYR B 12 -2.21 -6.32 2.21
C TYR B 12 -3.59 -6.60 1.64
N PHE B 13 -3.66 -7.36 0.57
CA PHE B 13 -4.95 -7.69 -0.02
C PHE B 13 -5.12 -9.19 -0.07
N ASN B 14 -6.12 -9.67 0.63
CA ASN B 14 -6.39 -11.08 0.62
C ASN B 14 -7.44 -11.35 -0.41
N ARG B 15 -7.04 -11.46 -1.66
CA ARG B 15 -7.99 -11.68 -2.75
C ARG B 15 -8.99 -12.81 -2.45
N ILE B 16 -8.72 -13.66 -1.44
CA ILE B 16 -9.66 -14.66 -1.05
C ILE B 16 -10.88 -13.96 -0.49
N THR B 17 -10.57 -13.11 0.46
CA THR B 17 -11.55 -12.28 1.11
C THR B 17 -11.58 -10.94 0.43
N GLY B 18 -10.86 -10.89 -0.70
CA GLY B 18 -10.67 -9.68 -1.48
C GLY B 18 -10.74 -8.46 -0.59
N LYS B 19 -10.22 -8.60 0.62
CA LYS B 19 -10.24 -7.52 1.58
C LYS B 19 -8.86 -6.92 1.78
N ARG B 20 -8.81 -5.79 2.43
CA ARG B 20 -7.54 -5.11 2.65
C ARG B 20 -7.28 -4.74 4.09
N GLN B 21 -6.01 -4.79 4.43
CA GLN B 21 -5.56 -4.44 5.76
C GLN B 21 -4.21 -3.75 5.67
N PHE B 22 -3.94 -2.83 6.59
CA PHE B 22 -2.62 -2.16 6.61
C PHE B 22 -1.67 -3.01 7.45
N GLU B 23 -1.79 -4.32 7.26
CA GLU B 23 -1.04 -5.32 7.99
C GLU B 23 -0.52 -6.39 7.12
N ARG B 24 0.52 -7.03 7.64
CA ARG B 24 1.05 -8.19 7.01
C ARG B 24 0.46 -9.38 7.75
N PRO B 25 -0.69 -9.82 7.23
CA PRO B 25 -1.49 -10.91 7.77
C PRO B 25 -0.71 -12.06 8.35
N SER B 26 -1.38 -12.74 9.28
CA SER B 26 -0.84 -13.89 10.03
C SER B 26 0.27 -14.57 9.33
N ASP B 27 0.04 -14.78 8.07
CA ASP B 27 1.02 -15.39 7.20
C ASP B 27 1.25 -16.88 7.49
N LYS A 1 5.52 -16.39 2.89
CA LYS A 1 4.77 -15.16 3.31
C LYS A 1 3.31 -15.47 3.61
N LEU A 2 2.57 -14.43 4.02
CA LEU A 2 1.16 -14.53 4.37
C LEU A 2 0.34 -15.47 3.44
N PRO A 3 -0.85 -15.80 3.97
CA PRO A 3 -1.87 -16.69 3.38
C PRO A 3 -2.23 -16.42 1.94
N PRO A 4 -2.89 -17.40 1.32
CA PRO A 4 -3.35 -17.36 -0.05
C PRO A 4 -4.19 -16.16 -0.36
N GLY A 5 -4.13 -15.78 -1.62
CA GLY A 5 -4.86 -14.64 -2.07
C GLY A 5 -4.22 -13.32 -1.64
N TRP A 6 -3.45 -13.34 -0.54
CA TRP A 6 -2.79 -12.15 -0.05
C TRP A 6 -1.64 -11.74 -0.94
N GLU A 7 -1.40 -10.46 -0.98
CA GLU A 7 -0.28 -9.92 -1.72
C GLU A 7 0.01 -8.51 -1.26
N LYS A 8 1.07 -8.39 -0.48
CA LYS A 8 1.47 -7.10 0.06
C LYS A 8 1.48 -6.05 -1.06
N ARG A 9 0.78 -4.93 -0.84
CA ARG A 9 0.71 -3.86 -1.85
C ARG A 9 0.93 -2.49 -1.19
N CYS A 10 1.67 -1.61 -1.87
CA CYS A 10 1.94 -0.28 -1.32
C CYS A 10 1.94 0.80 -2.40
N PHE A 11 1.02 1.75 -2.25
CA PHE A 11 0.93 2.88 -3.16
C PHE A 11 1.16 4.18 -2.39
N TYR A 12 1.91 5.10 -2.99
CA TYR A 12 2.15 6.39 -2.37
C TYR A 12 1.00 7.32 -2.73
N PHE A 13 0.50 8.07 -1.77
CA PHE A 13 -0.60 9.00 -2.06
C PHE A 13 -0.09 10.40 -1.89
N ASN A 14 -0.18 11.16 -2.96
CA ASN A 14 0.27 12.52 -2.93
C ASN A 14 -0.93 13.40 -2.72
N ARG A 15 -1.45 13.43 -1.49
CA ARG A 15 -2.64 14.22 -1.18
C ARG A 15 -2.62 15.62 -1.81
N ILE A 16 -1.45 16.15 -2.22
CA ILE A 16 -1.40 17.40 -2.89
C ILE A 16 -2.11 17.25 -4.21
N THR A 17 -1.65 16.21 -4.91
CA THR A 17 -2.17 15.82 -6.17
C THR A 17 -3.21 14.75 -5.98
N GLY A 18 -3.52 14.52 -4.68
CA GLY A 18 -4.41 13.47 -4.26
C GLY A 18 -4.38 12.30 -5.21
N LYS A 19 -3.19 12.09 -5.77
CA LYS A 19 -2.97 11.04 -6.73
C LYS A 19 -2.15 9.93 -6.13
N ARG A 20 -2.21 8.76 -6.75
CA ARG A 20 -1.51 7.60 -6.24
C ARG A 20 -0.48 7.01 -7.19
N GLN A 21 0.57 6.50 -6.59
CA GLN A 21 1.66 5.86 -7.28
C GLN A 21 1.94 4.51 -6.64
N PHE A 22 2.66 3.65 -7.34
CA PHE A 22 3.09 2.37 -6.76
C PHE A 22 4.60 2.50 -6.50
N GLU A 23 4.98 3.73 -6.20
CA GLU A 23 6.36 4.14 -5.98
C GLU A 23 6.50 5.17 -4.92
N ARG A 24 7.70 5.18 -4.37
CA ARG A 24 8.11 6.20 -3.44
C ARG A 24 8.59 7.35 -4.31
N PRO A 25 7.76 8.38 -4.36
CA PRO A 25 8.00 9.58 -5.19
C PRO A 25 9.20 10.36 -4.77
N SER A 26 9.75 11.05 -5.75
CA SER A 26 10.90 11.85 -5.54
C SER A 26 10.57 13.12 -4.85
N ASP A 27 11.52 13.45 -4.04
CA ASP A 27 11.52 14.60 -3.20
C ASP A 27 11.19 15.89 -3.95
N LYS B 1 13.12 12.16 3.49
CA LYS B 1 11.70 11.75 3.66
C LYS B 1 10.87 12.11 2.42
N LEU B 2 9.65 11.55 2.34
CA LEU B 2 8.75 11.81 1.23
C LEU B 2 8.52 13.28 0.94
N PRO B 3 8.23 13.56 -0.33
CA PRO B 3 7.88 14.90 -0.82
C PRO B 3 6.54 15.31 -0.27
N PRO B 4 6.27 16.61 -0.27
CA PRO B 4 5.03 17.16 0.23
C PRO B 4 3.80 16.46 -0.26
N GLY B 5 2.84 16.42 0.64
CA GLY B 5 1.58 15.79 0.38
C GLY B 5 1.65 14.27 0.16
N TRP B 6 2.85 13.67 0.15
CA TRP B 6 2.96 12.23 -0.07
C TRP B 6 2.88 11.43 1.22
N GLU B 7 2.41 10.20 1.09
CA GLU B 7 2.32 9.29 2.20
C GLU B 7 2.36 7.85 1.69
N LYS B 8 3.28 7.05 2.23
CA LYS B 8 3.42 5.67 1.82
C LYS B 8 2.35 4.81 2.50
N ARG B 9 1.59 4.06 1.72
CA ARG B 9 0.53 3.21 2.26
C ARG B 9 0.67 1.77 1.74
N CYS B 10 1.19 0.88 2.60
CA CYS B 10 1.39 -0.52 2.20
C CYS B 10 0.36 -1.44 2.85
N PHE B 11 -0.77 -1.63 2.17
CA PHE B 11 -1.82 -2.52 2.66
C PHE B 11 -1.78 -3.87 1.94
N TYR B 12 -1.91 -4.94 2.71
CA TYR B 12 -1.95 -6.28 2.14
C TYR B 12 -3.35 -6.52 1.59
N PHE B 13 -3.44 -7.27 0.49
CA PHE B 13 -4.75 -7.57 -0.08
C PHE B 13 -4.87 -9.04 -0.37
N ASN B 14 -5.80 -9.68 0.32
CA ASN B 14 -6.03 -11.09 0.13
C ASN B 14 -7.19 -11.25 -0.82
N ARG B 15 -6.92 -11.22 -2.11
CA ARG B 15 -7.98 -11.31 -3.11
C ARG B 15 -8.93 -12.49 -2.86
N ILE B 16 -8.58 -13.44 -1.96
CA ILE B 16 -9.46 -14.50 -1.63
C ILE B 16 -10.65 -13.94 -0.92
N THR B 17 -10.33 -13.20 0.12
CA THR B 17 -11.28 -12.52 0.93
C THR B 17 -11.27 -11.06 0.57
N GLY B 18 -10.64 -10.81 -0.60
CA GLY B 18 -10.42 -9.47 -1.11
C GLY B 18 -10.27 -8.47 0.01
N LYS B 19 -9.71 -8.93 1.13
CA LYS B 19 -9.54 -8.10 2.29
C LYS B 19 -8.29 -7.26 2.24
N ARG B 20 -8.30 -6.21 3.01
CA ARG B 20 -7.16 -5.32 3.09
C ARG B 20 -6.77 -5.01 4.50
N GLN B 21 -5.46 -5.01 4.72
CA GLN B 21 -4.90 -4.73 6.01
C GLN B 21 -3.50 -4.19 5.84
N PHE B 22 -3.08 -3.25 6.67
CA PHE B 22 -1.71 -2.75 6.59
C PHE B 22 -0.77 -3.74 7.31
N GLU B 23 -1.03 -5.02 7.09
CA GLU B 23 -0.32 -6.10 7.73
C GLU B 23 -0.16 -7.31 6.87
N ARG B 24 0.84 -8.10 7.24
CA ARG B 24 1.05 -9.38 6.66
C ARG B 24 0.40 -10.34 7.65
N PRO B 25 -0.80 -10.79 7.27
CA PRO B 25 -1.69 -11.64 8.06
C PRO B 25 -1.03 -12.84 8.71
N SER B 26 -1.65 -13.22 9.82
CA SER B 26 -1.22 -14.33 10.68
C SER B 26 -0.50 -15.41 9.95
N ASP B 27 -1.08 -15.73 8.82
CA ASP B 27 -0.52 -16.74 7.95
C ASP B 27 -0.63 -18.15 8.51
N LYS A 1 5.73 -15.91 3.48
CA LYS A 1 4.84 -14.72 3.65
C LYS A 1 3.37 -15.13 3.81
N LEU A 2 2.53 -14.15 4.14
CA LEU A 2 1.10 -14.36 4.35
C LEU A 2 0.42 -15.32 3.31
N PRO A 3 -0.79 -15.73 3.70
CA PRO A 3 -1.72 -16.64 3.00
C PRO A 3 -2.03 -16.29 1.57
N PRO A 4 -2.61 -17.28 0.86
CA PRO A 4 -3.05 -17.15 -0.52
C PRO A 4 -3.98 -16.02 -0.74
N GLY A 5 -3.98 -15.55 -1.96
CA GLY A 5 -4.80 -14.43 -2.31
C GLY A 5 -4.23 -13.11 -1.81
N TRP A 6 -3.47 -13.15 -0.71
CA TRP A 6 -2.87 -11.97 -0.14
C TRP A 6 -1.73 -11.48 -1.01
N GLU A 7 -1.51 -10.19 -0.97
CA GLU A 7 -0.40 -9.58 -1.68
C GLU A 7 -0.15 -8.20 -1.14
N LYS A 8 0.93 -8.08 -0.40
CA LYS A 8 1.31 -6.80 0.21
C LYS A 8 1.28 -5.71 -0.87
N ARG A 9 0.59 -4.59 -0.59
CA ARG A 9 0.50 -3.50 -1.56
C ARG A 9 0.95 -2.17 -0.95
N CYS A 10 2.20 -1.77 -1.24
CA CYS A 10 2.73 -0.51 -0.72
C CYS A 10 2.71 0.59 -1.77
N PHE A 11 1.64 1.39 -1.76
CA PHE A 11 1.50 2.49 -2.70
C PHE A 11 1.69 3.83 -1.98
N TYR A 12 2.42 4.74 -2.62
CA TYR A 12 2.62 6.07 -2.08
C TYR A 12 1.38 6.87 -2.38
N PHE A 13 0.94 7.71 -1.46
CA PHE A 13 -0.24 8.53 -1.71
C PHE A 13 0.13 9.99 -1.61
N ASN A 14 -0.04 10.68 -2.72
CA ASN A 14 0.28 12.07 -2.76
C ASN A 14 -0.97 12.86 -2.46
N ARG A 15 -1.41 12.80 -1.20
CA ARG A 15 -2.65 13.44 -0.75
C ARG A 15 -2.87 14.84 -1.36
N ILE A 16 -1.81 15.54 -1.82
CA ILE A 16 -1.99 16.79 -2.44
C ILE A 16 -2.77 16.59 -3.71
N THR A 17 -2.27 15.64 -4.46
CA THR A 17 -2.84 15.25 -5.71
C THR A 17 -3.60 13.96 -5.52
N GLY A 18 -3.85 13.66 -4.23
CA GLY A 18 -4.47 12.42 -3.80
C GLY A 18 -4.07 11.27 -4.69
N LYS A 19 -2.86 11.41 -5.25
CA LYS A 19 -2.29 10.44 -6.14
C LYS A 19 -1.85 9.18 -5.46
N ARG A 20 -1.65 8.17 -6.27
CA ARG A 20 -1.16 6.90 -5.81
C ARG A 20 -0.24 6.25 -6.80
N GLN A 21 0.84 5.73 -6.27
CA GLN A 21 1.83 5.06 -7.07
C GLN A 21 2.54 4.02 -6.21
N PHE A 22 2.92 2.90 -6.78
CA PHE A 22 3.66 1.88 -6.02
C PHE A 22 5.15 2.28 -5.99
N GLU A 23 5.39 3.58 -5.84
CA GLU A 23 6.71 4.16 -5.87
C GLU A 23 6.87 5.27 -4.89
N ARG A 24 8.12 5.43 -4.48
CA ARG A 24 8.51 6.54 -3.68
C ARG A 24 8.81 7.66 -4.64
N PRO A 25 7.89 8.61 -4.69
CA PRO A 25 7.93 9.76 -5.60
C PRO A 25 9.05 10.71 -5.32
N SER A 26 9.45 11.40 -6.37
CA SER A 26 10.50 12.34 -6.28
C SER A 26 10.06 13.60 -5.61
N ASP A 27 11.02 14.07 -4.89
CA ASP A 27 10.94 15.25 -4.08
C ASP A 27 10.37 16.45 -4.85
N LYS B 1 13.51 13.19 2.26
CA LYS B 1 12.18 12.59 2.59
C LYS B 1 11.18 12.83 1.46
N LEU B 2 10.02 12.18 1.56
CA LEU B 2 8.96 12.30 0.57
C LEU B 2 8.57 13.74 0.27
N PRO B 3 8.10 13.95 -0.97
CA PRO B 3 7.57 15.23 -1.44
C PRO B 3 6.27 15.54 -0.74
N PRO B 4 5.89 16.80 -0.70
CA PRO B 4 4.68 17.25 -0.07
C PRO B 4 3.46 16.45 -0.45
N GLY B 5 2.64 16.26 0.54
CA GLY B 5 1.43 15.51 0.37
C GLY B 5 1.63 14.00 0.22
N TRP B 6 2.87 13.53 -0.02
CA TRP B 6 3.12 12.11 -0.19
C TRP B 6 3.27 11.39 1.13
N GLU B 7 2.81 10.16 1.17
CA GLU B 7 2.94 9.32 2.33
C GLU B 7 2.97 7.85 1.90
N LYS B 8 4.03 7.15 2.30
CA LYS B 8 4.17 5.75 1.92
C LYS B 8 3.20 4.89 2.74
N ARG B 9 2.25 4.28 2.05
CA ARG B 9 1.24 3.44 2.69
C ARG B 9 1.25 2.04 2.08
N CYS B 10 0.99 1.02 2.90
CA CYS B 10 0.99 -0.35 2.40
C CYS B 10 -0.06 -1.23 3.06
N PHE B 11 -1.12 -1.55 2.31
CA PHE B 11 -2.16 -2.42 2.80
C PHE B 11 -2.10 -3.77 2.06
N TYR B 12 -2.12 -4.85 2.81
CA TYR B 12 -2.12 -6.18 2.22
C TYR B 12 -3.48 -6.44 1.63
N PHE B 13 -3.56 -7.11 0.49
CA PHE B 13 -4.86 -7.39 -0.12
C PHE B 13 -4.99 -8.87 -0.36
N ASN B 14 -5.97 -9.46 0.29
CA ASN B 14 -6.23 -10.87 0.12
C ASN B 14 -7.28 -11.01 -0.97
N ARG B 15 -6.86 -10.87 -2.22
CA ARG B 15 -7.78 -10.93 -3.36
C ARG B 15 -8.80 -12.08 -3.28
N ILE B 16 -8.53 -13.14 -2.49
CA ILE B 16 -9.49 -14.18 -2.36
C ILE B 16 -10.69 -13.64 -1.64
N THR B 17 -10.38 -13.02 -0.53
CA THR B 17 -11.35 -12.41 0.32
C THR B 17 -11.36 -10.92 0.10
N GLY B 18 -10.74 -10.55 -1.04
CA GLY B 18 -10.52 -9.15 -1.40
C GLY B 18 -10.29 -8.29 -0.17
N LYS B 19 -9.74 -8.95 0.86
CA LYS B 19 -9.47 -8.30 2.13
C LYS B 19 -8.34 -7.31 2.05
N ARG B 20 -8.35 -6.41 3.01
CA ARG B 20 -7.32 -5.41 3.12
C ARG B 20 -6.94 -5.13 4.55
N GLN B 21 -5.65 -5.08 4.78
CA GLN B 21 -5.11 -4.81 6.08
C GLN B 21 -3.71 -4.24 5.94
N PHE B 22 -3.33 -3.30 6.79
CA PHE B 22 -1.98 -2.76 6.72
C PHE B 22 -1.02 -3.73 7.42
N GLU B 23 -1.25 -5.02 7.17
CA GLU B 23 -0.50 -6.11 7.79
C GLU B 23 -0.34 -7.30 6.91
N ARG B 24 0.68 -8.07 7.25
CA ARG B 24 0.90 -9.35 6.66
C ARG B 24 0.23 -10.32 7.64
N PRO B 25 -0.95 -10.77 7.24
CA PRO B 25 -1.86 -11.62 8.04
C PRO B 25 -1.22 -12.84 8.67
N SER B 26 -1.73 -13.11 9.86
CA SER B 26 -1.32 -14.22 10.70
C SER B 26 -1.24 -15.49 9.95
N ASP B 27 -2.17 -15.61 9.06
CA ASP B 27 -2.28 -16.77 8.20
C ASP B 27 -2.87 -17.99 8.92
N LYS A 1 6.09 -15.29 2.23
CA LYS A 1 5.23 -14.21 2.81
C LYS A 1 3.82 -14.72 3.09
N LEU A 2 2.97 -13.82 3.60
CA LEU A 2 1.60 -14.10 3.96
C LEU A 2 0.86 -15.06 2.99
N PRO A 3 -0.28 -15.56 3.50
CA PRO A 3 -1.22 -16.51 2.86
C PRO A 3 -1.61 -16.19 1.44
N PRO A 4 -2.18 -17.21 0.77
CA PRO A 4 -2.67 -17.12 -0.59
C PRO A 4 -3.63 -16.01 -0.81
N GLY A 5 -3.62 -15.55 -2.04
CA GLY A 5 -4.47 -14.47 -2.42
C GLY A 5 -3.99 -13.12 -1.90
N TRP A 6 -3.19 -13.13 -0.82
CA TRP A 6 -2.68 -11.90 -0.23
C TRP A 6 -1.59 -11.31 -1.08
N GLU A 7 -1.60 -10.01 -1.19
CA GLU A 7 -0.56 -9.30 -1.91
C GLU A 7 -0.38 -7.93 -1.33
N LYS A 8 0.71 -7.77 -0.61
CA LYS A 8 1.04 -6.50 0.03
C LYS A 8 0.87 -5.36 -0.99
N ARG A 9 0.17 -4.30 -0.61
CA ARG A 9 -0.06 -3.17 -1.52
C ARG A 9 0.39 -1.85 -0.89
N CYS A 10 1.67 -1.51 -1.08
CA CYS A 10 2.21 -0.26 -0.53
C CYS A 10 2.24 0.84 -1.59
N PHE A 11 1.16 1.63 -1.63
CA PHE A 11 1.07 2.73 -2.58
C PHE A 11 1.32 4.07 -1.89
N TYR A 12 2.02 4.96 -2.58
CA TYR A 12 2.29 6.28 -2.05
C TYR A 12 1.13 7.19 -2.43
N PHE A 13 0.71 8.07 -1.53
CA PHE A 13 -0.38 8.99 -1.84
C PHE A 13 0.09 10.40 -1.71
N ASN A 14 0.00 11.14 -2.80
CA ASN A 14 0.40 12.50 -2.79
C ASN A 14 -0.83 13.35 -2.61
N ARG A 15 -1.29 13.50 -1.38
CA ARG A 15 -2.50 14.27 -1.11
C ARG A 15 -2.50 15.63 -1.83
N ILE A 16 -1.33 16.10 -2.33
CA ILE A 16 -1.28 17.30 -3.08
C ILE A 16 -2.04 17.09 -4.36
N THR A 17 -1.62 16.04 -5.03
CA THR A 17 -2.23 15.60 -6.25
C THR A 17 -3.20 14.48 -5.94
N GLY A 18 -3.46 14.34 -4.62
CA GLY A 18 -4.28 13.30 -4.07
C GLY A 18 -4.29 12.07 -4.93
N LYS A 19 -3.13 11.79 -5.55
CA LYS A 19 -3.03 10.64 -6.42
C LYS A 19 -2.18 9.55 -5.79
N ARG A 20 -2.21 8.37 -6.39
CA ARG A 20 -1.49 7.25 -5.83
C ARG A 20 -0.49 6.60 -6.78
N GLN A 21 0.58 6.14 -6.18
CA GLN A 21 1.66 5.46 -6.87
C GLN A 21 1.95 4.14 -6.18
N PHE A 22 2.66 3.25 -6.85
CA PHE A 22 3.10 2.00 -6.22
C PHE A 22 4.60 2.11 -5.98
N GLU A 23 5.01 3.36 -5.74
CA GLU A 23 6.39 3.76 -5.56
C GLU A 23 6.56 4.88 -4.60
N ARG A 24 7.78 4.94 -4.07
CA ARG A 24 8.21 6.04 -3.25
C ARG A 24 8.66 7.10 -4.22
N PRO A 25 7.82 8.12 -4.34
CA PRO A 25 8.03 9.25 -5.28
C PRO A 25 9.24 10.06 -4.97
N SER A 26 9.75 10.67 -6.02
CA SER A 26 10.91 11.48 -5.92
C SER A 26 10.62 12.78 -5.26
N ASP A 27 11.61 13.14 -4.52
CA ASP A 27 11.65 14.33 -3.73
C ASP A 27 11.28 15.59 -4.53
N LYS B 1 13.56 12.24 2.96
CA LYS B 1 12.14 11.85 3.21
C LYS B 1 11.25 12.16 2.02
N LEU B 2 10.02 11.66 2.05
CA LEU B 2 9.05 11.85 0.98
C LEU B 2 8.83 13.31 0.61
N PRO B 3 8.48 13.52 -0.67
CA PRO B 3 8.14 14.81 -1.24
C PRO B 3 6.82 15.29 -0.68
N PRO B 4 6.55 16.58 -0.78
CA PRO B 4 5.33 17.19 -0.28
C PRO B 4 4.08 16.46 -0.65
N GLY B 5 3.16 16.50 0.30
CA GLY B 5 1.89 15.85 0.15
C GLY B 5 1.94 14.32 0.05
N TRP B 6 3.14 13.72 0.00
CA TRP B 6 3.25 12.27 -0.11
C TRP B 6 3.25 11.58 1.24
N GLU B 7 2.63 10.41 1.26
CA GLU B 7 2.59 9.58 2.45
C GLU B 7 2.52 8.12 2.03
N LYS B 8 3.47 7.33 2.51
CA LYS B 8 3.53 5.92 2.16
C LYS B 8 2.44 5.15 2.92
N ARG B 9 1.56 4.48 2.18
CA ARG B 9 0.48 3.70 2.76
C ARG B 9 0.45 2.30 2.16
N CYS B 10 0.37 1.27 3.00
CA CYS B 10 0.37 -0.10 2.49
C CYS B 10 -0.67 -1.01 3.15
N PHE B 11 -1.62 -1.47 2.34
CA PHE B 11 -2.64 -2.40 2.82
C PHE B 11 -2.50 -3.72 2.05
N TYR B 12 -2.51 -4.82 2.78
CA TYR B 12 -2.43 -6.14 2.17
C TYR B 12 -3.80 -6.49 1.63
N PHE B 13 -3.86 -7.17 0.49
CA PHE B 13 -5.15 -7.59 -0.08
C PHE B 13 -5.12 -9.06 -0.41
N ASN B 14 -5.95 -9.82 0.28
CA ASN B 14 -6.05 -11.23 0.03
C ASN B 14 -7.18 -11.47 -0.92
N ARG B 15 -6.93 -11.30 -2.20
CA ARG B 15 -7.96 -11.47 -3.21
C ARG B 15 -8.80 -12.75 -3.01
N ILE B 16 -8.32 -13.72 -2.21
CA ILE B 16 -9.09 -14.88 -1.94
C ILE B 16 -10.31 -14.48 -1.16
N THR B 17 -10.03 -13.77 -0.08
CA THR B 17 -11.03 -13.25 0.79
C THR B 17 -11.19 -11.77 0.52
N GLY B 18 -10.63 -11.39 -0.66
CA GLY B 18 -10.58 -10.01 -1.10
C GLY B 18 -10.53 -9.05 0.06
N LYS B 19 -9.90 -9.49 1.15
CA LYS B 19 -9.81 -8.70 2.34
C LYS B 19 -8.65 -7.74 2.30
N ARG B 20 -8.74 -6.73 3.15
CA ARG B 20 -7.69 -5.74 3.24
C ARG B 20 -7.30 -5.45 4.66
N GLN B 21 -6.01 -5.29 4.84
CA GLN B 21 -5.45 -5.00 6.14
C GLN B 21 -4.12 -4.31 5.96
N PHE B 22 -3.78 -3.38 6.83
CA PHE B 22 -2.47 -2.72 6.72
C PHE B 22 -1.41 -3.62 7.36
N GLU B 23 -1.54 -4.93 7.10
CA GLU B 23 -0.69 -5.94 7.67
C GLU B 23 -0.43 -7.10 6.77
N ARG B 24 0.66 -7.77 7.07
CA ARG B 24 1.00 -9.01 6.46
C ARG B 24 0.47 -10.06 7.45
N PRO B 25 -0.68 -10.63 7.08
CA PRO B 25 -1.45 -11.57 7.89
C PRO B 25 -0.66 -12.71 8.48
N SER B 26 -1.10 -13.06 9.68
CA SER B 26 -0.53 -14.11 10.50
C SER B 26 -0.45 -15.40 9.77
N ASP B 27 -1.43 -15.59 8.94
CA ASP B 27 -1.52 -16.77 8.12
C ASP B 27 -1.99 -18.00 8.90
N LYS A 1 6.45 -16.45 3.96
CA LYS A 1 5.78 -15.54 2.98
C LYS A 1 4.29 -15.39 3.30
N LEU A 2 3.63 -14.43 2.64
CA LEU A 2 2.23 -14.18 2.84
C LEU A 2 1.34 -15.41 2.72
N PRO A 3 0.22 -15.38 3.45
CA PRO A 3 -0.81 -16.40 3.41
C PRO A 3 -1.52 -16.37 2.08
N PRO A 4 -2.18 -17.46 1.74
CA PRO A 4 -2.91 -17.58 0.50
C PRO A 4 -3.81 -16.43 0.18
N GLY A 5 -3.85 -16.15 -1.09
CA GLY A 5 -4.64 -15.06 -1.60
C GLY A 5 -4.15 -13.66 -1.21
N TRP A 6 -3.16 -13.55 -0.32
CA TRP A 6 -2.67 -12.25 0.12
C TRP A 6 -1.60 -11.69 -0.80
N GLU A 7 -1.62 -10.38 -0.94
CA GLU A 7 -0.62 -9.67 -1.73
C GLU A 7 -0.41 -8.28 -1.14
N LYS A 8 0.85 -7.98 -0.81
CA LYS A 8 1.19 -6.69 -0.22
C LYS A 8 1.15 -5.60 -1.31
N ARG A 9 0.42 -4.53 -1.06
CA ARG A 9 0.32 -3.42 -2.01
C ARG A 9 0.63 -2.10 -1.34
N CYS A 10 1.86 -1.62 -1.52
CA CYS A 10 2.29 -0.35 -0.91
C CYS A 10 2.29 0.78 -1.92
N PHE A 11 1.24 1.60 -1.87
CA PHE A 11 1.13 2.75 -2.76
C PHE A 11 1.31 4.05 -1.98
N TYR A 12 2.07 4.97 -2.56
CA TYR A 12 2.28 6.27 -1.95
C TYR A 12 1.14 7.17 -2.33
N PHE A 13 0.64 7.97 -1.38
CA PHE A 13 -0.44 8.89 -1.70
C PHE A 13 0.05 10.30 -1.56
N ASN A 14 -0.04 11.04 -2.64
CA ASN A 14 0.40 12.40 -2.64
C ASN A 14 -0.81 13.28 -2.40
N ARG A 15 -1.29 13.30 -1.16
CA ARG A 15 -2.50 14.06 -0.83
C ARG A 15 -2.52 15.47 -1.47
N ILE A 16 -1.36 16.00 -1.90
CA ILE A 16 -1.35 17.25 -2.57
C ILE A 16 -2.06 17.08 -3.89
N THR A 17 -1.59 16.06 -4.58
CA THR A 17 -2.12 15.66 -5.85
C THR A 17 -3.15 14.57 -5.65
N GLY A 18 -3.44 14.32 -4.36
CA GLY A 18 -4.33 13.26 -3.94
C GLY A 18 -4.27 12.10 -4.90
N LYS A 19 -3.08 11.91 -5.46
CA LYS A 19 -2.84 10.86 -6.42
C LYS A 19 -1.99 9.76 -5.80
N ARG A 20 -1.99 8.60 -6.44
CA ARG A 20 -1.28 7.45 -5.90
C ARG A 20 -0.21 6.89 -6.81
N GLN A 21 0.84 6.37 -6.15
CA GLN A 21 1.97 5.75 -6.80
C GLN A 21 2.26 4.42 -6.10
N PHE A 22 3.10 3.59 -6.71
CA PHE A 22 3.52 2.34 -6.07
C PHE A 22 5.01 2.48 -5.75
N GLU A 23 5.37 3.74 -5.45
CA GLU A 23 6.73 4.18 -5.20
C GLU A 23 6.79 5.32 -4.24
N ARG A 24 8.00 5.53 -3.74
CA ARG A 24 8.31 6.67 -2.94
C ARG A 24 8.90 7.70 -3.91
N PRO A 25 8.03 8.59 -4.38
CA PRO A 25 8.29 9.61 -5.41
C PRO A 25 9.69 10.18 -5.40
N SER A 26 10.09 10.57 -6.61
CA SER A 26 11.39 11.13 -6.91
C SER A 26 11.96 11.92 -5.80
N ASP A 27 11.10 12.71 -5.22
CA ASP A 27 11.44 13.53 -4.09
C ASP A 27 12.37 14.69 -4.45
N LYS B 1 12.06 11.86 3.93
CA LYS B 1 11.21 11.03 3.03
C LYS B 1 10.64 11.84 1.88
N LEU B 2 9.96 11.15 0.95
CA LEU B 2 9.36 11.77 -0.22
C LEU B 2 8.67 13.12 0.05
N PRO B 3 8.43 13.82 -1.07
CA PRO B 3 7.81 15.16 -1.18
C PRO B 3 6.56 15.38 -0.36
N PRO B 4 6.21 16.66 -0.20
CA PRO B 4 5.04 17.11 0.52
C PRO B 4 3.78 16.46 0.09
N GLY B 5 2.86 16.39 1.02
CA GLY B 5 1.60 15.77 0.76
C GLY B 5 1.68 14.25 0.61
N TRP B 6 2.89 13.70 0.43
CA TRP B 6 3.05 12.27 0.26
C TRP B 6 3.04 11.55 1.58
N GLU B 7 2.53 10.34 1.54
CA GLU B 7 2.53 9.48 2.70
C GLU B 7 2.32 8.06 2.27
N LYS B 8 3.42 7.32 2.28
CA LYS B 8 3.41 5.92 1.89
C LYS B 8 2.22 5.20 2.53
N ARG B 9 1.46 4.43 1.75
CA ARG B 9 0.30 3.71 2.28
C ARG B 9 0.22 2.30 1.70
N CYS B 10 0.43 1.29 2.54
CA CYS B 10 0.39 -0.10 2.08
C CYS B 10 -0.69 -0.91 2.76
N PHE B 11 -1.52 -1.56 1.93
CA PHE B 11 -2.58 -2.43 2.41
C PHE B 11 -2.41 -3.82 1.79
N TYR B 12 -2.59 -4.85 2.58
CA TYR B 12 -2.50 -6.21 2.08
C TYR B 12 -3.85 -6.58 1.51
N PHE B 13 -3.87 -7.29 0.40
CA PHE B 13 -5.14 -7.70 -0.18
C PHE B 13 -5.23 -9.19 -0.15
N ASN B 14 -6.22 -9.68 0.57
CA ASN B 14 -6.41 -11.09 0.69
C ASN B 14 -7.40 -11.53 -0.35
N ARG B 15 -6.97 -11.54 -1.61
CA ARG B 15 -7.83 -11.89 -2.75
C ARG B 15 -8.76 -13.09 -2.45
N ILE B 16 -8.42 -13.95 -1.47
CA ILE B 16 -9.29 -15.02 -1.11
C ILE B 16 -10.55 -14.42 -0.54
N THR B 17 -10.31 -13.55 0.41
CA THR B 17 -11.32 -12.82 1.09
C THR B 17 -11.51 -11.49 0.40
N GLY B 18 -10.81 -11.35 -0.74
CA GLY B 18 -10.76 -10.12 -1.50
C GLY B 18 -10.92 -8.93 -0.59
N LYS B 19 -10.39 -9.08 0.62
CA LYS B 19 -10.47 -8.06 1.62
C LYS B 19 -9.12 -7.41 1.85
N ARG B 20 -9.15 -6.24 2.44
CA ARG B 20 -7.93 -5.48 2.66
C ARG B 20 -7.67 -5.11 4.10
N GLN B 21 -6.39 -5.01 4.41
CA GLN B 21 -5.93 -4.63 5.73
C GLN B 21 -4.61 -3.87 5.59
N PHE B 22 -4.33 -2.96 6.49
CA PHE B 22 -3.06 -2.23 6.44
C PHE B 22 -1.99 -3.03 7.19
N GLU B 23 -2.05 -4.35 7.01
CA GLU B 23 -1.17 -5.27 7.68
C GLU B 23 -0.74 -6.43 6.85
N ARG B 24 0.44 -6.91 7.22
CA ARG B 24 0.97 -8.12 6.67
C ARG B 24 0.35 -9.23 7.50
N PRO B 25 -0.62 -9.90 6.89
CA PRO B 25 -1.41 -10.95 7.53
C PRO B 25 -0.65 -12.20 7.84
N SER B 26 -1.11 -12.84 8.89
CA SER B 26 -0.52 -14.06 9.34
C SER B 26 -0.78 -15.19 8.42
N ASP B 27 0.26 -15.95 8.35
CA ASP B 27 0.35 -17.13 7.54
C ASP B 27 -0.79 -18.11 7.78
N LYS A 1 5.28 -17.42 5.38
CA LYS A 1 4.87 -16.43 4.33
C LYS A 1 3.38 -16.13 4.39
N LEU A 2 2.94 -15.14 3.62
CA LEU A 2 1.54 -14.74 3.57
C LEU A 2 0.58 -15.87 3.26
N PRO A 3 -0.64 -15.72 3.78
CA PRO A 3 -1.75 -16.65 3.53
C PRO A 3 -2.19 -16.53 2.10
N PRO A 4 -2.85 -17.57 1.60
CA PRO A 4 -3.35 -17.61 0.25
C PRO A 4 -4.10 -16.39 -0.16
N GLY A 5 -3.88 -16.02 -1.39
CA GLY A 5 -4.50 -14.86 -1.95
C GLY A 5 -3.94 -13.53 -1.43
N TRP A 6 -3.17 -13.53 -0.34
CA TRP A 6 -2.62 -12.30 0.22
C TRP A 6 -1.36 -11.87 -0.52
N GLU A 7 -1.23 -10.57 -0.69
CA GLU A 7 -0.05 -10.01 -1.32
C GLU A 7 0.23 -8.63 -0.73
N LYS A 8 1.44 -8.46 -0.21
CA LYS A 8 1.82 -7.19 0.40
C LYS A 8 2.08 -6.15 -0.70
N ARG A 9 1.39 -5.01 -0.63
CA ARG A 9 1.56 -3.95 -1.62
C ARG A 9 1.84 -2.60 -0.94
N CYS A 10 2.61 -1.75 -1.60
CA CYS A 10 2.94 -0.43 -1.05
C CYS A 10 2.71 0.70 -2.05
N PHE A 11 1.64 1.46 -1.84
CA PHE A 11 1.32 2.60 -2.70
C PHE A 11 1.61 3.91 -1.97
N TYR A 12 2.28 4.83 -2.63
CA TYR A 12 2.55 6.14 -2.07
C TYR A 12 1.30 6.97 -2.22
N PHE A 13 0.96 7.78 -1.24
CA PHE A 13 -0.22 8.62 -1.35
C PHE A 13 0.18 10.06 -1.25
N ASN A 14 -0.09 10.79 -2.32
CA ASN A 14 0.26 12.18 -2.36
C ASN A 14 -0.95 12.98 -1.92
N ARG A 15 -1.28 12.87 -0.63
CA ARG A 15 -2.45 13.53 -0.04
C ARG A 15 -2.70 14.95 -0.58
N ILE A 16 -1.67 15.64 -1.10
CA ILE A 16 -1.88 16.92 -1.67
C ILE A 16 -2.78 16.77 -2.87
N THR A 17 -2.36 15.85 -3.69
CA THR A 17 -3.05 15.49 -4.89
C THR A 17 -3.82 14.22 -4.66
N GLY A 18 -3.96 13.90 -3.37
CA GLY A 18 -4.57 12.65 -2.91
C GLY A 18 -4.28 11.52 -3.86
N LYS A 19 -3.13 11.65 -4.53
CA LYS A 19 -2.67 10.69 -5.50
C LYS A 19 -2.19 9.41 -4.90
N ARG A 20 -2.08 8.41 -5.75
CA ARG A 20 -1.58 7.12 -5.37
C ARG A 20 -0.77 6.49 -6.47
N GLN A 21 0.34 5.93 -6.06
CA GLN A 21 1.23 5.26 -6.98
C GLN A 21 1.99 4.19 -6.24
N PHE A 22 2.31 3.08 -6.88
CA PHE A 22 3.10 2.05 -6.23
C PHE A 22 4.58 2.42 -6.33
N GLU A 23 4.85 3.72 -6.17
CA GLU A 23 6.17 4.28 -6.30
C GLU A 23 6.46 5.35 -5.30
N ARG A 24 7.73 5.45 -5.01
CA ARG A 24 8.25 6.51 -4.20
C ARG A 24 8.49 7.67 -5.14
N PRO A 25 7.59 8.65 -5.06
CA PRO A 25 7.58 9.84 -5.92
C PRO A 25 8.73 10.76 -5.71
N SER A 26 9.05 11.46 -6.77
CA SER A 26 10.13 12.39 -6.74
C SER A 26 9.75 13.64 -6.04
N ASP A 27 10.76 14.10 -5.38
CA ASP A 27 10.75 15.29 -4.58
C ASP A 27 10.14 16.50 -5.30
N LYS B 1 13.89 13.02 1.46
CA LYS B 1 12.59 12.47 1.90
C LYS B 1 11.49 12.74 0.88
N LEU B 2 10.34 12.07 1.04
CA LEU B 2 9.21 12.23 0.15
C LEU B 2 8.79 13.68 -0.07
N PRO B 3 8.21 13.93 -1.24
CA PRO B 3 7.65 15.22 -1.62
C PRO B 3 6.42 15.51 -0.79
N PRO B 4 6.06 16.78 -0.69
CA PRO B 4 4.91 17.20 0.08
C PRO B 4 3.67 16.42 -0.19
N GLY B 5 2.94 16.20 0.88
CA GLY B 5 1.72 15.46 0.82
C GLY B 5 1.90 13.96 0.57
N TRP B 6 3.11 13.50 0.20
CA TRP B 6 3.33 12.08 -0.07
C TRP B 6 3.61 11.30 1.19
N GLU B 7 3.07 10.10 1.25
CA GLU B 7 3.30 9.20 2.37
C GLU B 7 3.31 7.77 1.87
N LYS B 8 4.40 7.05 2.14
CA LYS B 8 4.52 5.67 1.71
C LYS B 8 3.62 4.79 2.56
N ARG B 9 2.64 4.15 1.93
CA ARG B 9 1.70 3.27 2.64
C ARG B 9 1.69 1.87 2.03
N CYS B 10 1.36 0.86 2.86
CA CYS B 10 1.32 -0.52 2.36
C CYS B 10 0.11 -1.29 2.89
N PHE B 11 -0.73 -1.75 1.96
CA PHE B 11 -1.90 -2.54 2.31
C PHE B 11 -1.76 -3.95 1.74
N TYR B 12 -2.10 -4.95 2.54
CA TYR B 12 -2.07 -6.33 2.10
C TYR B 12 -3.37 -6.58 1.36
N PHE B 13 -3.33 -7.34 0.28
CA PHE B 13 -4.55 -7.64 -0.46
C PHE B 13 -4.76 -9.13 -0.49
N ASN B 14 -5.85 -9.56 0.10
CA ASN B 14 -6.16 -10.96 0.15
C ASN B 14 -7.07 -11.29 -1.01
N ARG B 15 -6.51 -11.24 -2.22
CA ARG B 15 -7.27 -11.46 -3.46
C ARG B 15 -8.29 -12.60 -3.36
N ILE B 16 -8.14 -13.55 -2.42
CA ILE B 16 -9.10 -14.57 -2.26
C ILE B 16 -10.39 -13.94 -1.80
N THR B 17 -10.22 -13.15 -0.77
CA THR B 17 -11.27 -12.41 -0.16
C THR B 17 -11.21 -10.97 -0.63
N GLY B 18 -10.42 -10.80 -1.71
CA GLY B 18 -10.12 -9.48 -2.27
C GLY B 18 -10.01 -8.43 -1.20
N LYS B 19 -9.65 -8.90 -0.01
CA LYS B 19 -9.53 -8.07 1.17
C LYS B 19 -8.33 -7.16 1.14
N ARG B 20 -8.41 -6.13 1.95
CA ARG B 20 -7.33 -5.20 2.10
C ARG B 20 -7.17 -4.76 3.52
N GLN B 21 -5.94 -4.72 3.94
CA GLN B 21 -5.59 -4.32 5.28
C GLN B 21 -4.19 -3.76 5.28
N PHE B 22 -3.93 -2.76 6.10
CA PHE B 22 -2.58 -2.21 6.18
C PHE B 22 -1.75 -3.11 7.12
N GLU B 23 -1.96 -4.42 6.98
CA GLU B 23 -1.35 -5.42 7.82
C GLU B 23 -0.99 -6.67 7.10
N ARG B 24 0.02 -7.31 7.65
CA ARG B 24 0.41 -8.62 7.22
C ARG B 24 -0.45 -9.54 8.07
N PRO B 25 -1.44 -10.14 7.41
CA PRO B 25 -2.44 -10.99 8.05
C PRO B 25 -1.88 -12.10 8.89
N SER B 26 -2.62 -12.36 9.95
CA SER B 26 -2.31 -13.37 10.95
C SER B 26 -1.80 -14.61 10.32
N ASP B 27 -2.42 -14.92 9.23
CA ASP B 27 -2.04 -16.04 8.42
C ASP B 27 -2.36 -17.40 9.08
#